data_2N83
#
_entry.id   2N83
#
loop_
_entity.id
_entity.type
_entity.pdbx_description
1 polymer 'Tumor necrosis factor receptor superfamily member 16'
2 polymer 'Receptor-interacting serine/threonine-protein kinase 2'
#
loop_
_entity_poly.entity_id
_entity_poly.type
_entity_poly.pdbx_seq_one_letter_code
_entity_poly.pdbx_strand_id
1 'polypeptide(L)'
;KGDGGLYSSLPPAKREEVEKLLNGSAGDTWRHLAGELGYQPEHIDSFTHEACPVRALLASWATQDSATLDALLAALRRIQ
RADLVESLCSESTATSPV
;
A
2 'polypeptide(L)'
;GIAQQWIQSKREDIVNQMTEACLNQSLDALLSRDLIMKEDYELVSTKPTRTSKVRQLLDTTDIQGEEFAKVIVQKLKDNK
QMGLQPYPEILVVSRSPSLNLLQNKS
;
B
#
# COMPACT_ATOMS: atom_id res chain seq x y z
N GLY A 5 -5.87 -9.95 -19.91
CA GLY A 5 -4.48 -9.62 -20.25
C GLY A 5 -3.47 -10.09 -19.22
N LEU A 6 -2.32 -10.59 -19.69
CA LEU A 6 -1.19 -10.99 -18.85
C LEU A 6 -0.17 -9.87 -18.69
N TYR A 7 0.49 -9.81 -17.53
CA TYR A 7 1.56 -8.85 -17.25
C TYR A 7 2.76 -8.99 -18.19
N SER A 8 3.05 -10.20 -18.68
CA SER A 8 4.02 -10.47 -19.74
C SER A 8 3.63 -9.94 -21.13
N SER A 9 2.36 -9.61 -21.36
CA SER A 9 1.88 -8.99 -22.62
C SER A 9 2.12 -7.47 -22.69
N LEU A 10 2.38 -6.81 -21.54
CA LEU A 10 2.70 -5.38 -21.49
C LEU A 10 4.00 -5.02 -22.21
N PRO A 11 4.09 -3.80 -22.80
CA PRO A 11 5.32 -3.30 -23.41
C PRO A 11 6.39 -2.96 -22.36
N PRO A 12 7.68 -2.87 -22.75
CA PRO A 12 8.79 -2.58 -21.83
C PRO A 12 8.65 -1.19 -21.15
N ALA A 13 8.14 -0.20 -21.88
CA ALA A 13 7.90 1.15 -21.39
C ALA A 13 6.85 1.22 -20.26
N LYS A 14 5.82 0.36 -20.29
CA LYS A 14 4.84 0.27 -19.19
C LYS A 14 5.47 -0.31 -17.94
N ARG A 15 6.23 -1.41 -18.05
CA ARG A 15 6.88 -2.06 -16.89
C ARG A 15 7.86 -1.12 -16.18
N GLU A 16 8.58 -0.30 -16.95
CA GLU A 16 9.43 0.79 -16.44
C GLU A 16 8.65 1.81 -15.59
N GLU A 17 7.47 2.26 -16.03
CA GLU A 17 6.61 3.16 -15.22
C GLU A 17 6.19 2.51 -13.90
N VAL A 18 5.83 1.22 -13.89
CA VAL A 18 5.45 0.50 -12.66
C VAL A 18 6.63 0.45 -11.68
N GLU A 19 7.83 0.06 -12.14
CA GLU A 19 9.05 0.08 -11.32
C GLU A 19 9.37 1.49 -10.78
N LYS A 20 9.32 2.53 -11.63
CA LYS A 20 9.57 3.92 -11.20
C LYS A 20 8.59 4.38 -10.13
N LEU A 21 7.30 4.05 -10.26
CA LEU A 21 6.27 4.46 -9.31
C LEU A 21 6.32 3.64 -8.01
N LEU A 22 6.69 2.35 -8.06
CA LEU A 22 7.03 1.57 -6.87
C LEU A 22 8.19 2.23 -6.10
N ASN A 23 9.35 2.35 -6.74
CA ASN A 23 10.60 2.81 -6.12
C ASN A 23 10.57 4.29 -5.71
N GLY A 24 9.70 5.08 -6.36
CA GLY A 24 9.47 6.51 -6.09
C GLY A 24 8.33 6.80 -5.13
N SER A 25 7.56 5.78 -4.72
CA SER A 25 6.54 5.87 -3.68
C SER A 25 7.03 5.27 -2.35
N ALA A 26 7.80 4.17 -2.40
CA ALA A 26 8.30 3.44 -1.22
C ALA A 26 9.40 2.39 -1.55
N GLY A 27 9.82 1.64 -0.52
CA GLY A 27 10.78 0.52 -0.62
C GLY A 27 10.24 -0.83 -0.12
N ASP A 28 9.02 -0.85 0.43
CA ASP A 28 8.35 -2.05 0.94
C ASP A 28 7.13 -2.45 0.08
N THR A 29 6.79 -1.65 -0.94
CA THR A 29 5.61 -1.81 -1.82
C THR A 29 5.47 -3.22 -2.40
N TRP A 30 6.55 -3.70 -3.02
CA TRP A 30 6.66 -5.04 -3.59
C TRP A 30 6.51 -6.12 -2.52
N ARG A 31 7.03 -5.90 -1.30
CA ARG A 31 6.92 -6.84 -0.17
C ARG A 31 5.47 -7.07 0.22
N HIS A 32 4.69 -5.99 0.35
CA HIS A 32 3.28 -6.09 0.67
C HIS A 32 2.55 -6.90 -0.41
N LEU A 33 2.78 -6.57 -1.69
CA LEU A 33 2.22 -7.29 -2.84
C LEU A 33 2.56 -8.78 -2.79
N ALA A 34 3.82 -9.12 -2.60
CA ALA A 34 4.28 -10.51 -2.46
C ALA A 34 3.50 -11.26 -1.36
N GLY A 35 3.37 -10.68 -0.16
CA GLY A 35 2.62 -11.26 0.95
C GLY A 35 1.20 -11.68 0.55
N GLU A 36 0.47 -10.82 -0.16
CA GLU A 36 -0.91 -11.11 -0.59
C GLU A 36 -1.00 -11.94 -1.88
N LEU A 37 0.08 -12.02 -2.67
CA LEU A 37 0.23 -12.95 -3.81
C LEU A 37 0.50 -14.41 -3.39
N GLY A 38 0.89 -14.65 -2.13
CA GLY A 38 1.08 -15.99 -1.56
C GLY A 38 2.40 -16.18 -0.80
N TYR A 39 3.32 -15.20 -0.84
CA TYR A 39 4.54 -15.16 -0.05
C TYR A 39 4.26 -14.81 1.43
N GLN A 40 5.29 -14.60 2.25
CA GLN A 40 5.17 -14.35 3.70
C GLN A 40 6.00 -13.13 4.11
N PRO A 41 5.56 -12.33 5.12
CA PRO A 41 6.21 -11.05 5.46
C PRO A 41 7.66 -11.25 5.92
N GLU A 42 7.91 -12.21 6.82
CA GLU A 42 9.26 -12.55 7.30
C GLU A 42 10.14 -13.23 6.22
N HIS A 43 9.52 -13.86 5.21
CA HIS A 43 10.21 -14.59 4.16
C HIS A 43 10.77 -13.63 3.09
N ILE A 44 10.00 -12.58 2.79
CA ILE A 44 10.44 -11.48 1.91
C ILE A 44 11.61 -10.71 2.54
N ASP A 45 11.70 -10.63 3.88
CA ASP A 45 12.79 -9.94 4.58
C ASP A 45 14.20 -10.41 4.17
N SER A 46 14.36 -11.69 3.82
CA SER A 46 15.59 -12.23 3.21
C SER A 46 15.72 -11.88 1.72
N PHE A 47 14.60 -11.85 0.99
CA PHE A 47 14.51 -11.44 -0.42
C PHE A 47 14.93 -9.97 -0.63
N THR A 48 14.67 -9.06 0.33
CA THR A 48 15.09 -7.64 0.23
C THR A 48 16.60 -7.44 0.12
N HIS A 49 17.39 -8.44 0.55
CA HIS A 49 18.85 -8.43 0.48
C HIS A 49 19.39 -8.75 -0.93
N GLU A 50 18.54 -9.17 -1.88
CA GLU A 50 18.95 -9.46 -3.26
C GLU A 50 19.37 -8.20 -4.05
N ALA A 51 20.08 -8.36 -5.18
CA ALA A 51 20.50 -7.26 -6.04
C ALA A 51 19.38 -6.66 -6.91
N CYS A 52 18.37 -7.46 -7.27
CA CYS A 52 17.22 -7.07 -8.10
C CYS A 52 15.88 -7.52 -7.47
N PRO A 53 15.55 -7.11 -6.24
CA PRO A 53 14.40 -7.63 -5.49
C PRO A 53 13.05 -7.33 -6.16
N VAL A 54 12.86 -6.08 -6.62
CA VAL A 54 11.66 -5.61 -7.31
C VAL A 54 11.44 -6.42 -8.61
N ARG A 55 12.51 -6.57 -9.40
CA ARG A 55 12.49 -7.35 -10.65
C ARG A 55 12.29 -8.85 -10.40
N ALA A 56 12.91 -9.41 -9.36
CA ALA A 56 12.76 -10.80 -8.99
C ALA A 56 11.33 -11.16 -8.59
N LEU A 57 10.63 -10.31 -7.82
CA LEU A 57 9.22 -10.56 -7.48
C LEU A 57 8.36 -10.59 -8.76
N LEU A 58 8.48 -9.56 -9.61
CA LEU A 58 7.75 -9.46 -10.86
C LEU A 58 8.08 -10.65 -11.80
N ALA A 59 9.33 -11.08 -11.88
CA ALA A 59 9.76 -12.25 -12.65
C ALA A 59 9.19 -13.56 -12.09
N SER A 60 9.37 -13.85 -10.80
CA SER A 60 8.87 -15.05 -10.12
C SER A 60 7.34 -15.15 -10.07
N TRP A 61 6.64 -14.02 -10.15
CA TRP A 61 5.18 -13.99 -10.31
C TRP A 61 4.76 -14.12 -11.79
N ALA A 62 5.48 -13.48 -12.73
CA ALA A 62 5.21 -13.61 -14.16
C ALA A 62 5.44 -15.02 -14.73
N THR A 63 6.29 -15.85 -14.11
CA THR A 63 6.40 -17.29 -14.43
C THR A 63 5.19 -18.13 -13.97
N GLN A 64 4.28 -17.59 -13.15
CA GLN A 64 3.03 -18.26 -12.73
C GLN A 64 1.86 -17.99 -13.71
N ASP A 65 0.75 -18.69 -13.52
CA ASP A 65 -0.48 -18.53 -14.33
C ASP A 65 -1.41 -17.41 -13.84
N SER A 66 -1.27 -16.98 -12.57
CA SER A 66 -2.05 -15.88 -11.96
C SER A 66 -1.52 -14.48 -12.30
N ALA A 67 -0.54 -14.35 -13.19
CA ALA A 67 0.09 -13.09 -13.62
C ALA A 67 -0.81 -12.13 -14.43
N THR A 68 -2.14 -12.19 -14.25
CA THR A 68 -3.14 -11.36 -14.95
C THR A 68 -3.27 -9.96 -14.36
N LEU A 69 -3.57 -8.98 -15.22
CA LEU A 69 -3.70 -7.58 -14.82
C LEU A 69 -4.87 -7.32 -13.85
N ASP A 70 -6.01 -7.96 -14.10
CA ASP A 70 -7.19 -7.85 -13.23
C ASP A 70 -6.86 -8.33 -11.79
N ALA A 71 -6.08 -9.41 -11.67
CA ALA A 71 -5.58 -9.90 -10.40
C ALA A 71 -4.51 -8.98 -9.77
N LEU A 72 -3.58 -8.42 -10.56
CA LEU A 72 -2.55 -7.49 -10.06
C LEU A 72 -3.17 -6.23 -9.45
N LEU A 73 -4.11 -5.59 -10.18
CA LEU A 73 -4.83 -4.41 -9.73
C LEU A 73 -5.62 -4.68 -8.44
N ALA A 74 -6.27 -5.85 -8.35
CA ALA A 74 -6.96 -6.28 -7.14
C ALA A 74 -6.00 -6.70 -5.99
N ALA A 75 -4.78 -7.16 -6.28
CA ALA A 75 -3.80 -7.51 -5.27
C ALA A 75 -3.26 -6.28 -4.50
N LEU A 76 -3.22 -5.10 -5.12
CA LEU A 76 -2.98 -3.84 -4.39
C LEU A 76 -4.09 -3.50 -3.39
N ARG A 77 -5.33 -3.90 -3.68
CA ARG A 77 -6.46 -3.68 -2.77
C ARG A 77 -6.34 -4.48 -1.49
N ARG A 78 -5.80 -5.70 -1.56
CA ARG A 78 -5.57 -6.59 -0.42
C ARG A 78 -4.73 -5.93 0.68
N ILE A 79 -3.58 -5.40 0.29
CA ILE A 79 -2.66 -4.68 1.19
C ILE A 79 -3.23 -3.34 1.69
N GLN A 80 -4.23 -2.80 0.97
CA GLN A 80 -4.97 -1.53 1.16
C GLN A 80 -4.34 -0.35 0.40
N ARG A 81 -3.39 -0.61 -0.52
CA ARG A 81 -2.60 0.39 -1.25
C ARG A 81 -3.25 0.77 -2.59
N ALA A 82 -4.50 1.21 -2.55
CA ALA A 82 -5.11 1.84 -3.72
C ALA A 82 -4.34 3.08 -4.20
N ASP A 83 -3.48 3.69 -3.37
CA ASP A 83 -2.56 4.76 -3.78
C ASP A 83 -1.63 4.39 -4.94
N LEU A 84 -1.17 3.14 -5.06
CA LEU A 84 -0.37 2.73 -6.22
C LEU A 84 -1.23 2.69 -7.49
N VAL A 85 -2.42 2.10 -7.36
CA VAL A 85 -3.36 1.91 -8.47
C VAL A 85 -3.89 3.25 -8.97
N GLU A 86 -4.27 4.15 -8.07
CA GLU A 86 -4.76 5.48 -8.42
C GLU A 86 -3.64 6.37 -8.99
N SER A 87 -2.42 6.28 -8.44
CA SER A 87 -1.27 7.01 -8.99
C SER A 87 -1.02 6.60 -10.44
N LEU A 88 -1.04 5.30 -10.74
CA LEU A 88 -0.90 4.82 -12.12
C LEU A 88 -2.08 5.21 -13.03
N CYS A 89 -3.33 5.23 -12.53
CA CYS A 89 -4.48 5.61 -13.35
C CYS A 89 -4.49 7.12 -13.69
N SER A 90 -3.84 7.95 -12.86
CA SER A 90 -3.63 9.39 -13.09
C SER A 90 -2.29 9.74 -13.76
N GLU A 91 -1.30 8.83 -13.76
CA GLU A 91 0.05 9.03 -14.32
C GLU A 91 0.27 8.15 -15.57
N SER A 92 -0.79 7.96 -16.36
CA SER A 92 -0.73 7.25 -17.66
C SER A 92 -0.22 8.15 -18.81
N THR A 93 -0.31 9.47 -18.67
CA THR A 93 0.01 10.47 -19.71
C THR A 93 1.15 11.40 -19.27
N ALA A 94 2.39 11.05 -19.62
CA ALA A 94 3.61 11.81 -19.31
C ALA A 94 4.79 11.42 -20.24
N THR A 95 5.12 12.29 -21.21
CA THR A 95 6.24 12.13 -22.16
C THR A 95 6.64 13.49 -22.79
N SER A 96 7.86 13.58 -23.32
CA SER A 96 8.43 14.78 -23.99
C SER A 96 9.45 14.39 -25.08
N PRO A 97 9.74 15.30 -26.05
CA PRO A 97 10.70 15.04 -27.12
C PRO A 97 12.18 15.07 -26.68
N VAL A 98 12.50 15.81 -25.61
CA VAL A 98 13.84 15.95 -25.00
C VAL A 98 14.36 14.60 -24.47
N ILE B 2 -7.26 9.22 -2.30
CA ILE B 2 -8.39 9.70 -1.47
C ILE B 2 -8.05 9.53 0.01
N ALA B 3 -7.78 8.32 0.50
CA ALA B 3 -7.35 8.13 1.89
C ALA B 3 -5.93 8.67 2.14
N GLN B 4 -5.06 8.64 1.13
CA GLN B 4 -3.73 9.26 1.19
C GLN B 4 -3.80 10.78 1.41
N GLN B 5 -4.77 11.46 0.79
CA GLN B 5 -5.03 12.88 1.04
C GLN B 5 -5.69 13.06 2.41
N TRP B 6 -6.68 12.24 2.75
CA TRP B 6 -7.42 12.35 4.01
C TRP B 6 -6.52 12.22 5.25
N ILE B 7 -5.55 11.30 5.24
CA ILE B 7 -4.61 11.12 6.35
C ILE B 7 -3.71 12.34 6.59
N GLN B 8 -3.59 13.24 5.61
CA GLN B 8 -2.87 14.51 5.73
C GLN B 8 -3.80 15.71 5.98
N SER B 9 -5.12 15.52 5.90
CA SER B 9 -6.13 16.53 6.29
C SER B 9 -6.44 16.48 7.78
N LYS B 10 -6.71 15.28 8.31
CA LYS B 10 -7.14 15.05 9.71
C LYS B 10 -6.08 14.32 10.56
N ARG B 11 -4.79 14.43 10.19
CA ARG B 11 -3.64 13.93 10.97
C ARG B 11 -3.60 14.37 12.43
N GLU B 12 -4.05 15.59 12.72
CA GLU B 12 -4.11 16.10 14.09
C GLU B 12 -5.38 15.65 14.83
N ASP B 13 -6.39 15.13 14.12
CA ASP B 13 -7.61 14.60 14.73
C ASP B 13 -7.46 13.11 15.03
N ILE B 14 -6.95 12.28 14.09
CA ILE B 14 -6.76 10.83 14.32
C ILE B 14 -5.96 10.51 15.59
N VAL B 15 -4.89 11.26 15.89
CA VAL B 15 -4.05 11.03 17.09
C VAL B 15 -4.80 11.40 18.38
N ASN B 16 -5.69 12.41 18.32
CA ASN B 16 -6.51 12.84 19.45
C ASN B 16 -7.75 11.95 19.66
N GLN B 17 -8.30 11.40 18.57
CA GLN B 17 -9.43 10.47 18.59
C GLN B 17 -9.00 9.06 19.02
N MET B 18 -7.95 8.49 18.41
CA MET B 18 -7.38 7.19 18.79
C MET B 18 -6.64 7.29 20.13
N THR B 19 -7.31 6.96 21.25
CA THR B 19 -6.71 6.94 22.60
C THR B 19 -5.49 6.02 22.68
N GLU B 20 -5.68 4.70 22.75
CA GLU B 20 -4.58 3.71 22.80
C GLU B 20 -5.04 2.31 22.38
N ALA B 21 -6.18 1.85 22.91
CA ALA B 21 -6.78 0.58 22.52
C ALA B 21 -7.09 0.48 21.02
N CYS B 22 -7.44 1.62 20.40
CA CYS B 22 -7.66 1.72 18.96
C CYS B 22 -6.39 1.40 18.16
N LEU B 23 -5.22 1.92 18.57
CA LEU B 23 -3.91 1.62 17.96
C LEU B 23 -3.58 0.11 18.00
N ASN B 24 -3.83 -0.57 19.11
CA ASN B 24 -3.55 -2.02 19.22
C ASN B 24 -4.41 -2.83 18.23
N GLN B 25 -5.69 -2.47 18.08
CA GLN B 25 -6.60 -3.09 17.11
C GLN B 25 -6.21 -2.81 15.66
N SER B 26 -5.86 -1.56 15.30
CA SER B 26 -5.36 -1.24 13.96
C SER B 26 -4.09 -2.01 13.64
N LEU B 27 -3.14 -2.09 14.58
CA LEU B 27 -1.90 -2.87 14.44
C LEU B 27 -2.15 -4.36 14.11
N ASP B 28 -3.06 -5.03 14.82
CA ASP B 28 -3.41 -6.43 14.49
C ASP B 28 -3.98 -6.55 13.06
N ALA B 29 -4.83 -5.60 12.67
CA ALA B 29 -5.42 -5.56 11.33
C ALA B 29 -4.40 -5.26 10.23
N LEU B 30 -3.41 -4.40 10.48
CA LEU B 30 -2.28 -4.11 9.57
C LEU B 30 -1.48 -5.37 9.25
N LEU B 31 -1.12 -6.15 10.27
CA LEU B 31 -0.34 -7.38 10.08
C LEU B 31 -1.10 -8.46 9.30
N SER B 32 -2.43 -8.49 9.41
CA SER B 32 -3.32 -9.38 8.64
C SER B 32 -3.22 -9.19 7.11
N ARG B 33 -2.74 -8.02 6.65
CA ARG B 33 -2.60 -7.64 5.23
C ARG B 33 -1.15 -7.73 4.72
N ASP B 34 -0.24 -8.27 5.55
CA ASP B 34 1.21 -8.39 5.33
C ASP B 34 1.93 -7.09 4.88
N LEU B 35 1.37 -5.93 5.23
CA LEU B 35 1.92 -4.61 4.89
C LEU B 35 2.99 -4.12 5.88
N ILE B 36 3.15 -4.75 7.04
CA ILE B 36 4.16 -4.38 8.03
C ILE B 36 4.91 -5.63 8.53
N MET B 37 6.24 -5.55 8.47
CA MET B 37 7.14 -6.62 8.89
C MET B 37 7.34 -6.56 10.40
N LYS B 38 7.54 -7.71 11.06
CA LYS B 38 7.87 -7.78 12.49
C LYS B 38 9.05 -6.87 12.89
N GLU B 39 10.01 -6.68 11.98
CA GLU B 39 11.17 -5.80 12.16
C GLU B 39 10.82 -4.33 12.48
N ASP B 40 9.66 -3.84 12.04
CA ASP B 40 9.19 -2.46 12.26
C ASP B 40 7.89 -2.41 13.09
N TYR B 41 7.08 -3.48 13.05
CA TYR B 41 5.96 -3.70 13.95
C TYR B 41 6.38 -3.81 15.44
N GLU B 42 7.61 -4.20 15.75
CA GLU B 42 8.09 -4.06 17.14
C GLU B 42 8.43 -2.61 17.51
N LEU B 43 8.83 -1.76 16.55
CA LEU B 43 9.19 -0.36 16.80
C LEU B 43 7.95 0.50 17.17
N VAL B 44 6.77 0.17 16.65
CA VAL B 44 5.49 0.81 17.05
C VAL B 44 4.98 0.30 18.40
N SER B 45 5.37 -0.90 18.83
CA SER B 45 4.94 -1.53 20.09
C SER B 45 5.89 -1.27 21.27
N THR B 46 7.07 -0.68 21.07
CA THR B 46 8.01 -0.28 22.16
C THR B 46 7.70 1.10 22.77
N LYS B 47 7.13 2.04 22.00
CA LYS B 47 6.82 3.43 22.39
C LYS B 47 6.20 3.54 23.81
N PRO B 48 6.89 4.11 24.82
CA PRO B 48 6.41 4.12 26.22
C PRO B 48 5.32 5.16 26.50
N THR B 49 4.94 5.98 25.50
CA THR B 49 4.00 7.10 25.59
C THR B 49 2.84 6.89 24.62
N ARG B 50 1.60 6.98 25.13
CA ARG B 50 0.34 6.76 24.37
C ARG B 50 0.30 7.47 23.02
N THR B 51 0.53 8.79 23.01
CA THR B 51 0.58 9.63 21.80
C THR B 51 1.78 9.29 20.90
N SER B 52 2.92 8.95 21.50
CA SER B 52 4.14 8.54 20.78
C SER B 52 3.98 7.19 20.04
N LYS B 53 3.11 6.30 20.52
CA LYS B 53 2.72 5.07 19.78
C LYS B 53 2.16 5.41 18.40
N VAL B 54 1.23 6.38 18.34
CA VAL B 54 0.57 6.83 17.11
C VAL B 54 1.54 7.55 16.16
N ARG B 55 2.60 8.18 16.68
CA ARG B 55 3.69 8.79 15.88
C ARG B 55 4.43 7.78 15.01
N GLN B 56 4.88 6.67 15.58
CA GLN B 56 5.55 5.62 14.79
C GLN B 56 4.59 4.95 13.79
N LEU B 57 3.30 4.80 14.15
CA LEU B 57 2.24 4.38 13.22
C LEU B 57 2.08 5.35 12.03
N LEU B 58 2.19 6.67 12.22
CA LEU B 58 2.13 7.64 11.13
C LEU B 58 3.43 7.64 10.28
N ASP B 59 4.57 7.26 10.85
CA ASP B 59 5.83 7.19 10.11
C ASP B 59 5.82 6.09 9.02
N THR B 60 5.19 4.95 9.28
CA THR B 60 4.95 3.92 8.25
C THR B 60 4.05 4.45 7.12
N THR B 61 3.05 5.29 7.41
CA THR B 61 2.14 5.84 6.37
C THR B 61 2.88 6.56 5.24
N ASP B 62 4.07 7.11 5.50
CA ASP B 62 4.92 7.73 4.48
C ASP B 62 5.23 6.78 3.30
N ILE B 63 5.55 5.52 3.60
CA ILE B 63 5.81 4.49 2.58
C ILE B 63 4.52 3.85 2.07
N GLN B 64 3.50 3.77 2.91
CA GLN B 64 2.29 2.97 2.64
C GLN B 64 1.28 3.75 1.78
N GLY B 65 0.99 5.00 2.16
CA GLY B 65 0.10 5.89 1.44
C GLY B 65 -1.36 5.75 1.86
N GLU B 66 -2.09 4.78 1.29
CA GLU B 66 -3.52 4.55 1.58
C GLU B 66 -3.71 3.41 2.63
N GLU B 67 -2.68 2.62 2.92
CA GLU B 67 -2.81 1.39 3.73
C GLU B 67 -2.87 1.69 5.24
N PHE B 68 -1.77 2.19 5.80
CA PHE B 68 -1.68 2.67 7.18
C PHE B 68 -2.60 3.88 7.41
N ALA B 69 -3.04 4.56 6.35
CA ALA B 69 -4.06 5.59 6.41
C ALA B 69 -5.46 5.03 6.66
N LYS B 70 -5.98 4.16 5.77
CA LYS B 70 -7.34 3.61 5.91
C LYS B 70 -7.52 2.79 7.15
N VAL B 71 -6.50 2.08 7.61
CA VAL B 71 -6.60 1.32 8.85
C VAL B 71 -7.09 2.21 10.00
N ILE B 72 -6.68 3.48 10.08
CA ILE B 72 -7.12 4.43 11.11
C ILE B 72 -8.60 4.74 10.91
N VAL B 73 -8.97 5.19 9.72
CA VAL B 73 -10.37 5.56 9.36
C VAL B 73 -11.34 4.39 9.58
N GLN B 74 -10.90 3.17 9.30
CA GLN B 74 -11.69 1.95 9.41
C GLN B 74 -11.73 1.42 10.85
N LYS B 75 -10.74 1.72 11.70
CA LYS B 75 -10.80 1.39 13.14
C LYS B 75 -11.77 2.30 13.87
N LEU B 76 -11.65 3.62 13.67
CA LEU B 76 -12.50 4.63 14.27
C LEU B 76 -13.99 4.46 13.93
N LYS B 77 -14.30 3.89 12.77
CA LYS B 77 -15.68 3.49 12.37
C LYS B 77 -16.35 2.52 13.34
N ASP B 78 -15.61 1.54 13.85
CA ASP B 78 -16.12 0.57 14.83
C ASP B 78 -16.41 1.22 16.20
N ASN B 79 -15.66 2.26 16.56
CA ASN B 79 -15.83 3.01 17.81
C ASN B 79 -16.78 4.22 17.69
N LYS B 80 -17.16 4.61 16.47
CA LYS B 80 -18.14 5.67 16.10
C LYS B 80 -18.05 6.92 17.01
N GLN B 81 -16.87 7.53 17.03
CA GLN B 81 -16.53 8.67 17.91
C GLN B 81 -17.12 10.03 17.45
N MET B 82 -17.74 10.08 16.27
CA MET B 82 -18.31 11.28 15.61
C MET B 82 -17.33 12.44 15.31
N GLY B 83 -16.02 12.28 15.60
CA GLY B 83 -14.99 13.29 15.30
C GLY B 83 -14.58 13.34 13.82
N LEU B 84 -14.86 12.28 13.06
CA LEU B 84 -14.33 12.05 11.69
C LEU B 84 -15.34 11.29 10.79
N GLN B 85 -16.64 11.42 11.06
CA GLN B 85 -17.76 10.97 10.18
C GLN B 85 -17.50 11.01 8.65
N PRO B 86 -16.95 12.10 8.08
CA PRO B 86 -16.52 12.14 6.68
C PRO B 86 -15.20 11.36 6.44
N TYR B 87 -15.26 10.03 6.54
CA TYR B 87 -14.17 9.12 6.20
C TYR B 87 -13.90 9.07 4.68
N PRO B 88 -12.68 8.72 4.23
CA PRO B 88 -12.33 8.59 2.81
C PRO B 88 -12.90 7.30 2.18
N GLU B 89 -12.62 7.10 0.89
CA GLU B 89 -12.96 5.89 0.15
C GLU B 89 -12.27 4.62 0.69
N ILE B 90 -12.79 3.45 0.30
CA ILE B 90 -12.21 2.13 0.61
C ILE B 90 -12.31 1.24 -0.64
N LEU B 91 -11.25 1.25 -1.46
CA LEU B 91 -10.98 0.25 -2.52
C LEU B 91 -11.99 0.26 -3.67
N VAL B 92 -12.12 1.41 -4.34
CA VAL B 92 -13.12 1.64 -5.39
C VAL B 92 -12.67 1.22 -6.81
N VAL B 93 -11.47 0.65 -6.96
CA VAL B 93 -10.94 0.26 -8.29
C VAL B 93 -11.37 -1.15 -8.71
N SER B 94 -11.81 -1.28 -9.96
CA SER B 94 -12.20 -2.56 -10.56
C SER B 94 -11.20 -3.01 -11.65
N ARG B 95 -10.91 -2.12 -12.62
CA ARG B 95 -9.98 -2.39 -13.74
C ARG B 95 -9.50 -1.11 -14.46
N SER B 96 -9.24 -0.04 -13.71
CA SER B 96 -8.80 1.25 -14.25
C SER B 96 -7.55 1.17 -15.14
N PRO B 97 -7.30 2.16 -16.04
CA PRO B 97 -6.15 2.22 -16.94
C PRO B 97 -4.83 2.59 -16.24
N SER B 98 -4.47 1.82 -15.22
CA SER B 98 -3.29 2.00 -14.37
C SER B 98 -2.17 1.05 -14.78
N LEU B 99 -2.40 -0.27 -14.65
CA LEU B 99 -1.43 -1.29 -15.07
C LEU B 99 -1.79 -1.89 -16.43
N ASN B 100 -3.06 -1.84 -16.84
CA ASN B 100 -3.59 -2.45 -18.08
C ASN B 100 -2.82 -2.07 -19.36
N LEU B 101 -2.71 -3.03 -20.30
CA LEU B 101 -2.11 -2.84 -21.63
C LEU B 101 -3.03 -2.09 -22.61
N LEU B 102 -2.44 -1.57 -23.68
CA LEU B 102 -3.14 -0.91 -24.81
C LEU B 102 -2.25 -0.88 -26.08
N GLN B 103 -0.93 -0.68 -25.90
CA GLN B 103 0.08 -0.69 -26.97
C GLN B 103 0.31 -2.10 -27.55
N ASN B 104 0.92 -2.19 -28.74
CA ASN B 104 1.27 -3.46 -29.40
C ASN B 104 2.42 -3.28 -30.41
N LYS B 105 3.00 -4.39 -30.92
CA LYS B 105 4.06 -4.36 -31.96
C LYS B 105 3.59 -3.57 -33.19
N SER B 106 4.45 -2.66 -33.69
CA SER B 106 4.22 -1.73 -34.83
C SER B 106 3.10 -0.71 -34.56
N GLY A 5 -4.59 -8.92 -20.59
CA GLY A 5 -3.58 -7.89 -20.28
C GLY A 5 -2.43 -8.42 -19.43
N LEU A 6 -1.25 -8.64 -20.04
CA LEU A 6 -0.06 -9.18 -19.37
C LEU A 6 0.93 -8.07 -18.96
N TYR A 7 1.55 -8.23 -17.78
CA TYR A 7 2.58 -7.33 -17.27
C TYR A 7 3.82 -7.25 -18.21
N SER A 8 4.22 -8.39 -18.77
CA SER A 8 5.30 -8.47 -19.78
C SER A 8 4.96 -7.81 -21.13
N SER A 9 3.67 -7.77 -21.51
CA SER A 9 3.21 -7.15 -22.77
C SER A 9 3.26 -5.62 -22.77
N LEU A 10 3.43 -4.98 -21.60
CA LEU A 10 3.58 -3.52 -21.50
C LEU A 10 4.83 -2.98 -22.21
N PRO A 11 4.80 -1.70 -22.66
CA PRO A 11 5.94 -1.02 -23.26
C PRO A 11 7.02 -0.65 -22.21
N PRO A 12 8.26 -0.34 -22.65
CA PRO A 12 9.35 0.02 -21.75
C PRO A 12 9.07 1.31 -20.96
N ALA A 13 8.41 2.30 -21.60
CA ALA A 13 8.02 3.56 -20.98
C ALA A 13 7.08 3.39 -19.77
N LYS A 14 6.16 2.41 -19.82
CA LYS A 14 5.28 2.09 -18.69
C LYS A 14 6.05 1.49 -17.53
N ARG A 15 6.92 0.50 -17.80
CA ARG A 15 7.73 -0.17 -16.77
C ARG A 15 8.64 0.82 -16.03
N GLU A 16 9.25 1.75 -16.78
CA GLU A 16 10.05 2.86 -16.25
C GLU A 16 9.25 3.75 -15.28
N GLU A 17 7.99 4.10 -15.58
CA GLU A 17 7.13 4.88 -14.66
C GLU A 17 6.79 4.11 -13.37
N VAL A 18 6.46 2.82 -13.45
CA VAL A 18 6.20 2.00 -12.23
C VAL A 18 7.46 1.92 -11.37
N GLU A 19 8.62 1.68 -11.97
CA GLU A 19 9.92 1.70 -11.28
C GLU A 19 10.21 3.04 -10.61
N LYS A 20 9.93 4.19 -11.26
CA LYS A 20 10.12 5.52 -10.65
C LYS A 20 9.27 5.69 -9.38
N LEU A 21 7.98 5.37 -9.46
CA LEU A 21 7.05 5.51 -8.33
C LEU A 21 7.35 4.51 -7.20
N LEU A 22 7.73 3.28 -7.52
CA LEU A 22 8.23 2.31 -6.54
C LEU A 22 9.54 2.78 -5.91
N ASN A 23 10.62 2.98 -6.68
CA ASN A 23 11.96 3.31 -6.15
C ASN A 23 11.96 4.60 -5.30
N GLY A 24 11.12 5.59 -5.66
CA GLY A 24 10.94 6.82 -4.87
C GLY A 24 10.35 6.59 -3.47
N SER A 25 9.49 5.59 -3.29
CA SER A 25 8.71 5.33 -2.07
C SER A 25 8.43 3.83 -1.83
N ALA A 26 9.45 2.98 -1.91
CA ALA A 26 9.29 1.52 -1.79
C ALA A 26 9.13 1.10 -0.32
N GLY A 27 10.21 1.10 0.48
CA GLY A 27 10.23 0.60 1.86
C GLY A 27 9.57 -0.77 2.02
N ASP A 28 8.31 -0.79 2.48
CA ASP A 28 7.53 -2.00 2.69
C ASP A 28 6.44 -2.26 1.61
N THR A 29 6.22 -1.32 0.68
CA THR A 29 5.18 -1.35 -0.38
C THR A 29 5.18 -2.66 -1.16
N TRP A 30 6.35 -2.97 -1.73
CA TRP A 30 6.60 -4.19 -2.49
C TRP A 30 6.48 -5.44 -1.60
N ARG A 31 6.91 -5.36 -0.33
CA ARG A 31 6.79 -6.44 0.67
C ARG A 31 5.33 -6.82 0.93
N HIS A 32 4.47 -5.83 1.05
CA HIS A 32 3.04 -6.04 1.23
C HIS A 32 2.43 -6.74 0.01
N LEU A 33 2.75 -6.27 -1.22
CA LEU A 33 2.24 -6.85 -2.46
C LEU A 33 2.61 -8.34 -2.59
N ALA A 34 3.86 -8.69 -2.31
CA ALA A 34 4.32 -10.08 -2.26
C ALA A 34 3.47 -10.95 -1.31
N GLY A 35 3.21 -10.49 -0.09
CA GLY A 35 2.38 -11.20 0.89
C GLY A 35 0.99 -11.59 0.37
N GLU A 36 0.34 -10.71 -0.40
CA GLU A 36 -0.97 -10.99 -1.03
C GLU A 36 -0.87 -11.78 -2.34
N LEU A 37 0.30 -11.82 -2.98
CA LEU A 37 0.62 -12.68 -4.13
C LEU A 37 0.93 -14.14 -3.75
N GLY A 38 1.09 -14.45 -2.45
CA GLY A 38 1.31 -15.80 -1.92
C GLY A 38 2.66 -16.02 -1.22
N TYR A 39 3.51 -14.98 -1.17
CA TYR A 39 4.79 -14.98 -0.43
C TYR A 39 4.56 -14.71 1.09
N GLN A 40 5.65 -14.50 1.83
CA GLN A 40 5.66 -14.30 3.29
C GLN A 40 6.35 -12.99 3.68
N PRO A 41 5.85 -12.24 4.68
CA PRO A 41 6.39 -10.92 5.05
C PRO A 41 7.86 -11.03 5.51
N GLU A 42 8.14 -11.92 6.46
CA GLU A 42 9.47 -12.13 7.01
C GLU A 42 10.51 -12.64 5.98
N HIS A 43 10.05 -13.30 4.91
CA HIS A 43 10.90 -13.82 3.84
C HIS A 43 11.42 -12.70 2.93
N ILE A 44 10.58 -11.69 2.67
CA ILE A 44 10.94 -10.53 1.86
C ILE A 44 11.94 -9.61 2.60
N ASP A 45 11.99 -9.69 3.93
CA ASP A 45 12.96 -8.95 4.75
C ASP A 45 14.42 -9.25 4.38
N SER A 46 14.74 -10.51 4.04
CA SER A 46 16.06 -10.88 3.47
C SER A 46 16.15 -10.55 1.97
N PHE A 47 15.04 -10.63 1.24
CA PHE A 47 14.96 -10.30 -0.19
C PHE A 47 15.29 -8.82 -0.46
N THR A 48 14.98 -7.91 0.49
CA THR A 48 15.37 -6.47 0.45
C THR A 48 16.88 -6.26 0.31
N HIS A 49 17.71 -7.23 0.72
CA HIS A 49 19.16 -7.14 0.72
C HIS A 49 19.80 -7.34 -0.67
N GLU A 50 19.02 -7.72 -1.69
CA GLU A 50 19.49 -7.83 -3.07
C GLU A 50 19.80 -6.47 -3.73
N ALA A 51 20.44 -6.46 -4.91
CA ALA A 51 20.74 -5.24 -5.67
C ALA A 51 19.49 -4.59 -6.33
N CYS A 52 18.48 -5.39 -6.66
CA CYS A 52 17.26 -4.97 -7.36
C CYS A 52 16.01 -5.61 -6.70
N PRO A 53 15.71 -5.32 -5.42
CA PRO A 53 14.64 -6.00 -4.68
C PRO A 53 13.24 -5.80 -5.30
N VAL A 54 12.89 -4.53 -5.57
CA VAL A 54 11.67 -4.13 -6.27
C VAL A 54 11.54 -4.84 -7.62
N ARG A 55 12.59 -4.75 -8.45
CA ARG A 55 12.66 -5.35 -9.80
C ARG A 55 12.58 -6.88 -9.78
N ALA A 56 13.21 -7.52 -8.80
CA ALA A 56 13.18 -8.97 -8.60
C ALA A 56 11.78 -9.48 -8.27
N LEU A 57 10.99 -8.77 -7.45
CA LEU A 57 9.61 -9.17 -7.16
C LEU A 57 8.75 -9.18 -8.44
N LEU A 58 8.85 -8.09 -9.22
CA LEU A 58 8.15 -7.94 -10.49
C LEU A 58 8.57 -9.06 -11.47
N ALA A 59 9.86 -9.33 -11.59
CA ALA A 59 10.40 -10.42 -12.41
C ALA A 59 9.94 -11.82 -11.93
N SER A 60 10.00 -12.10 -10.63
CA SER A 60 9.60 -13.38 -10.01
C SER A 60 8.10 -13.64 -10.13
N TRP A 61 7.25 -12.62 -10.02
CA TRP A 61 5.81 -12.76 -10.26
C TRP A 61 5.48 -12.87 -11.75
N ALA A 62 6.18 -12.12 -12.63
CA ALA A 62 6.03 -12.19 -14.09
C ALA A 62 6.34 -13.58 -14.70
N THR A 63 7.01 -14.49 -13.98
CA THR A 63 7.21 -15.88 -14.44
C THR A 63 5.90 -16.68 -14.51
N GLN A 64 4.87 -16.29 -13.76
CA GLN A 64 3.58 -16.99 -13.70
C GLN A 64 2.73 -16.69 -14.95
N ASP A 65 2.22 -17.73 -15.61
CA ASP A 65 1.31 -17.59 -16.76
C ASP A 65 -0.05 -16.91 -16.44
N SER A 66 -0.40 -16.79 -15.16
CA SER A 66 -1.60 -16.09 -14.66
C SER A 66 -1.29 -14.73 -13.99
N ALA A 67 -0.05 -14.23 -14.09
CA ALA A 67 0.36 -12.90 -13.61
C ALA A 67 -0.08 -11.75 -14.55
N THR A 68 -1.39 -11.67 -14.79
CA THR A 68 -2.03 -10.61 -15.58
C THR A 68 -2.24 -9.33 -14.77
N LEU A 69 -2.18 -8.18 -15.45
CA LEU A 69 -2.30 -6.86 -14.84
C LEU A 69 -3.65 -6.64 -14.15
N ASP A 70 -4.73 -7.22 -14.69
CA ASP A 70 -6.06 -7.17 -14.06
C ASP A 70 -6.03 -7.75 -12.62
N ALA A 71 -5.24 -8.80 -12.38
CA ALA A 71 -5.03 -9.36 -11.05
C ALA A 71 -4.05 -8.53 -10.20
N LEU A 72 -2.98 -7.96 -10.79
CA LEU A 72 -2.03 -7.06 -10.09
C LEU A 72 -2.74 -5.84 -9.49
N LEU A 73 -3.61 -5.21 -10.27
CA LEU A 73 -4.42 -4.07 -9.83
C LEU A 73 -5.27 -4.42 -8.61
N ALA A 74 -5.95 -5.57 -8.64
CA ALA A 74 -6.72 -6.06 -7.50
C ALA A 74 -5.83 -6.48 -6.31
N ALA A 75 -4.62 -6.98 -6.54
CA ALA A 75 -3.68 -7.36 -5.48
C ALA A 75 -3.18 -6.16 -4.66
N LEU A 76 -2.98 -4.98 -5.28
CA LEU A 76 -2.72 -3.74 -4.52
C LEU A 76 -3.90 -3.34 -3.62
N ARG A 77 -5.15 -3.66 -3.99
CA ARG A 77 -6.34 -3.36 -3.18
C ARG A 77 -6.39 -4.18 -1.89
N ARG A 78 -5.90 -5.43 -1.93
CA ARG A 78 -5.83 -6.34 -0.76
C ARG A 78 -4.98 -5.77 0.37
N ILE A 79 -3.84 -5.17 0.03
CA ILE A 79 -2.98 -4.42 0.97
C ILE A 79 -3.47 -2.99 1.22
N GLN A 80 -4.72 -2.65 0.88
CA GLN A 80 -5.31 -1.32 1.04
C GLN A 80 -4.58 -0.21 0.23
N ARG A 81 -3.73 -0.53 -0.75
CA ARG A 81 -2.82 0.40 -1.48
C ARG A 81 -3.41 0.93 -2.79
N ALA A 82 -4.66 1.37 -2.76
CA ALA A 82 -5.23 2.09 -3.90
C ALA A 82 -4.48 3.39 -4.26
N ASP A 83 -3.65 3.96 -3.36
CA ASP A 83 -2.79 5.11 -3.69
C ASP A 83 -1.85 4.85 -4.88
N LEU A 84 -1.18 3.70 -4.96
CA LEU A 84 -0.31 3.39 -6.11
C LEU A 84 -1.12 3.28 -7.41
N VAL A 85 -2.26 2.59 -7.33
CA VAL A 85 -3.14 2.37 -8.47
C VAL A 85 -3.68 3.71 -8.98
N GLU A 86 -4.24 4.53 -8.09
CA GLU A 86 -4.80 5.83 -8.47
C GLU A 86 -3.70 6.81 -8.93
N SER A 87 -2.52 6.81 -8.30
CA SER A 87 -1.39 7.62 -8.75
C SER A 87 -1.01 7.29 -10.18
N LEU A 88 -0.82 6.01 -10.53
CA LEU A 88 -0.49 5.62 -11.91
C LEU A 88 -1.67 5.81 -12.88
N CYS A 89 -2.92 5.56 -12.47
CA CYS A 89 -4.11 5.84 -13.29
C CYS A 89 -4.32 7.35 -13.56
N SER A 90 -3.85 8.24 -12.68
CA SER A 90 -3.91 9.71 -12.85
C SER A 90 -2.63 10.33 -13.43
N GLU A 91 -1.51 9.61 -13.43
CA GLU A 91 -0.20 10.05 -13.97
C GLU A 91 0.22 9.28 -15.23
N SER A 92 -0.73 8.59 -15.87
CA SER A 92 -0.56 7.88 -17.16
C SER A 92 -0.01 8.77 -18.29
N THR A 93 -0.36 10.06 -18.26
CA THR A 93 0.00 11.07 -19.27
C THR A 93 0.60 12.30 -18.59
N ALA A 94 1.93 12.36 -18.55
CA ALA A 94 2.72 13.49 -18.05
C ALA A 94 4.13 13.50 -18.68
N THR A 95 4.80 14.66 -18.63
CA THR A 95 6.19 14.84 -19.07
C THR A 95 6.78 16.13 -18.46
N SER A 96 8.10 16.16 -18.23
CA SER A 96 8.84 17.30 -17.66
C SER A 96 10.36 17.10 -17.81
N PRO A 97 11.18 18.18 -17.73
CA PRO A 97 12.64 18.10 -17.80
C PRO A 97 13.30 17.45 -16.57
N VAL A 98 12.58 17.40 -15.42
CA VAL A 98 12.98 16.85 -14.10
C VAL A 98 14.04 17.70 -13.38
N ILE B 2 -7.34 9.13 -2.12
CA ILE B 2 -8.49 9.50 -1.28
C ILE B 2 -8.20 9.27 0.20
N ALA B 3 -7.88 8.04 0.62
CA ALA B 3 -7.42 7.81 2.00
C ALA B 3 -6.02 8.41 2.22
N GLN B 4 -5.18 8.47 1.19
CA GLN B 4 -3.90 9.17 1.24
C GLN B 4 -4.07 10.68 1.48
N GLN B 5 -4.97 11.35 0.75
CA GLN B 5 -5.18 12.79 0.95
C GLN B 5 -5.86 13.07 2.30
N TRP B 6 -6.76 12.18 2.72
CA TRP B 6 -7.47 12.27 3.99
C TRP B 6 -6.53 12.16 5.20
N ILE B 7 -5.57 11.23 5.19
CA ILE B 7 -4.59 11.09 6.28
C ILE B 7 -3.70 12.33 6.42
N GLN B 8 -3.47 13.07 5.34
CA GLN B 8 -2.74 14.34 5.35
C GLN B 8 -3.62 15.56 5.69
N SER B 9 -4.94 15.39 5.83
CA SER B 9 -5.91 16.46 6.12
C SER B 9 -6.35 16.47 7.58
N LYS B 10 -6.59 15.28 8.17
CA LYS B 10 -7.02 15.10 9.57
C LYS B 10 -5.96 14.36 10.40
N ARG B 11 -4.69 14.35 9.97
CA ARG B 11 -3.53 13.81 10.74
C ARG B 11 -3.43 14.33 12.17
N GLU B 12 -3.64 15.63 12.38
CA GLU B 12 -3.60 16.23 13.72
C GLU B 12 -4.89 15.99 14.52
N ASP B 13 -5.93 15.43 13.90
CA ASP B 13 -7.19 15.09 14.55
C ASP B 13 -7.26 13.59 14.89
N ILE B 14 -6.87 12.68 13.99
CA ILE B 14 -6.80 11.22 14.25
C ILE B 14 -6.03 10.91 15.54
N VAL B 15 -4.84 11.50 15.74
CA VAL B 15 -3.97 11.26 16.90
C VAL B 15 -4.62 11.70 18.22
N ASN B 16 -5.47 12.72 18.18
CA ASN B 16 -6.13 13.32 19.35
C ASN B 16 -7.49 12.66 19.63
N GLN B 17 -8.18 12.17 18.60
CA GLN B 17 -9.43 11.41 18.71
C GLN B 17 -9.16 9.96 19.11
N MET B 18 -8.29 9.25 18.40
CA MET B 18 -7.89 7.87 18.71
C MET B 18 -7.00 7.80 19.97
N THR B 19 -6.90 6.62 20.56
CA THR B 19 -6.04 6.33 21.73
C THR B 19 -5.30 5.00 21.55
N GLU B 20 -4.54 4.56 22.56
CA GLU B 20 -3.91 3.23 22.61
C GLU B 20 -4.88 2.07 22.33
N ALA B 21 -6.17 2.23 22.64
CA ALA B 21 -7.21 1.24 22.34
C ALA B 21 -7.42 1.06 20.82
N CYS B 22 -7.54 2.17 20.08
CA CYS B 22 -7.58 2.16 18.62
C CYS B 22 -6.25 1.70 18.02
N LEU B 23 -5.11 2.16 18.56
CA LEU B 23 -3.78 1.80 18.06
C LEU B 23 -3.49 0.29 18.16
N ASN B 24 -3.93 -0.36 19.24
CA ASN B 24 -3.88 -1.82 19.35
C ASN B 24 -4.70 -2.53 18.26
N GLN B 25 -5.95 -2.10 18.04
CA GLN B 25 -6.80 -2.67 16.99
C GLN B 25 -6.23 -2.46 15.58
N SER B 26 -5.64 -1.30 15.28
CA SER B 26 -5.00 -1.07 13.99
C SER B 26 -3.80 -2.00 13.82
N LEU B 27 -2.94 -2.13 14.83
CA LEU B 27 -1.79 -3.03 14.80
C LEU B 27 -2.13 -4.50 14.53
N ASP B 28 -3.17 -5.05 15.16
CA ASP B 28 -3.58 -6.44 14.91
C ASP B 28 -3.97 -6.67 13.44
N ALA B 29 -4.73 -5.73 12.86
CA ALA B 29 -5.16 -5.78 11.48
C ALA B 29 -4.01 -5.50 10.48
N LEU B 30 -3.12 -4.57 10.80
CA LEU B 30 -1.90 -4.27 10.03
C LEU B 30 -1.07 -5.53 9.79
N LEU B 31 -0.93 -6.39 10.80
CA LEU B 31 -0.16 -7.62 10.67
C LEU B 31 -0.90 -8.69 9.85
N SER B 32 -2.19 -8.93 10.16
CA SER B 32 -3.02 -9.94 9.46
C SER B 32 -3.28 -9.63 7.99
N ARG B 33 -3.31 -8.33 7.63
CA ARG B 33 -3.49 -7.81 6.26
C ARG B 33 -2.16 -7.61 5.50
N ASP B 34 -1.02 -7.96 6.11
CA ASP B 34 0.31 -7.82 5.53
C ASP B 34 0.67 -6.34 5.19
N LEU B 35 0.30 -5.39 6.06
CA LEU B 35 0.69 -3.97 6.02
C LEU B 35 1.83 -3.62 6.99
N ILE B 36 2.26 -4.53 7.86
CA ILE B 36 3.41 -4.31 8.72
C ILE B 36 4.19 -5.62 8.93
N MET B 37 5.51 -5.51 8.81
CA MET B 37 6.46 -6.60 9.00
C MET B 37 6.77 -6.76 10.49
N LYS B 38 7.23 -7.94 10.91
CA LYS B 38 7.68 -8.16 12.32
C LYS B 38 8.74 -7.14 12.76
N GLU B 39 9.71 -6.84 11.90
CA GLU B 39 10.79 -5.88 12.20
C GLU B 39 10.26 -4.45 12.44
N ASP B 40 9.22 -4.04 11.70
CA ASP B 40 8.62 -2.71 11.84
C ASP B 40 7.56 -2.67 12.98
N TYR B 41 6.84 -3.78 13.19
CA TYR B 41 5.91 -3.93 14.32
C TYR B 41 6.64 -3.82 15.67
N GLU B 42 7.81 -4.45 15.82
CA GLU B 42 8.62 -4.25 17.03
C GLU B 42 9.00 -2.77 17.25
N LEU B 43 9.22 -2.00 16.16
CA LEU B 43 9.54 -0.56 16.22
C LEU B 43 8.37 0.32 16.71
N VAL B 44 7.11 -0.03 16.43
CA VAL B 44 5.93 0.69 16.97
C VAL B 44 5.53 0.20 18.37
N SER B 45 5.90 -1.02 18.74
CA SER B 45 5.77 -1.53 20.11
C SER B 45 6.66 -0.80 21.15
N THR B 46 7.77 -0.17 20.75
CA THR B 46 8.67 0.59 21.68
C THR B 46 8.14 1.94 22.16
N LYS B 47 6.88 2.27 21.86
CA LYS B 47 6.20 3.51 22.29
C LYS B 47 5.36 3.27 23.56
N PRO B 48 5.84 3.62 24.77
CA PRO B 48 5.07 3.51 26.02
C PRO B 48 4.01 4.61 26.20
N THR B 49 3.95 5.60 25.30
CA THR B 49 3.07 6.79 25.37
C THR B 49 1.98 6.71 24.29
N ARG B 50 0.72 6.94 24.67
CA ARG B 50 -0.47 6.77 23.83
C ARG B 50 -0.40 7.55 22.51
N THR B 51 -0.07 8.84 22.59
CA THR B 51 0.16 9.74 21.45
C THR B 51 1.41 9.38 20.64
N SER B 52 2.48 8.96 21.31
CA SER B 52 3.73 8.54 20.69
C SER B 52 3.59 7.24 19.87
N LYS B 53 2.69 6.33 20.26
CA LYS B 53 2.33 5.14 19.45
C LYS B 53 1.83 5.53 18.07
N VAL B 54 0.93 6.51 18.00
CA VAL B 54 0.37 7.04 16.75
C VAL B 54 1.43 7.71 15.86
N ARG B 55 2.47 8.26 16.49
CA ARG B 55 3.58 8.97 15.84
C ARG B 55 4.45 8.02 14.99
N GLN B 56 4.85 6.87 15.51
CA GLN B 56 5.53 5.83 14.73
C GLN B 56 4.59 5.15 13.73
N LEU B 57 3.29 4.98 14.06
CA LEU B 57 2.28 4.55 13.10
C LEU B 57 2.22 5.45 11.84
N LEU B 58 2.33 6.77 11.98
CA LEU B 58 2.36 7.68 10.83
C LEU B 58 3.66 7.60 10.02
N ASP B 59 4.76 7.10 10.58
CA ASP B 59 6.03 6.96 9.89
C ASP B 59 5.98 5.86 8.80
N THR B 60 5.30 4.74 9.05
CA THR B 60 4.99 3.74 8.03
C THR B 60 4.10 4.32 6.93
N THR B 61 3.06 5.10 7.26
CA THR B 61 2.18 5.75 6.27
C THR B 61 2.93 6.62 5.24
N ASP B 62 4.16 7.06 5.53
CA ASP B 62 5.02 7.77 4.56
C ASP B 62 5.33 6.91 3.32
N ILE B 63 5.55 5.60 3.48
CA ILE B 63 5.75 4.67 2.35
C ILE B 63 4.41 4.13 1.84
N GLN B 64 3.43 3.89 2.74
CA GLN B 64 2.22 3.14 2.39
C GLN B 64 1.09 4.04 1.89
N GLY B 65 0.87 5.18 2.54
CA GLY B 65 -0.22 6.07 2.19
C GLY B 65 -1.60 5.50 2.51
N GLU B 66 -2.39 5.21 1.47
CA GLU B 66 -3.76 4.69 1.59
C GLU B 66 -3.87 3.46 2.51
N GLU B 67 -2.81 2.65 2.64
CA GLU B 67 -2.82 1.42 3.43
C GLU B 67 -2.98 1.67 4.95
N PHE B 68 -1.93 2.24 5.55
CA PHE B 68 -1.93 2.60 6.97
C PHE B 68 -2.97 3.68 7.27
N ALA B 69 -3.28 4.55 6.30
CA ALA B 69 -4.38 5.50 6.42
C ALA B 69 -5.73 4.81 6.64
N LYS B 70 -6.14 3.91 5.74
CA LYS B 70 -7.43 3.21 5.86
C LYS B 70 -7.55 2.36 7.10
N VAL B 71 -6.46 1.77 7.57
CA VAL B 71 -6.43 1.08 8.86
C VAL B 71 -6.99 1.97 9.98
N ILE B 72 -6.66 3.27 10.01
CA ILE B 72 -7.21 4.19 11.01
C ILE B 72 -8.70 4.44 10.75
N VAL B 73 -9.06 4.82 9.52
CA VAL B 73 -10.46 5.13 9.12
C VAL B 73 -11.43 3.96 9.28
N GLN B 74 -10.91 2.73 9.36
CA GLN B 74 -11.69 1.52 9.58
C GLN B 74 -11.75 1.17 11.07
N LYS B 75 -10.71 1.46 11.86
CA LYS B 75 -10.69 1.18 13.31
C LYS B 75 -11.41 2.22 14.16
N LEU B 76 -11.41 3.47 13.70
CA LEU B 76 -12.11 4.59 14.34
C LEU B 76 -13.63 4.32 14.46
N LYS B 77 -14.32 4.07 13.34
CA LYS B 77 -15.74 3.67 13.35
C LYS B 77 -16.02 2.32 14.03
N ASP B 78 -15.06 1.39 14.00
CA ASP B 78 -15.21 0.08 14.66
C ASP B 78 -15.43 0.20 16.18
N ASN B 79 -14.93 1.29 16.80
CA ASN B 79 -15.29 1.68 18.17
C ASN B 79 -16.55 2.56 18.19
N LYS B 80 -16.41 3.89 18.02
CA LYS B 80 -17.46 4.92 18.23
C LYS B 80 -16.98 6.36 17.96
N GLN B 81 -15.96 6.52 17.12
CA GLN B 81 -15.23 7.79 16.94
C GLN B 81 -15.99 8.77 16.01
N MET B 82 -16.77 9.68 16.58
CA MET B 82 -17.63 10.63 15.85
C MET B 82 -16.92 11.90 15.34
N GLY B 83 -15.66 12.13 15.73
CA GLY B 83 -14.83 13.26 15.22
C GLY B 83 -14.46 13.16 13.74
N LEU B 84 -14.71 12.02 13.09
CA LEU B 84 -14.21 11.70 11.76
C LEU B 84 -15.20 10.87 10.92
N GLN B 85 -16.51 10.94 11.24
CA GLN B 85 -17.61 10.39 10.43
C GLN B 85 -17.42 10.48 8.89
N PRO B 86 -16.94 11.59 8.29
CA PRO B 86 -16.55 11.65 6.88
C PRO B 86 -15.22 10.92 6.62
N TYR B 87 -15.23 9.59 6.67
CA TYR B 87 -14.12 8.73 6.26
C TYR B 87 -13.93 8.74 4.72
N PRO B 88 -12.70 8.45 4.22
CA PRO B 88 -12.40 8.36 2.80
C PRO B 88 -12.98 7.08 2.16
N GLU B 89 -12.85 6.99 0.84
CA GLU B 89 -13.27 5.81 0.07
C GLU B 89 -12.44 4.55 0.40
N ILE B 90 -12.93 3.39 -0.03
CA ILE B 90 -12.29 2.09 0.15
C ILE B 90 -12.22 1.37 -1.21
N LEU B 91 -11.10 1.60 -1.91
CA LEU B 91 -10.64 0.79 -3.06
C LEU B 91 -11.43 1.08 -4.35
N VAL B 92 -11.56 2.35 -4.73
CA VAL B 92 -12.45 2.77 -5.84
C VAL B 92 -11.86 2.60 -7.25
N VAL B 93 -10.79 1.82 -7.41
CA VAL B 93 -10.10 1.53 -8.69
C VAL B 93 -11.07 1.31 -9.86
N SER B 94 -11.21 2.33 -10.72
CA SER B 94 -12.05 2.31 -11.92
C SER B 94 -11.45 1.51 -13.08
N ARG B 95 -10.27 0.88 -12.88
CA ARG B 95 -9.53 0.06 -13.86
C ARG B 95 -9.27 0.83 -15.17
N SER B 96 -8.73 2.04 -15.02
CA SER B 96 -8.39 2.93 -16.14
C SER B 96 -7.27 2.37 -17.05
N PRO B 97 -7.22 2.78 -18.32
CA PRO B 97 -6.17 2.42 -19.28
C PRO B 97 -4.82 3.10 -18.96
N SER B 98 -4.11 2.56 -17.95
CA SER B 98 -2.77 3.01 -17.56
C SER B 98 -1.89 1.84 -17.13
N LEU B 99 -2.02 1.35 -15.89
CA LEU B 99 -1.28 0.20 -15.37
C LEU B 99 -1.54 -1.08 -16.19
N ASN B 100 -2.76 -1.26 -16.70
CA ASN B 100 -3.12 -2.41 -17.54
C ASN B 100 -2.58 -2.27 -18.98
N LEU B 101 -2.42 -3.40 -19.68
CA LEU B 101 -2.01 -3.46 -21.10
C LEU B 101 -2.98 -2.65 -21.99
N LEU B 102 -2.46 -1.63 -22.69
CA LEU B 102 -3.26 -0.86 -23.65
C LEU B 102 -2.44 -0.07 -24.70
N GLN B 103 -1.23 -0.55 -25.05
CA GLN B 103 -0.28 0.11 -25.96
C GLN B 103 0.06 1.57 -25.55
N ASN B 104 0.69 1.72 -24.38
CA ASN B 104 1.23 3.00 -23.92
C ASN B 104 2.54 3.42 -24.65
N LYS B 105 3.04 4.62 -24.35
CA LYS B 105 4.36 5.16 -24.74
C LYS B 105 4.73 6.37 -23.85
N SER B 106 5.97 6.86 -23.95
CA SER B 106 6.47 8.11 -23.35
C SER B 106 6.01 9.38 -24.10
N GLY A 5 -2.42 -4.53 -21.12
CA GLY A 5 -2.35 -5.97 -21.37
C GLY A 5 -1.97 -6.81 -20.14
N LEU A 6 -1.53 -8.04 -20.39
CA LEU A 6 -0.72 -8.83 -19.46
C LEU A 6 0.54 -8.05 -19.05
N TYR A 7 1.05 -8.22 -17.82
CA TYR A 7 2.20 -7.47 -17.33
C TYR A 7 3.47 -7.67 -18.18
N SER A 8 3.65 -8.86 -18.73
CA SER A 8 4.70 -9.17 -19.72
C SER A 8 4.40 -8.57 -21.12
N SER A 9 3.14 -8.46 -21.50
CA SER A 9 2.68 -7.87 -22.78
C SER A 9 2.82 -6.35 -22.86
N LEU A 10 2.82 -5.65 -21.71
CA LEU A 10 2.99 -4.20 -21.61
C LEU A 10 4.28 -3.66 -22.29
N PRO A 11 4.22 -2.43 -22.85
CA PRO A 11 5.37 -1.80 -23.47
C PRO A 11 6.43 -1.35 -22.42
N PRO A 12 7.69 -1.13 -22.84
CA PRO A 12 8.77 -0.75 -21.93
C PRO A 12 8.53 0.60 -21.23
N ALA A 13 7.91 1.55 -21.94
CA ALA A 13 7.54 2.85 -21.40
C ALA A 13 6.54 2.77 -20.23
N LYS A 14 5.62 1.80 -20.24
CA LYS A 14 4.69 1.57 -19.12
C LYS A 14 5.40 0.98 -17.90
N ARG A 15 6.31 0.03 -18.09
CA ARG A 15 7.06 -0.58 -16.97
C ARG A 15 7.98 0.44 -16.29
N GLU A 16 8.60 1.33 -17.07
CA GLU A 16 9.36 2.49 -16.58
C GLU A 16 8.53 3.39 -15.65
N GLU A 17 7.26 3.71 -15.99
CA GLU A 17 6.41 4.54 -15.12
C GLU A 17 6.09 3.88 -13.77
N VAL A 18 5.79 2.57 -13.76
CA VAL A 18 5.55 1.84 -12.50
C VAL A 18 6.84 1.81 -11.66
N GLU A 19 7.98 1.47 -12.26
CA GLU A 19 9.30 1.52 -11.60
C GLU A 19 9.64 2.92 -11.05
N LYS A 20 9.29 4.01 -11.73
CA LYS A 20 9.53 5.39 -11.25
C LYS A 20 8.78 5.67 -9.94
N LEU A 21 7.51 5.27 -9.85
CA LEU A 21 6.71 5.47 -8.63
C LEU A 21 7.33 4.73 -7.42
N LEU A 22 7.78 3.49 -7.63
CA LEU A 22 8.47 2.71 -6.60
C LEU A 22 9.89 3.26 -6.30
N ASN A 23 10.65 3.72 -7.30
CA ASN A 23 11.97 4.34 -7.11
C ASN A 23 11.93 5.53 -6.13
N GLY A 24 10.85 6.33 -6.15
CA GLY A 24 10.61 7.40 -5.19
C GLY A 24 10.05 6.93 -3.84
N SER A 25 9.15 5.93 -3.85
CA SER A 25 8.35 5.51 -2.69
C SER A 25 8.06 4.00 -2.67
N ALA A 26 9.04 3.20 -2.24
CA ALA A 26 8.93 1.73 -2.11
C ALA A 26 9.70 1.15 -0.91
N GLY A 27 9.79 1.88 0.21
CA GLY A 27 10.44 1.41 1.43
C GLY A 27 10.01 -0.02 1.84
N ASP A 28 8.69 -0.26 1.80
CA ASP A 28 8.09 -1.59 2.05
C ASP A 28 6.90 -1.92 1.13
N THR A 29 6.47 -1.01 0.25
CA THR A 29 5.25 -1.12 -0.58
C THR A 29 5.14 -2.45 -1.35
N TRP A 30 6.22 -2.79 -2.04
CA TRP A 30 6.38 -4.02 -2.81
C TRP A 30 6.28 -5.28 -1.93
N ARG A 31 6.74 -5.21 -0.68
CA ARG A 31 6.66 -6.32 0.28
C ARG A 31 5.21 -6.67 0.62
N HIS A 32 4.37 -5.67 0.84
CA HIS A 32 2.95 -5.86 1.11
C HIS A 32 2.27 -6.52 -0.10
N LEU A 33 2.57 -6.05 -1.32
CA LEU A 33 2.02 -6.63 -2.55
C LEU A 33 2.45 -8.10 -2.73
N ALA A 34 3.73 -8.41 -2.52
CA ALA A 34 4.24 -9.78 -2.54
C ALA A 34 3.50 -10.70 -1.56
N GLY A 35 3.30 -10.23 -0.31
CA GLY A 35 2.57 -10.97 0.71
C GLY A 35 1.19 -11.47 0.25
N GLU A 36 0.41 -10.59 -0.38
CA GLU A 36 -0.92 -10.93 -0.90
C GLU A 36 -0.90 -11.71 -2.23
N LEU A 37 0.20 -11.66 -2.99
CA LEU A 37 0.44 -12.50 -4.17
C LEU A 37 0.79 -13.97 -3.82
N GLY A 38 1.15 -14.25 -2.57
CA GLY A 38 1.42 -15.60 -2.06
C GLY A 38 2.76 -15.75 -1.32
N TYR A 39 3.58 -14.70 -1.28
CA TYR A 39 4.84 -14.66 -0.52
C TYR A 39 4.58 -14.45 1.00
N GLN A 40 5.63 -14.25 1.82
CA GLN A 40 5.52 -14.13 3.29
C GLN A 40 6.28 -12.89 3.79
N PRO A 41 5.83 -12.21 4.87
CA PRO A 41 6.41 -10.95 5.33
C PRO A 41 7.87 -11.08 5.78
N GLU A 42 8.19 -12.17 6.48
CA GLU A 42 9.56 -12.49 6.92
C GLU A 42 10.45 -13.03 5.79
N HIS A 43 9.85 -13.63 4.75
CA HIS A 43 10.57 -14.21 3.61
C HIS A 43 11.09 -13.12 2.67
N ILE A 44 10.27 -12.08 2.45
CA ILE A 44 10.66 -10.88 1.71
C ILE A 44 11.79 -10.11 2.41
N ASP A 45 11.94 -10.26 3.73
CA ASP A 45 13.02 -9.63 4.51
C ASP A 45 14.45 -10.01 4.06
N SER A 46 14.62 -11.22 3.50
CA SER A 46 15.85 -11.60 2.80
C SER A 46 15.92 -11.02 1.37
N PHE A 47 14.78 -10.88 0.70
CA PHE A 47 14.69 -10.29 -0.64
C PHE A 47 15.02 -8.79 -0.65
N THR A 48 14.71 -8.04 0.43
CA THR A 48 15.04 -6.59 0.52
C THR A 48 16.55 -6.30 0.43
N HIS A 49 17.40 -7.29 0.73
CA HIS A 49 18.85 -7.16 0.66
C HIS A 49 19.40 -7.27 -0.78
N GLU A 50 18.57 -7.61 -1.77
CA GLU A 50 18.96 -7.69 -3.18
C GLU A 50 19.33 -6.31 -3.78
N ALA A 51 20.06 -6.28 -4.89
CA ALA A 51 20.43 -5.05 -5.59
C ALA A 51 19.27 -4.39 -6.38
N CYS A 52 18.28 -5.18 -6.82
CA CYS A 52 17.13 -4.72 -7.60
C CYS A 52 15.81 -5.33 -7.07
N PRO A 53 15.45 -5.12 -5.79
CA PRO A 53 14.32 -5.79 -5.15
C PRO A 53 12.96 -5.46 -5.80
N VAL A 54 12.75 -4.18 -6.14
CA VAL A 54 11.56 -3.68 -6.85
C VAL A 54 11.41 -4.42 -8.17
N ARG A 55 12.45 -4.42 -9.02
CA ARG A 55 12.42 -5.09 -10.33
C ARG A 55 12.31 -6.60 -10.21
N ALA A 56 12.96 -7.21 -9.23
CA ALA A 56 12.94 -8.65 -9.00
C ALA A 56 11.55 -9.17 -8.61
N LEU A 57 10.79 -8.48 -7.75
CA LEU A 57 9.42 -8.89 -7.43
C LEU A 57 8.54 -8.85 -8.68
N LEU A 58 8.58 -7.72 -9.40
CA LEU A 58 7.84 -7.53 -10.64
C LEU A 58 8.20 -8.60 -11.68
N ALA A 59 9.48 -8.93 -11.84
CA ALA A 59 9.96 -10.01 -12.72
C ALA A 59 9.52 -11.42 -12.26
N SER A 60 9.70 -11.78 -10.99
CA SER A 60 9.31 -13.08 -10.43
C SER A 60 7.80 -13.31 -10.44
N TRP A 61 6.99 -12.25 -10.43
CA TRP A 61 5.55 -12.35 -10.66
C TRP A 61 5.20 -12.38 -12.16
N ALA A 62 5.89 -11.59 -13.00
CA ALA A 62 5.71 -11.59 -14.45
C ALA A 62 6.02 -12.93 -15.13
N THR A 63 6.91 -13.76 -14.59
CA THR A 63 7.13 -15.15 -15.05
C THR A 63 5.97 -16.10 -14.74
N GLN A 64 4.99 -15.71 -13.91
CA GLN A 64 3.79 -16.51 -13.62
C GLN A 64 2.64 -16.24 -14.62
N ASP A 65 1.63 -17.11 -14.63
CA ASP A 65 0.44 -16.95 -15.48
C ASP A 65 -0.60 -15.95 -14.91
N SER A 66 -0.59 -15.71 -13.59
CA SER A 66 -1.50 -14.76 -12.91
C SER A 66 -1.11 -13.29 -13.07
N ALA A 67 -0.08 -13.00 -13.88
CA ALA A 67 0.50 -11.67 -14.08
C ALA A 67 -0.40 -10.65 -14.83
N THR A 68 -1.71 -10.73 -14.71
CA THR A 68 -2.66 -9.80 -15.36
C THR A 68 -2.79 -8.48 -14.60
N LEU A 69 -2.86 -7.37 -15.34
CA LEU A 69 -3.11 -6.04 -14.78
C LEU A 69 -4.39 -5.97 -13.94
N ASP A 70 -5.48 -6.61 -14.40
CA ASP A 70 -6.74 -6.73 -13.64
C ASP A 70 -6.56 -7.38 -12.26
N ALA A 71 -5.72 -8.41 -12.15
CA ALA A 71 -5.40 -9.06 -10.86
C ALA A 71 -4.43 -8.22 -10.00
N LEU A 72 -3.47 -7.52 -10.61
CA LEU A 72 -2.52 -6.63 -9.92
C LEU A 72 -3.26 -5.54 -9.12
N LEU A 73 -4.22 -4.87 -9.75
CA LEU A 73 -5.09 -3.88 -9.11
C LEU A 73 -5.76 -4.46 -7.84
N ALA A 74 -6.49 -5.56 -7.98
CA ALA A 74 -7.19 -6.21 -6.87
C ALA A 74 -6.25 -6.69 -5.75
N ALA A 75 -5.03 -7.10 -6.09
CA ALA A 75 -4.00 -7.46 -5.13
C ALA A 75 -3.47 -6.27 -4.31
N LEU A 76 -3.33 -5.08 -4.91
CA LEU A 76 -3.07 -3.83 -4.18
C LEU A 76 -4.23 -3.48 -3.24
N ARG A 77 -5.48 -3.85 -3.57
CA ARG A 77 -6.63 -3.57 -2.69
C ARG A 77 -6.61 -4.38 -1.39
N ARG A 78 -6.10 -5.62 -1.42
CA ARG A 78 -5.95 -6.46 -0.21
C ARG A 78 -5.11 -5.80 0.89
N ILE A 79 -4.05 -5.10 0.48
CA ILE A 79 -3.18 -4.30 1.34
C ILE A 79 -3.66 -2.85 1.50
N GLN A 80 -4.85 -2.49 1.03
CA GLN A 80 -5.39 -1.13 1.06
C GLN A 80 -4.54 -0.07 0.30
N ARG A 81 -3.68 -0.50 -0.65
CA ARG A 81 -2.71 0.35 -1.40
C ARG A 81 -3.29 0.97 -2.66
N ALA A 82 -4.55 1.40 -2.61
CA ALA A 82 -5.20 2.16 -3.69
C ALA A 82 -4.44 3.45 -4.07
N ASP A 83 -3.55 3.97 -3.23
CA ASP A 83 -2.66 5.10 -3.57
C ASP A 83 -1.76 4.84 -4.80
N LEU A 84 -1.28 3.61 -5.00
CA LEU A 84 -0.46 3.29 -6.18
C LEU A 84 -1.32 3.31 -7.44
N VAL A 85 -2.52 2.74 -7.34
CA VAL A 85 -3.52 2.70 -8.42
C VAL A 85 -4.00 4.11 -8.77
N GLU A 86 -4.36 4.92 -7.76
CA GLU A 86 -4.86 6.28 -7.97
C GLU A 86 -3.77 7.23 -8.49
N SER A 87 -2.53 7.08 -8.00
CA SER A 87 -1.39 7.82 -8.53
C SER A 87 -1.19 7.49 -10.01
N LEU A 88 -1.07 6.21 -10.37
CA LEU A 88 -0.88 5.82 -11.76
C LEU A 88 -2.07 6.18 -12.66
N CYS A 89 -3.32 6.07 -12.21
CA CYS A 89 -4.49 6.47 -13.00
C CYS A 89 -4.58 7.98 -13.30
N SER A 90 -3.91 8.81 -12.51
CA SER A 90 -3.81 10.27 -12.74
C SER A 90 -2.47 10.71 -13.32
N GLU A 91 -1.43 9.88 -13.25
CA GLU A 91 -0.06 10.18 -13.72
C GLU A 91 0.27 9.54 -15.09
N SER A 92 -0.75 9.09 -15.84
CA SER A 92 -0.60 8.51 -17.20
C SER A 92 0.12 9.45 -18.20
N THR A 93 -0.18 10.74 -18.15
CA THR A 93 0.30 11.76 -19.10
C THR A 93 1.62 12.42 -18.66
N ALA A 94 2.63 11.60 -18.35
CA ALA A 94 3.98 12.02 -17.96
C ALA A 94 5.09 11.05 -18.43
N THR A 95 6.36 11.41 -18.18
CA THR A 95 7.57 10.60 -18.45
C THR A 95 8.72 11.04 -17.54
N SER A 96 9.60 10.09 -17.17
CA SER A 96 10.81 10.32 -16.36
C SER A 96 11.85 9.19 -16.60
N PRO A 97 12.60 9.23 -17.72
CA PRO A 97 13.61 8.22 -18.06
C PRO A 97 14.86 8.33 -17.17
N VAL A 98 14.87 7.58 -16.06
CA VAL A 98 15.91 7.57 -15.00
C VAL A 98 16.16 6.14 -14.51
N ILE B 2 -8.59 8.82 -1.91
CA ILE B 2 -8.74 10.02 -1.08
C ILE B 2 -8.33 9.80 0.38
N ALA B 3 -8.14 8.56 0.82
CA ALA B 3 -7.71 8.27 2.20
C ALA B 3 -6.28 8.74 2.46
N GLN B 4 -5.41 8.71 1.44
CA GLN B 4 -4.06 9.27 1.52
C GLN B 4 -4.09 10.77 1.85
N GLN B 5 -4.83 11.56 1.07
CA GLN B 5 -4.93 13.01 1.30
C GLN B 5 -5.74 13.35 2.56
N TRP B 6 -6.76 12.55 2.88
CA TRP B 6 -7.56 12.72 4.09
C TRP B 6 -6.70 12.57 5.34
N ILE B 7 -5.90 11.50 5.45
CA ILE B 7 -4.99 11.31 6.60
C ILE B 7 -3.94 12.42 6.63
N GLN B 8 -3.29 12.72 5.50
CA GLN B 8 -2.25 13.75 5.46
C GLN B 8 -2.78 15.20 5.57
N SER B 9 -4.11 15.41 5.58
CA SER B 9 -4.76 16.72 5.77
C SER B 9 -5.21 16.95 7.22
N LYS B 10 -5.72 15.90 7.89
CA LYS B 10 -6.26 15.98 9.27
C LYS B 10 -5.57 15.04 10.27
N ARG B 11 -4.32 14.63 10.02
CA ARG B 11 -3.52 13.73 10.89
C ARG B 11 -3.55 14.15 12.36
N GLU B 12 -3.46 15.45 12.64
CA GLU B 12 -3.53 16.03 13.98
C GLU B 12 -4.86 15.75 14.68
N ASP B 13 -5.97 15.69 13.94
CA ASP B 13 -7.28 15.33 14.49
C ASP B 13 -7.33 13.82 14.82
N ILE B 14 -6.87 12.96 13.89
CA ILE B 14 -6.88 11.49 14.07
C ILE B 14 -6.17 11.08 15.37
N VAL B 15 -4.99 11.64 15.65
CA VAL B 15 -4.22 11.36 16.89
C VAL B 15 -5.01 11.76 18.15
N ASN B 16 -5.87 12.77 18.08
CA ASN B 16 -6.74 13.18 19.19
C ASN B 16 -8.02 12.33 19.27
N GLN B 17 -8.56 11.86 18.15
CA GLN B 17 -9.74 11.00 18.10
C GLN B 17 -9.45 9.55 18.55
N MET B 18 -8.38 8.92 18.07
CA MET B 18 -7.97 7.59 18.56
C MET B 18 -7.26 7.71 19.92
N THR B 19 -7.76 7.02 20.94
CA THR B 19 -7.09 6.97 22.25
C THR B 19 -5.87 6.05 22.22
N GLU B 20 -6.05 4.74 22.33
CA GLU B 20 -4.94 3.76 22.38
C GLU B 20 -5.40 2.34 21.97
N ALA B 21 -6.64 1.96 22.31
CA ALA B 21 -7.24 0.70 21.89
C ALA B 21 -7.36 0.57 20.35
N CYS B 22 -7.63 1.67 19.66
CA CYS B 22 -7.59 1.74 18.20
C CYS B 22 -6.23 1.36 17.61
N LEU B 23 -5.12 1.77 18.24
CA LEU B 23 -3.76 1.43 17.79
C LEU B 23 -3.44 -0.06 17.98
N ASN B 24 -4.03 -0.72 18.97
CA ASN B 24 -3.92 -2.17 19.11
C ASN B 24 -4.72 -2.91 18.03
N GLN B 25 -5.96 -2.48 17.73
CA GLN B 25 -6.74 -3.04 16.63
C GLN B 25 -6.10 -2.82 15.25
N SER B 26 -5.53 -1.63 15.00
CA SER B 26 -4.83 -1.37 13.73
C SER B 26 -3.63 -2.30 13.59
N LEU B 27 -2.78 -2.43 14.60
CA LEU B 27 -1.63 -3.34 14.59
C LEU B 27 -1.97 -4.78 14.18
N ASP B 28 -3.01 -5.38 14.74
CA ASP B 28 -3.44 -6.73 14.37
C ASP B 28 -3.95 -6.82 12.93
N ALA B 29 -4.74 -5.82 12.49
CA ALA B 29 -5.25 -5.74 11.13
C ALA B 29 -4.13 -5.55 10.08
N LEU B 30 -3.18 -4.66 10.35
CA LEU B 30 -1.99 -4.42 9.53
C LEU B 30 -1.17 -5.71 9.35
N LEU B 31 -0.97 -6.49 10.43
CA LEU B 31 -0.29 -7.77 10.34
C LEU B 31 -1.02 -8.77 9.43
N SER B 32 -2.35 -8.80 9.47
CA SER B 32 -3.19 -9.67 8.63
C SER B 32 -3.05 -9.40 7.12
N ARG B 33 -2.63 -8.19 6.73
CA ARG B 33 -2.37 -7.78 5.33
C ARG B 33 -0.87 -7.72 5.00
N ASP B 34 -0.02 -8.33 5.82
CA ASP B 34 1.46 -8.30 5.72
C ASP B 34 2.03 -6.86 5.64
N LEU B 35 1.31 -5.91 6.22
CA LEU B 35 1.54 -4.47 6.03
C LEU B 35 2.64 -3.89 6.93
N ILE B 36 2.97 -4.61 7.99
CA ILE B 36 4.02 -4.31 8.96
C ILE B 36 4.73 -5.62 9.26
N MET B 37 6.04 -5.69 9.02
CA MET B 37 6.82 -6.90 9.31
C MET B 37 7.13 -6.94 10.81
N LYS B 38 7.50 -8.12 11.32
CA LYS B 38 7.92 -8.27 12.73
C LYS B 38 9.01 -7.27 13.14
N GLU B 39 9.93 -6.94 12.23
CA GLU B 39 10.99 -5.95 12.47
C GLU B 39 10.47 -4.53 12.72
N ASP B 40 9.42 -4.10 12.02
CA ASP B 40 8.76 -2.79 12.23
C ASP B 40 7.69 -2.87 13.34
N TYR B 41 7.07 -4.03 13.54
CA TYR B 41 6.07 -4.25 14.60
C TYR B 41 6.69 -4.16 15.99
N GLU B 42 7.88 -4.70 16.23
CA GLU B 42 8.60 -4.42 17.49
C GLU B 42 8.96 -2.93 17.61
N LEU B 43 9.26 -2.22 16.52
CA LEU B 43 9.59 -0.80 16.53
C LEU B 43 8.46 0.11 17.02
N VAL B 44 7.18 -0.24 16.82
CA VAL B 44 6.04 0.53 17.35
C VAL B 44 5.68 0.14 18.79
N SER B 45 6.09 -1.04 19.25
CA SER B 45 5.93 -1.45 20.66
C SER B 45 6.84 -0.68 21.63
N THR B 46 7.99 -0.15 21.19
CA THR B 46 8.97 0.55 22.06
C THR B 46 8.55 1.94 22.55
N LYS B 47 7.35 2.43 22.20
CA LYS B 47 6.80 3.72 22.67
C LYS B 47 5.90 3.53 23.90
N PRO B 48 6.33 3.93 25.12
CA PRO B 48 5.51 3.87 26.33
C PRO B 48 4.44 4.97 26.41
N THR B 49 4.44 5.93 25.49
CA THR B 49 3.55 7.12 25.45
C THR B 49 2.45 6.95 24.42
N ARG B 50 1.18 7.09 24.84
CA ARG B 50 -0.03 6.93 24.01
C ARG B 50 0.04 7.69 22.67
N THR B 51 0.31 9.00 22.71
CA THR B 51 0.45 9.86 21.52
C THR B 51 1.66 9.51 20.66
N SER B 52 2.77 9.10 21.29
CA SER B 52 4.00 8.67 20.61
C SER B 52 3.85 7.33 19.88
N LYS B 53 3.01 6.41 20.39
CA LYS B 53 2.63 5.20 19.65
C LYS B 53 2.10 5.53 18.26
N VAL B 54 1.22 6.52 18.17
CA VAL B 54 0.62 7.00 16.91
C VAL B 54 1.65 7.64 15.98
N ARG B 55 2.74 8.23 16.51
CA ARG B 55 3.84 8.79 15.69
C ARG B 55 4.55 7.73 14.87
N GLN B 56 5.01 6.63 15.49
CA GLN B 56 5.67 5.56 14.74
C GLN B 56 4.71 4.86 13.77
N LEU B 57 3.44 4.71 14.15
CA LEU B 57 2.37 4.27 13.24
C LEU B 57 2.18 5.21 12.03
N LEU B 58 2.26 6.54 12.20
CA LEU B 58 2.20 7.50 11.10
C LEU B 58 3.50 7.54 10.26
N ASP B 59 4.65 7.21 10.86
CA ASP B 59 5.93 7.16 10.14
C ASP B 59 5.94 6.04 9.07
N THR B 60 5.32 4.89 9.35
CA THR B 60 5.08 3.88 8.31
C THR B 60 4.18 4.41 7.20
N THR B 61 3.13 5.19 7.49
CA THR B 61 2.23 5.75 6.45
C THR B 61 2.94 6.53 5.35
N ASP B 62 4.14 7.08 5.58
CA ASP B 62 4.92 7.80 4.56
C ASP B 62 5.28 6.95 3.34
N ILE B 63 5.50 5.63 3.50
CA ILE B 63 5.71 4.71 2.37
C ILE B 63 4.41 4.12 1.84
N GLN B 64 3.39 4.07 2.70
CA GLN B 64 2.17 3.28 2.48
C GLN B 64 1.08 4.11 1.79
N GLY B 65 0.88 5.33 2.24
CA GLY B 65 -0.15 6.24 1.72
C GLY B 65 -1.57 5.88 2.15
N GLU B 66 -2.30 5.11 1.35
CA GLU B 66 -3.70 4.76 1.63
C GLU B 66 -3.83 3.59 2.63
N GLU B 67 -2.74 2.84 2.87
CA GLU B 67 -2.80 1.55 3.58
C GLU B 67 -2.92 1.72 5.11
N PHE B 68 -1.83 2.18 5.74
CA PHE B 68 -1.77 2.52 7.16
C PHE B 68 -2.76 3.64 7.51
N ALA B 69 -3.10 4.49 6.54
CA ALA B 69 -4.10 5.55 6.70
C ALA B 69 -5.52 4.99 6.87
N LYS B 70 -6.01 4.22 5.90
CA LYS B 70 -7.37 3.69 5.88
C LYS B 70 -7.66 2.80 7.07
N VAL B 71 -6.67 2.01 7.51
CA VAL B 71 -6.77 1.22 8.74
C VAL B 71 -7.20 2.06 9.94
N ILE B 72 -6.73 3.30 10.10
CA ILE B 72 -7.16 4.16 11.22
C ILE B 72 -8.61 4.61 11.06
N VAL B 73 -9.00 5.06 9.87
CA VAL B 73 -10.36 5.52 9.57
C VAL B 73 -11.41 4.44 9.84
N GLN B 74 -11.05 3.19 9.54
CA GLN B 74 -11.89 2.02 9.77
C GLN B 74 -11.91 1.63 11.26
N LYS B 75 -10.75 1.64 11.95
CA LYS B 75 -10.66 1.30 13.39
C LYS B 75 -11.41 2.27 14.30
N LEU B 76 -11.44 3.55 13.94
CA LEU B 76 -12.21 4.58 14.63
C LEU B 76 -13.73 4.29 14.63
N LYS B 77 -14.29 3.91 13.47
CA LYS B 77 -15.69 3.49 13.38
C LYS B 77 -15.98 2.10 13.96
N ASP B 78 -15.00 1.20 13.99
CA ASP B 78 -15.13 -0.11 14.66
C ASP B 78 -15.44 0.00 16.16
N ASN B 79 -15.07 1.10 16.82
CA ASN B 79 -15.56 1.45 18.16
C ASN B 79 -16.86 2.27 18.08
N LYS B 80 -16.75 3.60 18.04
CA LYS B 80 -17.88 4.56 18.17
C LYS B 80 -17.45 6.03 18.02
N GLN B 81 -16.34 6.29 17.31
CA GLN B 81 -15.87 7.67 17.10
C GLN B 81 -16.65 8.41 16.01
N MET B 82 -17.08 9.63 16.33
CA MET B 82 -17.92 10.48 15.47
C MET B 82 -17.23 11.78 15.04
N GLY B 83 -15.99 12.02 15.49
CA GLY B 83 -15.18 13.20 15.14
C GLY B 83 -14.78 13.29 13.67
N LEU B 84 -14.99 12.22 12.90
CA LEU B 84 -14.51 12.06 11.53
C LEU B 84 -15.54 11.40 10.60
N GLN B 85 -16.84 11.48 10.94
CA GLN B 85 -18.00 11.10 10.12
C GLN B 85 -17.82 11.16 8.58
N PRO B 86 -17.28 12.24 7.97
CA PRO B 86 -16.86 12.26 6.57
C PRO B 86 -15.56 11.46 6.31
N TYR B 87 -15.65 10.13 6.40
CA TYR B 87 -14.55 9.21 6.07
C TYR B 87 -14.26 9.16 4.55
N PRO B 88 -13.02 8.79 4.14
CA PRO B 88 -12.66 8.66 2.73
C PRO B 88 -13.21 7.36 2.09
N GLU B 89 -13.02 7.20 0.79
CA GLU B 89 -13.37 5.97 0.07
C GLU B 89 -12.55 4.73 0.52
N ILE B 90 -13.03 3.55 0.11
CA ILE B 90 -12.44 2.25 0.37
C ILE B 90 -12.42 1.48 -0.95
N LEU B 91 -11.26 1.49 -1.62
CA LEU B 91 -10.92 0.59 -2.72
C LEU B 91 -11.79 0.75 -3.98
N VAL B 92 -12.20 1.98 -4.29
CA VAL B 92 -13.14 2.35 -5.37
C VAL B 92 -12.61 2.12 -6.81
N VAL B 93 -11.44 1.49 -6.96
CA VAL B 93 -10.84 1.13 -8.26
C VAL B 93 -11.82 0.39 -9.17
N SER B 94 -11.99 0.88 -10.40
CA SER B 94 -12.82 0.26 -11.44
C SER B 94 -11.97 -0.29 -12.58
N ARG B 95 -11.60 0.53 -13.58
CA ARG B 95 -10.82 0.08 -14.75
C ARG B 95 -10.07 1.20 -15.51
N SER B 96 -9.64 2.24 -14.80
CA SER B 96 -9.04 3.47 -15.35
C SER B 96 -7.82 3.25 -16.27
N PRO B 97 -7.61 4.10 -17.31
CA PRO B 97 -6.59 3.91 -18.35
C PRO B 97 -5.13 4.13 -17.89
N SER B 98 -4.60 3.18 -17.10
CA SER B 98 -3.18 3.13 -16.70
C SER B 98 -2.75 1.71 -16.30
N LEU B 99 -3.24 1.19 -15.17
CA LEU B 99 -2.95 -0.17 -14.71
C LEU B 99 -4.05 -1.14 -15.20
N ASN B 100 -4.63 -0.89 -16.37
CA ASN B 100 -5.67 -1.72 -16.99
C ASN B 100 -5.39 -2.02 -18.47
N LEU B 101 -6.10 -3.01 -19.00
CA LEU B 101 -5.97 -3.53 -20.36
C LEU B 101 -7.23 -3.28 -21.21
N LEU B 102 -7.12 -3.36 -22.54
CA LEU B 102 -8.21 -3.07 -23.48
C LEU B 102 -9.35 -4.11 -23.44
N GLN B 103 -9.06 -5.37 -23.72
CA GLN B 103 -10.03 -6.48 -23.82
C GLN B 103 -11.17 -6.24 -24.84
N ASN B 104 -10.78 -6.16 -26.12
CA ASN B 104 -11.68 -6.01 -27.27
C ASN B 104 -11.06 -6.65 -28.55
N LYS B 105 -11.76 -7.60 -29.17
CA LYS B 105 -11.44 -8.28 -30.45
C LYS B 105 -9.93 -8.62 -30.63
N SER B 106 -9.53 -9.75 -30.04
CA SER B 106 -8.15 -10.27 -30.01
C SER B 106 -8.02 -11.72 -30.48
N GLY A 5 -5.69 -8.69 -20.97
CA GLY A 5 -4.80 -7.81 -20.18
C GLY A 5 -3.75 -8.53 -19.31
N LEU A 6 -2.61 -8.89 -19.90
CA LEU A 6 -1.48 -9.57 -19.23
C LEU A 6 -0.35 -8.59 -18.86
N TYR A 7 0.29 -8.75 -17.69
CA TYR A 7 1.44 -7.93 -17.28
C TYR A 7 2.63 -8.04 -18.24
N SER A 8 2.86 -9.24 -18.79
CA SER A 8 3.87 -9.49 -19.84
C SER A 8 3.56 -8.81 -21.19
N SER A 9 2.27 -8.50 -21.45
CA SER A 9 1.80 -7.84 -22.69
C SER A 9 2.00 -6.31 -22.68
N LEU A 10 2.31 -5.70 -21.52
CA LEU A 10 2.70 -4.29 -21.44
C LEU A 10 4.01 -3.97 -22.19
N PRO A 11 4.17 -2.73 -22.69
CA PRO A 11 5.42 -2.26 -23.30
C PRO A 11 6.53 -2.06 -22.23
N PRO A 12 7.81 -2.02 -22.62
CA PRO A 12 8.93 -1.88 -21.68
C PRO A 12 8.88 -0.55 -20.90
N ALA A 13 8.48 0.55 -21.55
CA ALA A 13 8.34 1.87 -20.94
C ALA A 13 7.34 1.91 -19.77
N LYS A 14 6.24 1.16 -19.85
CA LYS A 14 5.26 1.02 -18.76
C LYS A 14 5.84 0.29 -17.55
N ARG A 15 6.61 -0.79 -17.78
CA ARG A 15 7.23 -1.55 -16.68
C ARG A 15 8.27 -0.71 -15.91
N GLU A 16 9.01 0.14 -16.62
CA GLU A 16 9.89 1.12 -15.97
C GLU A 16 9.15 2.12 -15.08
N GLU A 17 7.97 2.64 -15.49
CA GLU A 17 7.16 3.53 -14.64
C GLU A 17 6.70 2.85 -13.33
N VAL A 18 6.28 1.58 -13.37
CA VAL A 18 5.94 0.82 -12.15
C VAL A 18 7.16 0.72 -11.24
N GLU A 19 8.30 0.25 -11.77
CA GLU A 19 9.57 0.14 -11.03
C GLU A 19 10.04 1.48 -10.44
N LYS A 20 9.90 2.61 -11.16
CA LYS A 20 10.34 3.94 -10.69
C LYS A 20 9.62 4.35 -9.39
N LEU A 21 8.33 4.05 -9.29
CA LEU A 21 7.47 4.37 -8.15
C LEU A 21 7.95 3.66 -6.86
N LEU A 22 8.30 2.38 -6.97
CA LEU A 22 8.93 1.61 -5.88
C LEU A 22 10.39 2.06 -5.65
N ASN A 23 11.19 2.30 -6.69
CA ASN A 23 12.56 2.82 -6.57
C ASN A 23 12.64 4.11 -5.73
N GLY A 24 11.68 5.02 -5.90
CA GLY A 24 11.57 6.24 -5.08
C GLY A 24 11.03 6.00 -3.67
N SER A 25 10.07 5.08 -3.51
CA SER A 25 9.28 4.89 -2.27
C SER A 25 8.85 3.42 -2.04
N ALA A 26 9.81 2.50 -1.90
CA ALA A 26 9.53 1.07 -1.63
C ALA A 26 9.33 0.84 -0.13
N GLY A 27 10.41 0.79 0.66
CA GLY A 27 10.40 0.32 2.05
C GLY A 27 9.66 -1.02 2.21
N ASP A 28 8.41 -0.95 2.67
CA ASP A 28 7.55 -2.12 2.92
C ASP A 28 6.44 -2.32 1.87
N THR A 29 6.22 -1.37 0.95
CA THR A 29 5.23 -1.42 -0.14
C THR A 29 5.19 -2.76 -0.86
N TRP A 30 6.36 -3.24 -1.30
CA TRP A 30 6.52 -4.51 -2.00
C TRP A 30 6.44 -5.73 -1.04
N ARG A 31 6.93 -5.58 0.21
CA ARG A 31 6.81 -6.58 1.29
C ARG A 31 5.35 -6.91 1.60
N HIS A 32 4.47 -5.92 1.55
CA HIS A 32 3.04 -6.08 1.72
C HIS A 32 2.41 -6.83 0.55
N LEU A 33 2.73 -6.42 -0.69
CA LEU A 33 2.23 -7.03 -1.93
C LEU A 33 2.47 -8.56 -1.94
N ALA A 34 3.65 -8.95 -1.44
CA ALA A 34 4.05 -10.34 -1.25
C ALA A 34 3.01 -11.16 -0.46
N GLY A 35 2.53 -10.63 0.68
CA GLY A 35 1.57 -11.31 1.55
C GLY A 35 0.24 -11.67 0.85
N GLU A 36 -0.26 -10.79 -0.02
CA GLU A 36 -1.45 -11.04 -0.85
C GLU A 36 -1.18 -11.93 -2.07
N LEU A 37 0.06 -12.00 -2.55
CA LEU A 37 0.52 -12.94 -3.58
C LEU A 37 0.83 -14.35 -3.06
N GLY A 38 0.93 -14.54 -1.74
CA GLY A 38 1.16 -15.82 -1.07
C GLY A 38 2.54 -15.96 -0.38
N TYR A 39 3.42 -14.98 -0.56
CA TYR A 39 4.76 -14.90 0.02
C TYR A 39 4.73 -14.21 1.40
N GLN A 40 4.98 -14.95 2.48
CA GLN A 40 4.89 -14.45 3.87
C GLN A 40 5.77 -13.21 4.12
N PRO A 41 5.34 -12.26 4.98
CA PRO A 41 6.07 -11.00 5.21
C PRO A 41 7.48 -11.24 5.77
N GLU A 42 7.63 -12.12 6.78
CA GLU A 42 8.93 -12.44 7.38
C GLU A 42 9.94 -13.02 6.37
N HIS A 43 9.46 -13.69 5.32
CA HIS A 43 10.29 -14.26 4.26
C HIS A 43 10.90 -13.16 3.36
N ILE A 44 10.19 -12.03 3.18
CA ILE A 44 10.66 -10.88 2.39
C ILE A 44 11.83 -10.17 3.08
N ASP A 45 11.90 -10.26 4.41
CA ASP A 45 12.97 -9.68 5.21
C ASP A 45 14.37 -10.26 4.88
N SER A 46 14.44 -11.54 4.54
CA SER A 46 15.65 -12.17 3.95
C SER A 46 15.84 -11.80 2.47
N PHE A 47 14.73 -11.64 1.73
CA PHE A 47 14.74 -11.27 0.30
C PHE A 47 15.27 -9.84 0.06
N THR A 48 15.13 -8.91 1.00
CA THR A 48 15.73 -7.55 0.89
C THR A 48 17.25 -7.54 0.68
N HIS A 49 17.94 -8.62 1.07
CA HIS A 49 19.39 -8.75 0.97
C HIS A 49 19.90 -8.94 -0.48
N GLU A 50 19.00 -9.17 -1.44
CA GLU A 50 19.31 -9.27 -2.87
C GLU A 50 19.68 -7.91 -3.51
N ALA A 51 20.34 -7.91 -4.67
CA ALA A 51 20.68 -6.70 -5.43
C ALA A 51 19.47 -5.96 -6.04
N CYS A 52 18.40 -6.69 -6.37
CA CYS A 52 17.18 -6.21 -7.03
C CYS A 52 15.91 -6.79 -6.36
N PRO A 53 15.64 -6.49 -5.08
CA PRO A 53 14.58 -7.15 -4.30
C PRO A 53 13.18 -6.88 -4.86
N VAL A 54 12.85 -5.59 -5.08
CA VAL A 54 11.60 -5.14 -5.71
C VAL A 54 11.35 -5.86 -7.05
N ARG A 55 12.36 -5.84 -7.93
CA ARG A 55 12.31 -6.46 -9.27
C ARG A 55 12.21 -7.99 -9.18
N ALA A 56 12.87 -8.63 -8.22
CA ALA A 56 12.82 -10.07 -8.00
C ALA A 56 11.40 -10.56 -7.65
N LEU A 57 10.63 -9.86 -6.80
CA LEU A 57 9.24 -10.26 -6.51
C LEU A 57 8.38 -10.21 -7.79
N LEU A 58 8.46 -9.09 -8.52
CA LEU A 58 7.72 -8.88 -9.76
C LEU A 58 8.12 -9.92 -10.82
N ALA A 59 9.41 -10.25 -10.95
CA ALA A 59 9.91 -11.28 -11.87
C ALA A 59 9.49 -12.71 -11.47
N SER A 60 9.61 -13.07 -10.19
CA SER A 60 9.18 -14.38 -9.66
C SER A 60 7.67 -14.59 -9.82
N TRP A 61 6.86 -13.56 -9.61
CA TRP A 61 5.42 -13.61 -9.87
C TRP A 61 5.07 -13.55 -11.36
N ALA A 62 5.80 -12.78 -12.19
CA ALA A 62 5.59 -12.70 -13.64
C ALA A 62 5.79 -14.05 -14.37
N THR A 63 6.49 -15.03 -13.76
CA THR A 63 6.60 -16.40 -14.28
C THR A 63 5.25 -17.15 -14.27
N GLN A 64 4.30 -16.74 -13.43
CA GLN A 64 2.97 -17.36 -13.32
C GLN A 64 2.14 -17.09 -14.58
N ASP A 65 1.48 -18.12 -15.11
CA ASP A 65 0.53 -17.99 -16.24
C ASP A 65 -0.70 -17.13 -15.91
N SER A 66 -0.99 -16.94 -14.62
CA SER A 66 -2.06 -16.06 -14.09
C SER A 66 -1.53 -14.65 -13.72
N ALA A 67 -0.36 -14.24 -14.23
CA ALA A 67 0.23 -12.90 -14.04
C ALA A 67 -0.52 -11.78 -14.81
N THR A 68 -1.85 -11.78 -14.80
CA THR A 68 -2.68 -10.74 -15.43
C THR A 68 -2.67 -9.43 -14.64
N LEU A 69 -2.82 -8.31 -15.35
CA LEU A 69 -3.01 -7.01 -14.70
C LEU A 69 -4.31 -6.96 -13.89
N ASP A 70 -5.37 -7.62 -14.35
CA ASP A 70 -6.64 -7.68 -13.62
C ASP A 70 -6.44 -8.19 -12.18
N ALA A 71 -5.60 -9.22 -12.01
CA ALA A 71 -5.18 -9.72 -10.71
C ALA A 71 -4.12 -8.83 -10.00
N LEU A 72 -3.08 -8.35 -10.70
CA LEU A 72 -2.01 -7.52 -10.10
C LEU A 72 -2.56 -6.20 -9.51
N LEU A 73 -3.40 -5.50 -10.28
CA LEU A 73 -4.00 -4.24 -9.89
C LEU A 73 -4.91 -4.41 -8.68
N ALA A 74 -5.76 -5.45 -8.68
CA ALA A 74 -6.57 -5.81 -7.52
C ALA A 74 -5.71 -6.22 -6.32
N ALA A 75 -4.61 -6.97 -6.50
CA ALA A 75 -3.70 -7.38 -5.41
C ALA A 75 -3.08 -6.19 -4.66
N LEU A 76 -2.76 -5.08 -5.36
CA LEU A 76 -2.38 -3.81 -4.73
C LEU A 76 -3.51 -3.25 -3.84
N ARG A 77 -4.76 -3.36 -4.27
CA ARG A 77 -5.93 -2.93 -3.47
C ARG A 77 -6.13 -3.80 -2.24
N ARG A 78 -5.89 -5.12 -2.34
CA ARG A 78 -5.99 -6.08 -1.23
C ARG A 78 -5.04 -5.82 -0.06
N ILE A 79 -3.85 -5.26 -0.33
CA ILE A 79 -2.93 -4.76 0.72
C ILE A 79 -3.30 -3.33 1.18
N GLN A 80 -4.50 -2.86 0.87
CA GLN A 80 -5.00 -1.50 1.12
C GLN A 80 -4.25 -0.39 0.34
N ARG A 81 -3.33 -0.74 -0.60
CA ARG A 81 -2.42 0.18 -1.33
C ARG A 81 -2.97 0.69 -2.65
N ALA A 82 -4.22 1.09 -2.61
CA ALA A 82 -4.87 1.82 -3.70
C ALA A 82 -4.12 3.08 -4.16
N ASP A 83 -3.29 3.72 -3.32
CA ASP A 83 -2.45 4.86 -3.72
C ASP A 83 -1.52 4.55 -4.91
N LEU A 84 -0.94 3.34 -4.99
CA LEU A 84 -0.05 2.98 -6.10
C LEU A 84 -0.83 2.87 -7.42
N VAL A 85 -1.97 2.19 -7.35
CA VAL A 85 -2.86 1.96 -8.49
C VAL A 85 -3.47 3.28 -8.96
N GLU A 86 -3.91 4.14 -8.05
CA GLU A 86 -4.49 5.44 -8.39
C GLU A 86 -3.43 6.44 -8.89
N SER A 87 -2.22 6.43 -8.32
CA SER A 87 -1.11 7.24 -8.82
C SER A 87 -0.78 6.82 -10.24
N LEU A 88 -0.61 5.52 -10.53
CA LEU A 88 -0.35 5.06 -11.89
C LEU A 88 -1.55 5.27 -12.85
N CYS A 89 -2.80 5.19 -12.39
CA CYS A 89 -3.96 5.50 -13.25
C CYS A 89 -4.10 7.01 -13.58
N SER A 90 -3.45 7.90 -12.82
CA SER A 90 -3.41 9.36 -13.04
C SER A 90 -2.06 9.90 -13.55
N GLU A 91 -0.99 9.12 -13.47
CA GLU A 91 0.39 9.43 -13.89
C GLU A 91 0.84 8.56 -15.09
N SER A 92 -0.12 7.93 -15.78
CA SER A 92 0.08 7.19 -17.04
C SER A 92 0.83 8.02 -18.11
N THR A 93 0.68 9.34 -18.08
CA THR A 93 1.31 10.32 -18.98
C THR A 93 2.09 11.37 -18.18
N ALA A 94 3.42 11.25 -18.21
CA ALA A 94 4.38 12.20 -17.63
C ALA A 94 5.77 12.06 -18.29
N THR A 95 6.57 13.13 -18.27
CA THR A 95 7.95 13.18 -18.81
C THR A 95 8.74 14.33 -18.17
N SER A 96 9.71 14.01 -17.29
CA SER A 96 10.61 14.98 -16.64
C SER A 96 11.85 14.28 -16.03
N PRO A 97 12.84 13.86 -16.86
CA PRO A 97 14.05 13.19 -16.35
C PRO A 97 14.99 14.15 -15.61
N VAL A 98 15.16 15.38 -16.12
CA VAL A 98 16.03 16.48 -15.63
C VAL A 98 15.42 17.83 -15.94
N ILE B 2 -8.14 8.03 -1.72
CA ILE B 2 -8.93 8.85 -0.80
C ILE B 2 -8.32 8.89 0.61
N ALA B 3 -7.98 7.72 1.20
CA ALA B 3 -7.37 7.70 2.53
C ALA B 3 -5.96 8.34 2.56
N GLN B 4 -5.21 8.27 1.47
CA GLN B 4 -3.90 8.94 1.33
C GLN B 4 -4.04 10.46 1.52
N GLN B 5 -4.99 11.07 0.83
CA GLN B 5 -5.35 12.48 1.00
C GLN B 5 -5.88 12.77 2.41
N TRP B 6 -6.69 11.87 2.98
CA TRP B 6 -7.25 12.02 4.33
C TRP B 6 -6.15 12.07 5.41
N ILE B 7 -5.13 11.21 5.30
CA ILE B 7 -3.97 11.16 6.20
C ILE B 7 -2.99 12.33 6.03
N GLN B 8 -3.09 13.06 4.92
CA GLN B 8 -2.30 14.26 4.65
C GLN B 8 -3.10 15.56 4.98
N SER B 9 -4.19 15.43 5.75
CA SER B 9 -5.08 16.53 6.17
C SER B 9 -5.53 16.43 7.64
N LYS B 10 -6.16 15.30 8.03
CA LYS B 10 -6.66 15.05 9.40
C LYS B 10 -5.65 14.29 10.28
N ARG B 11 -4.38 14.20 9.87
CA ARG B 11 -3.27 13.52 10.58
C ARG B 11 -3.10 13.95 12.04
N GLU B 12 -3.21 15.23 12.36
CA GLU B 12 -3.15 15.70 13.75
C GLU B 12 -4.44 15.36 14.53
N ASP B 13 -5.58 15.39 13.86
CA ASP B 13 -6.90 15.14 14.44
C ASP B 13 -7.06 13.67 14.83
N ILE B 14 -6.69 12.71 13.96
CA ILE B 14 -6.74 11.28 14.28
C ILE B 14 -5.96 10.92 15.55
N VAL B 15 -4.82 11.56 15.84
CA VAL B 15 -4.03 11.30 17.05
C VAL B 15 -4.74 11.81 18.31
N ASN B 16 -5.46 12.93 18.19
CA ASN B 16 -6.22 13.53 19.29
C ASN B 16 -7.55 12.78 19.55
N GLN B 17 -8.20 12.26 18.49
CA GLN B 17 -9.44 11.49 18.60
C GLN B 17 -9.22 10.02 18.98
N MET B 18 -8.33 9.31 18.29
CA MET B 18 -7.96 7.94 18.66
C MET B 18 -7.29 7.89 20.05
N THR B 19 -7.37 6.73 20.69
CA THR B 19 -6.74 6.44 21.98
C THR B 19 -5.79 5.25 21.87
N GLU B 20 -5.13 4.89 22.97
CA GLU B 20 -4.28 3.70 23.07
C GLU B 20 -5.04 2.41 22.65
N ALA B 21 -6.33 2.34 22.99
CA ALA B 21 -7.23 1.25 22.59
C ALA B 21 -7.46 1.17 21.07
N CYS B 22 -7.64 2.30 20.39
CA CYS B 22 -7.71 2.35 18.93
C CYS B 22 -6.42 1.84 18.29
N LEU B 23 -5.26 2.25 18.81
CA LEU B 23 -3.96 1.82 18.30
C LEU B 23 -3.76 0.30 18.41
N ASN B 24 -4.23 -0.34 19.49
CA ASN B 24 -4.19 -1.80 19.60
C ASN B 24 -5.00 -2.50 18.49
N GLN B 25 -6.20 -2.00 18.16
CA GLN B 25 -6.99 -2.51 17.03
C GLN B 25 -6.33 -2.27 15.66
N SER B 26 -5.71 -1.10 15.42
CA SER B 26 -4.96 -0.89 14.17
C SER B 26 -3.77 -1.84 14.08
N LEU B 27 -2.97 -2.00 15.13
CA LEU B 27 -1.83 -2.91 15.16
C LEU B 27 -2.17 -4.36 14.79
N ASP B 28 -3.24 -4.94 15.37
CA ASP B 28 -3.65 -6.30 15.04
C ASP B 28 -4.08 -6.43 13.56
N ALA B 29 -4.84 -5.45 13.06
CA ALA B 29 -5.32 -5.43 11.67
C ALA B 29 -4.21 -5.17 10.65
N LEU B 30 -3.23 -4.32 10.98
CA LEU B 30 -2.03 -4.07 10.18
C LEU B 30 -1.27 -5.37 9.92
N LEU B 31 -1.12 -6.23 10.94
CA LEU B 31 -0.48 -7.52 10.76
C LEU B 31 -1.31 -8.46 9.87
N SER B 32 -2.62 -8.55 10.14
CA SER B 32 -3.58 -9.43 9.43
C SER B 32 -3.74 -9.09 7.92
N ARG B 33 -3.76 -7.79 7.56
CA ARG B 33 -3.82 -7.30 6.17
C ARG B 33 -2.45 -7.21 5.49
N ASP B 34 -1.38 -7.64 6.16
CA ASP B 34 0.01 -7.65 5.70
C ASP B 34 0.67 -6.26 5.56
N LEU B 35 0.14 -5.22 6.21
CA LEU B 35 0.63 -3.83 6.20
C LEU B 35 1.79 -3.53 7.16
N ILE B 36 2.12 -4.44 8.08
CA ILE B 36 3.28 -4.26 8.97
C ILE B 36 3.98 -5.59 9.21
N MET B 37 5.29 -5.58 8.97
CA MET B 37 6.18 -6.73 9.19
C MET B 37 6.49 -6.87 10.69
N LYS B 38 6.95 -8.04 11.13
CA LYS B 38 7.43 -8.27 12.51
C LYS B 38 8.50 -7.24 12.95
N GLU B 39 9.43 -6.91 12.06
CA GLU B 39 10.51 -5.94 12.31
C GLU B 39 9.97 -4.51 12.57
N ASP B 40 8.99 -4.06 11.79
CA ASP B 40 8.34 -2.75 11.97
C ASP B 40 7.30 -2.75 13.11
N TYR B 41 6.65 -3.87 13.39
CA TYR B 41 5.75 -4.03 14.52
C TYR B 41 6.49 -3.93 15.85
N GLU B 42 7.65 -4.58 15.98
CA GLU B 42 8.53 -4.37 17.14
C GLU B 42 8.97 -2.89 17.26
N LEU B 43 9.17 -2.18 16.14
CA LEU B 43 9.56 -0.76 16.12
C LEU B 43 8.48 0.21 16.62
N VAL B 44 7.19 -0.12 16.46
CA VAL B 44 6.06 0.67 17.04
C VAL B 44 5.74 0.22 18.47
N SER B 45 6.05 -1.04 18.84
CA SER B 45 5.97 -1.51 20.23
C SER B 45 6.95 -0.82 21.20
N THR B 46 8.05 -0.21 20.74
CA THR B 46 9.03 0.47 21.61
C THR B 46 8.56 1.80 22.23
N LYS B 47 7.37 2.30 21.86
CA LYS B 47 6.76 3.55 22.37
C LYS B 47 5.90 3.29 23.62
N PRO B 48 6.34 3.64 24.84
CA PRO B 48 5.53 3.51 26.06
C PRO B 48 4.44 4.60 26.23
N THR B 49 4.46 5.64 25.39
CA THR B 49 3.57 6.82 25.44
C THR B 49 2.45 6.71 24.40
N ARG B 50 1.18 6.80 24.82
CA ARG B 50 -0.03 6.72 23.97
C ARG B 50 0.08 7.55 22.69
N THR B 51 0.33 8.85 22.81
CA THR B 51 0.47 9.78 21.67
C THR B 51 1.66 9.45 20.78
N SER B 52 2.79 9.03 21.37
CA SER B 52 4.00 8.63 20.66
C SER B 52 3.82 7.34 19.85
N LYS B 53 2.97 6.40 20.30
CA LYS B 53 2.59 5.20 19.54
C LYS B 53 1.99 5.55 18.17
N VAL B 54 1.00 6.46 18.17
CA VAL B 54 0.30 6.93 16.96
C VAL B 54 1.25 7.72 16.02
N ARG B 55 2.30 8.32 16.59
CA ARG B 55 3.36 9.05 15.88
C ARG B 55 4.21 8.15 14.95
N GLN B 56 4.63 6.97 15.41
CA GLN B 56 5.30 5.97 14.55
C GLN B 56 4.33 5.36 13.52
N LEU B 57 3.07 5.13 13.89
CA LEU B 57 2.01 4.71 12.98
C LEU B 57 1.88 5.65 11.76
N LEU B 58 2.05 6.96 11.93
CA LEU B 58 2.07 7.95 10.84
C LEU B 58 3.40 7.97 10.05
N ASP B 59 4.51 7.54 10.68
CA ASP B 59 5.83 7.48 10.04
C ASP B 59 5.87 6.38 8.96
N THR B 60 5.35 5.19 9.24
CA THR B 60 5.16 4.12 8.24
C THR B 60 4.29 4.58 7.06
N THR B 61 3.23 5.37 7.30
CA THR B 61 2.38 5.91 6.22
C THR B 61 3.12 6.77 5.20
N ASP B 62 4.35 7.24 5.48
CA ASP B 62 5.19 7.91 4.49
C ASP B 62 5.56 6.99 3.31
N ILE B 63 5.77 5.68 3.55
CA ILE B 63 6.01 4.71 2.47
C ILE B 63 4.68 4.12 1.97
N GLN B 64 3.68 3.94 2.86
CA GLN B 64 2.47 3.17 2.53
C GLN B 64 1.37 4.05 1.90
N GLY B 65 1.16 5.26 2.42
CA GLY B 65 0.04 6.10 2.03
C GLY B 65 -1.32 5.47 2.38
N GLU B 66 -2.10 5.08 1.37
CA GLU B 66 -3.50 4.67 1.54
C GLU B 66 -3.69 3.46 2.46
N GLU B 67 -2.65 2.65 2.69
CA GLU B 67 -2.70 1.44 3.51
C GLU B 67 -2.84 1.77 5.01
N PHE B 68 -1.79 2.30 5.63
CA PHE B 68 -1.80 2.71 7.04
C PHE B 68 -2.85 3.81 7.28
N ALA B 69 -3.16 4.62 6.26
CA ALA B 69 -4.26 5.59 6.32
C ALA B 69 -5.63 4.93 6.50
N LYS B 70 -5.97 3.91 5.69
CA LYS B 70 -7.25 3.18 5.81
C LYS B 70 -7.42 2.51 7.15
N VAL B 71 -6.33 1.99 7.70
CA VAL B 71 -6.32 1.42 9.06
C VAL B 71 -6.84 2.41 10.11
N ILE B 72 -6.68 3.72 9.92
CA ILE B 72 -7.13 4.72 10.90
C ILE B 72 -8.65 4.89 10.84
N VAL B 73 -9.19 5.28 9.67
CA VAL B 73 -10.64 5.41 9.40
C VAL B 73 -11.39 4.13 9.78
N GLN B 74 -10.90 2.97 9.33
CA GLN B 74 -11.57 1.69 9.48
C GLN B 74 -11.71 1.31 10.97
N LYS B 75 -10.69 1.57 11.79
CA LYS B 75 -10.71 1.38 13.26
C LYS B 75 -11.63 2.35 13.97
N LEU B 76 -11.56 3.64 13.65
CA LEU B 76 -12.43 4.68 14.21
C LEU B 76 -13.92 4.39 13.94
N LYS B 77 -14.25 3.93 12.73
CA LYS B 77 -15.58 3.42 12.37
C LYS B 77 -15.99 2.19 13.17
N ASP B 78 -15.09 1.21 13.33
CA ASP B 78 -15.36 0.01 14.13
C ASP B 78 -15.61 0.30 15.62
N ASN B 79 -14.95 1.33 16.16
CA ASN B 79 -15.11 1.81 17.54
C ASN B 79 -16.30 2.77 17.75
N LYS B 80 -17.03 3.15 16.69
CA LYS B 80 -18.08 4.20 16.71
C LYS B 80 -17.64 5.48 17.45
N GLN B 81 -16.38 5.86 17.23
CA GLN B 81 -15.77 7.05 17.84
C GLN B 81 -16.43 8.36 17.36
N MET B 82 -16.97 8.37 16.14
CA MET B 82 -17.70 9.48 15.48
C MET B 82 -16.92 10.81 15.39
N GLY B 83 -15.62 10.81 15.69
CA GLY B 83 -14.77 12.01 15.73
C GLY B 83 -14.53 12.65 14.36
N LEU B 84 -14.69 11.88 13.28
CA LEU B 84 -14.31 12.25 11.91
C LEU B 84 -15.37 11.80 10.89
N GLN B 85 -16.65 12.03 11.20
CA GLN B 85 -17.84 11.85 10.34
C GLN B 85 -17.56 11.85 8.80
N PRO B 86 -16.86 12.85 8.23
CA PRO B 86 -16.32 12.80 6.86
C PRO B 86 -15.15 11.80 6.71
N TYR B 87 -15.45 10.51 6.69
CA TYR B 87 -14.49 9.43 6.40
C TYR B 87 -14.25 9.22 4.88
N PRO B 88 -13.06 8.75 4.47
CA PRO B 88 -12.70 8.44 3.09
C PRO B 88 -13.28 7.08 2.61
N GLU B 89 -12.97 6.69 1.37
CA GLU B 89 -13.48 5.47 0.73
C GLU B 89 -12.49 4.29 0.81
N ILE B 90 -13.00 3.06 0.57
CA ILE B 90 -12.27 1.79 0.70
C ILE B 90 -12.39 1.00 -0.61
N LEU B 91 -11.53 1.38 -1.57
CA LEU B 91 -11.20 0.67 -2.83
C LEU B 91 -12.33 0.77 -3.89
N VAL B 92 -11.99 1.19 -5.13
CA VAL B 92 -13.00 1.48 -6.18
C VAL B 92 -12.52 1.21 -7.63
N VAL B 93 -11.39 0.49 -7.80
CA VAL B 93 -10.81 0.16 -9.12
C VAL B 93 -10.77 -1.36 -9.29
N SER B 94 -11.02 -1.83 -10.52
CA SER B 94 -10.97 -3.25 -10.88
C SER B 94 -9.82 -3.52 -11.87
N ARG B 95 -9.84 -2.83 -13.04
CA ARG B 95 -8.84 -2.94 -14.12
C ARG B 95 -9.01 -1.81 -15.16
N SER B 96 -8.67 -0.58 -14.79
CA SER B 96 -8.75 0.56 -15.72
C SER B 96 -7.68 0.52 -16.83
N PRO B 97 -7.96 0.99 -18.06
CA PRO B 97 -7.01 0.99 -19.18
C PRO B 97 -5.79 1.89 -18.93
N SER B 98 -5.90 2.88 -18.02
CA SER B 98 -4.81 3.77 -17.60
C SER B 98 -3.57 3.05 -17.06
N LEU B 99 -3.74 1.81 -16.56
CA LEU B 99 -2.67 0.96 -16.05
C LEU B 99 -2.44 -0.29 -16.92
N ASN B 100 -3.49 -0.78 -17.57
CA ASN B 100 -3.39 -1.85 -18.56
C ASN B 100 -2.63 -1.42 -19.83
N LEU B 101 -2.34 -2.39 -20.70
CA LEU B 101 -1.87 -2.08 -22.05
C LEU B 101 -2.91 -1.29 -22.83
N LEU B 102 -2.43 -0.30 -23.58
CA LEU B 102 -3.24 0.58 -24.44
C LEU B 102 -2.88 0.41 -25.93
N GLN B 103 -1.62 0.00 -26.20
CA GLN B 103 -0.97 -0.08 -27.51
C GLN B 103 -0.88 1.30 -28.20
N ASN B 104 0.35 1.79 -28.44
CA ASN B 104 0.60 3.09 -29.07
C ASN B 104 -0.14 4.29 -28.40
N LYS B 105 -0.24 4.25 -27.06
CA LYS B 105 -0.88 5.28 -26.20
C LYS B 105 -2.41 5.40 -26.36
N SER B 106 -3.07 4.31 -26.82
CA SER B 106 -4.51 4.16 -27.14
C SER B 106 -4.98 4.93 -28.38
N GLY A 5 -5.68 -9.12 -20.30
CA GLY A 5 -4.47 -8.29 -20.37
C GLY A 5 -3.36 -8.76 -19.42
N LEU A 6 -2.44 -9.59 -19.91
CA LEU A 6 -1.25 -10.00 -19.15
C LEU A 6 -0.27 -8.84 -18.93
N TYR A 7 0.42 -8.83 -17.79
CA TYR A 7 1.48 -7.86 -17.48
C TYR A 7 2.63 -7.88 -18.52
N SER A 8 2.95 -9.06 -19.08
CA SER A 8 3.90 -9.23 -20.19
C SER A 8 3.48 -8.51 -21.49
N SER A 9 2.19 -8.30 -21.72
CA SER A 9 1.65 -7.58 -22.90
C SER A 9 1.81 -6.05 -22.83
N LEU A 10 2.15 -5.46 -21.67
CA LEU A 10 2.46 -4.02 -21.58
C LEU A 10 3.80 -3.66 -22.27
N PRO A 11 3.94 -2.42 -22.77
CA PRO A 11 5.18 -1.93 -23.39
C PRO A 11 6.29 -1.68 -22.34
N PRO A 12 7.57 -1.60 -22.75
CA PRO A 12 8.70 -1.41 -21.84
C PRO A 12 8.65 -0.06 -21.08
N ALA A 13 8.16 1.00 -21.74
CA ALA A 13 7.98 2.33 -21.14
C ALA A 13 6.96 2.33 -19.98
N LYS A 14 5.90 1.51 -20.08
CA LYS A 14 4.93 1.32 -19.00
C LYS A 14 5.55 0.63 -17.79
N ARG A 15 6.30 -0.47 -18.01
CA ARG A 15 6.93 -1.24 -16.92
C ARG A 15 7.84 -0.38 -16.05
N GLU A 16 8.61 0.52 -16.68
CA GLU A 16 9.44 1.51 -16.00
C GLU A 16 8.65 2.43 -15.05
N GLU A 17 7.48 2.95 -15.45
CA GLU A 17 6.62 3.76 -14.56
C GLU A 17 6.14 2.97 -13.33
N VAL A 18 5.70 1.72 -13.52
CA VAL A 18 5.27 0.85 -12.41
C VAL A 18 6.43 0.56 -11.46
N GLU A 19 7.60 0.23 -12.00
CA GLU A 19 8.85 0.04 -11.25
C GLU A 19 9.30 1.27 -10.47
N LYS A 20 9.16 2.47 -11.04
CA LYS A 20 9.48 3.75 -10.37
C LYS A 20 8.61 3.98 -9.14
N LEU A 21 7.30 3.82 -9.29
CA LEU A 21 6.34 3.95 -8.20
C LEU A 21 6.44 2.80 -7.17
N LEU A 22 6.90 1.60 -7.55
CA LEU A 22 7.16 0.50 -6.61
C LEU A 22 8.47 0.68 -5.81
N ASN A 23 9.59 1.02 -6.45
CA ASN A 23 10.90 1.21 -5.78
C ASN A 23 10.97 2.53 -4.99
N GLY A 24 10.46 3.63 -5.57
CA GLY A 24 10.39 4.96 -4.95
C GLY A 24 9.01 5.23 -4.35
N SER A 25 8.83 6.39 -3.71
CA SER A 25 7.62 6.76 -2.94
C SER A 25 7.22 5.77 -1.83
N ALA A 26 8.03 4.73 -1.58
CA ALA A 26 7.77 3.60 -0.71
C ALA A 26 9.05 2.79 -0.41
N GLY A 27 8.89 1.60 0.22
CA GLY A 27 9.99 0.69 0.56
C GLY A 27 9.55 -0.73 0.95
N ASP A 28 8.42 -0.86 1.63
CA ASP A 28 7.81 -2.16 1.98
C ASP A 28 6.59 -2.54 1.08
N THR A 29 6.20 -1.69 0.13
CA THR A 29 5.06 -1.86 -0.81
C THR A 29 4.98 -3.26 -1.42
N TRP A 30 6.07 -3.67 -2.07
CA TRP A 30 6.23 -4.97 -2.72
C TRP A 30 6.05 -6.13 -1.74
N ARG A 31 6.52 -5.98 -0.49
CA ARG A 31 6.35 -6.96 0.60
C ARG A 31 4.86 -7.21 0.89
N HIS A 32 4.08 -6.14 0.99
CA HIS A 32 2.64 -6.23 1.22
C HIS A 32 1.95 -6.97 0.05
N LEU A 33 2.31 -6.61 -1.19
CA LEU A 33 1.76 -7.27 -2.39
C LEU A 33 2.08 -8.77 -2.42
N ALA A 34 3.33 -9.16 -2.13
CA ALA A 34 3.75 -10.56 -2.01
C ALA A 34 2.86 -11.32 -1.02
N GLY A 35 2.67 -10.78 0.19
CA GLY A 35 1.81 -11.38 1.22
C GLY A 35 0.42 -11.77 0.70
N GLU A 36 -0.25 -10.86 -0.03
CA GLU A 36 -1.57 -11.11 -0.60
C GLU A 36 -1.58 -11.96 -1.88
N LEU A 37 -0.46 -12.07 -2.59
CA LEU A 37 -0.24 -13.01 -3.70
C LEU A 37 -0.01 -14.46 -3.24
N GLY A 38 0.18 -14.69 -1.94
CA GLY A 38 0.33 -16.04 -1.33
C GLY A 38 1.63 -16.24 -0.54
N TYR A 39 2.51 -15.23 -0.50
CA TYR A 39 3.78 -15.25 0.24
C TYR A 39 3.56 -14.93 1.75
N GLN A 40 4.64 -14.77 2.53
CA GLN A 40 4.60 -14.61 4.00
C GLN A 40 5.46 -13.42 4.45
N PRO A 41 5.11 -12.71 5.54
CA PRO A 41 5.78 -11.46 5.93
C PRO A 41 7.26 -11.69 6.31
N GLU A 42 7.55 -12.74 7.08
CA GLU A 42 8.91 -13.13 7.45
C GLU A 42 9.72 -13.72 6.28
N HIS A 43 9.04 -14.32 5.29
CA HIS A 43 9.69 -14.93 4.13
C HIS A 43 10.26 -13.88 3.18
N ILE A 44 9.55 -12.75 3.02
CA ILE A 44 10.01 -11.59 2.25
C ILE A 44 11.28 -10.97 2.84
N ASP A 45 11.50 -11.07 4.16
CA ASP A 45 12.73 -10.59 4.83
C ASP A 45 14.02 -11.27 4.32
N SER A 46 13.92 -12.44 3.65
CA SER A 46 15.01 -13.04 2.88
C SER A 46 15.21 -12.39 1.51
N PHE A 47 14.13 -11.96 0.84
CA PHE A 47 14.19 -11.19 -0.42
C PHE A 47 14.70 -9.76 -0.22
N THR A 48 14.44 -9.08 0.91
CA THR A 48 14.90 -7.68 1.13
C THR A 48 16.42 -7.52 1.01
N HIS A 49 17.17 -8.58 1.31
CA HIS A 49 18.63 -8.63 1.24
C HIS A 49 19.18 -8.77 -0.21
N GLU A 50 18.32 -9.04 -1.20
CA GLU A 50 18.69 -9.12 -2.62
C GLU A 50 18.99 -7.73 -3.24
N ALA A 51 19.70 -7.70 -4.38
CA ALA A 51 20.02 -6.48 -5.12
C ALA A 51 18.83 -5.88 -5.91
N CYS A 52 17.80 -6.68 -6.18
CA CYS A 52 16.66 -6.34 -7.03
C CYS A 52 15.31 -6.87 -6.47
N PRO A 53 14.98 -6.65 -5.18
CA PRO A 53 13.84 -7.29 -4.51
C PRO A 53 12.49 -7.03 -5.19
N VAL A 54 12.25 -5.76 -5.52
CA VAL A 54 11.04 -5.30 -6.23
C VAL A 54 10.91 -5.99 -7.60
N ARG A 55 12.01 -6.05 -8.37
CA ARG A 55 12.05 -6.67 -9.70
C ARG A 55 11.87 -8.18 -9.63
N ALA A 56 12.55 -8.82 -8.68
CA ALA A 56 12.46 -10.25 -8.41
C ALA A 56 11.04 -10.68 -8.02
N LEU A 57 10.33 -9.91 -7.18
CA LEU A 57 8.94 -10.23 -6.83
C LEU A 57 8.03 -10.21 -8.07
N LEU A 58 8.09 -9.14 -8.87
CA LEU A 58 7.33 -9.03 -10.12
C LEU A 58 7.67 -10.17 -11.09
N ALA A 59 8.96 -10.48 -11.29
CA ALA A 59 9.41 -11.58 -12.14
C ALA A 59 8.96 -12.98 -11.63
N SER A 60 9.03 -13.21 -10.32
CA SER A 60 8.57 -14.45 -9.68
C SER A 60 7.05 -14.64 -9.82
N TRP A 61 6.25 -13.58 -9.65
CA TRP A 61 4.80 -13.66 -9.87
C TRP A 61 4.42 -13.71 -11.36
N ALA A 62 5.17 -13.02 -12.24
CA ALA A 62 4.98 -13.06 -13.69
C ALA A 62 5.11 -14.46 -14.32
N THR A 63 5.79 -15.41 -13.64
CA THR A 63 5.85 -16.81 -14.07
C THR A 63 4.51 -17.56 -13.94
N GLN A 64 3.60 -17.08 -13.09
CA GLN A 64 2.28 -17.70 -12.85
C GLN A 64 1.30 -17.37 -13.98
N ASP A 65 0.45 -18.32 -14.37
CA ASP A 65 -0.57 -18.10 -15.41
C ASP A 65 -1.62 -17.03 -15.02
N SER A 66 -1.79 -16.80 -13.72
CA SER A 66 -2.64 -15.77 -13.10
C SER A 66 -1.98 -14.37 -13.01
N ALA A 67 -0.85 -14.13 -13.69
CA ALA A 67 -0.16 -12.83 -13.79
C ALA A 67 -0.91 -11.73 -14.59
N THR A 68 -2.24 -11.73 -14.56
CA THR A 68 -3.10 -10.74 -15.24
C THR A 68 -3.12 -9.41 -14.50
N LEU A 69 -3.16 -8.31 -15.26
CA LEU A 69 -3.21 -6.96 -14.69
C LEU A 69 -4.47 -6.69 -13.86
N ASP A 70 -5.60 -7.33 -14.20
CA ASP A 70 -6.85 -7.22 -13.44
C ASP A 70 -6.68 -7.75 -12.01
N ALA A 71 -6.09 -8.95 -11.88
CA ALA A 71 -5.81 -9.57 -10.60
C ALA A 71 -4.73 -8.82 -9.81
N LEU A 72 -3.70 -8.29 -10.49
CA LEU A 72 -2.69 -7.42 -9.89
C LEU A 72 -3.35 -6.17 -9.27
N LEU A 73 -4.18 -5.47 -10.04
CA LEU A 73 -4.90 -4.28 -9.57
C LEU A 73 -5.80 -4.57 -8.36
N ALA A 74 -6.55 -5.68 -8.39
CA ALA A 74 -7.37 -6.11 -7.25
C ALA A 74 -6.53 -6.56 -6.03
N ALA A 75 -5.33 -7.14 -6.23
CA ALA A 75 -4.43 -7.55 -5.15
C ALA A 75 -3.87 -6.36 -4.35
N LEU A 76 -3.63 -5.21 -4.99
CA LEU A 76 -3.23 -3.96 -4.33
C LEU A 76 -4.31 -3.46 -3.36
N ARG A 77 -5.59 -3.79 -3.61
CA ARG A 77 -6.71 -3.41 -2.74
C ARG A 77 -6.78 -4.23 -1.45
N ARG A 78 -6.32 -5.49 -1.46
CA ARG A 78 -6.28 -6.36 -0.27
C ARG A 78 -5.43 -5.78 0.86
N ILE A 79 -4.30 -5.18 0.49
CA ILE A 79 -3.41 -4.41 1.38
C ILE A 79 -3.88 -2.96 1.56
N GLN A 80 -5.03 -2.56 1.02
CA GLN A 80 -5.53 -1.18 1.03
C GLN A 80 -4.66 -0.14 0.28
N ARG A 81 -3.69 -0.53 -0.55
CA ARG A 81 -2.69 0.34 -1.24
C ARG A 81 -3.23 1.10 -2.44
N ALA A 82 -4.51 1.44 -2.43
CA ALA A 82 -5.16 2.19 -3.51
C ALA A 82 -4.50 3.56 -3.82
N ASP A 83 -3.66 4.13 -2.94
CA ASP A 83 -2.87 5.35 -3.19
C ASP A 83 -2.00 5.24 -4.45
N LEU A 84 -1.12 4.24 -4.51
CA LEU A 84 -0.26 4.03 -5.68
C LEU A 84 -1.07 3.71 -6.94
N VAL A 85 -2.18 2.99 -6.76
CA VAL A 85 -3.09 2.62 -7.85
C VAL A 85 -3.78 3.83 -8.46
N GLU A 86 -4.29 4.74 -7.63
CA GLU A 86 -4.92 5.99 -8.07
C GLU A 86 -3.88 6.97 -8.63
N SER A 87 -2.66 7.02 -8.06
CA SER A 87 -1.56 7.79 -8.63
C SER A 87 -1.27 7.33 -10.05
N LEU A 88 -1.24 6.02 -10.32
CA LEU A 88 -1.11 5.50 -11.68
C LEU A 88 -2.33 5.80 -12.57
N CYS A 89 -3.56 5.66 -12.08
CA CYS A 89 -4.76 5.97 -12.88
C CYS A 89 -4.88 7.45 -13.25
N SER A 90 -4.36 8.36 -12.41
CA SER A 90 -4.34 9.82 -12.60
C SER A 90 -3.06 10.34 -13.28
N GLU A 91 -1.98 9.56 -13.33
CA GLU A 91 -0.67 9.91 -13.94
C GLU A 91 -0.30 8.97 -15.12
N SER A 92 -1.29 8.29 -15.68
CA SER A 92 -1.18 7.52 -16.93
C SER A 92 -0.62 8.37 -18.10
N THR A 93 -0.95 9.67 -18.14
CA THR A 93 -0.46 10.66 -19.13
C THR A 93 0.74 11.45 -18.59
N ALA A 94 1.79 10.74 -18.12
CA ALA A 94 3.08 11.32 -17.74
C ALA A 94 4.04 11.48 -18.93
N THR A 95 5.21 12.09 -18.69
CA THR A 95 6.27 12.29 -19.70
C THR A 95 7.17 11.04 -19.82
N SER A 96 7.95 10.74 -18.78
CA SER A 96 8.98 9.68 -18.73
C SER A 96 9.29 9.27 -17.28
N PRO A 97 9.82 8.05 -17.05
CA PRO A 97 10.19 7.55 -15.72
C PRO A 97 11.40 8.32 -15.15
N VAL A 98 11.19 9.09 -14.06
CA VAL A 98 12.19 9.96 -13.40
C VAL A 98 12.09 9.95 -11.87
N ILE B 2 -7.68 9.66 -2.04
CA ILE B 2 -8.73 10.21 -1.17
C ILE B 2 -8.41 9.95 0.30
N ALA B 3 -8.24 8.69 0.71
CA ALA B 3 -7.88 8.39 2.10
C ALA B 3 -6.43 8.76 2.45
N GLN B 4 -5.52 8.78 1.46
CA GLN B 4 -4.15 9.26 1.65
C GLN B 4 -4.14 10.73 2.06
N GLN B 5 -4.78 11.59 1.25
CA GLN B 5 -4.95 13.02 1.54
C GLN B 5 -5.79 13.25 2.80
N TRP B 6 -6.86 12.49 3.03
CA TRP B 6 -7.70 12.63 4.22
C TRP B 6 -6.87 12.47 5.49
N ILE B 7 -6.05 11.41 5.59
CA ILE B 7 -5.15 11.21 6.74
C ILE B 7 -4.10 12.33 6.82
N GLN B 8 -3.43 12.65 5.70
CA GLN B 8 -2.36 13.66 5.65
C GLN B 8 -2.85 15.13 5.71
N SER B 9 -4.15 15.37 5.87
CA SER B 9 -4.78 16.71 6.00
C SER B 9 -5.27 17.01 7.42
N LYS B 10 -5.64 15.96 8.17
CA LYS B 10 -6.16 16.04 9.55
C LYS B 10 -5.41 15.11 10.52
N ARG B 11 -4.10 14.91 10.32
CA ARG B 11 -3.21 14.19 11.27
C ARG B 11 -3.38 14.64 12.73
N GLU B 12 -3.52 15.96 12.93
CA GLU B 12 -3.76 16.58 14.24
C GLU B 12 -5.17 16.32 14.81
N ASP B 13 -6.03 15.58 14.11
CA ASP B 13 -7.37 15.19 14.53
C ASP B 13 -7.49 13.68 14.73
N ILE B 14 -7.05 12.83 13.79
CA ILE B 14 -7.07 11.37 13.98
C ILE B 14 -6.34 10.96 15.27
N VAL B 15 -5.13 11.48 15.50
CA VAL B 15 -4.32 11.17 16.68
C VAL B 15 -4.99 11.62 17.99
N ASN B 16 -5.76 12.71 17.96
CA ASN B 16 -6.50 13.20 19.12
C ASN B 16 -7.84 12.48 19.35
N GLN B 17 -8.48 12.01 18.27
CA GLN B 17 -9.74 11.26 18.30
C GLN B 17 -9.50 9.81 18.74
N MET B 18 -8.61 9.08 18.06
CA MET B 18 -8.26 7.70 18.39
C MET B 18 -7.41 7.62 19.69
N THR B 19 -7.33 6.43 20.28
CA THR B 19 -6.54 6.18 21.50
C THR B 19 -5.71 4.90 21.36
N GLU B 20 -4.98 4.54 22.41
CA GLU B 20 -4.17 3.31 22.49
C GLU B 20 -5.00 2.04 22.20
N ALA B 21 -6.31 2.06 22.51
CA ALA B 21 -7.24 0.98 22.18
C ALA B 21 -7.42 0.80 20.66
N CYS B 22 -7.65 1.89 19.91
CA CYS B 22 -7.67 1.86 18.45
C CYS B 22 -6.30 1.49 17.88
N LEU B 23 -5.21 2.06 18.42
CA LEU B 23 -3.84 1.82 17.96
C LEU B 23 -3.42 0.34 18.09
N ASN B 24 -3.71 -0.31 19.23
CA ASN B 24 -3.46 -1.75 19.39
C ASN B 24 -4.24 -2.60 18.37
N GLN B 25 -5.53 -2.29 18.15
CA GLN B 25 -6.34 -3.00 17.16
C GLN B 25 -5.87 -2.79 15.72
N SER B 26 -5.51 -1.57 15.32
CA SER B 26 -4.93 -1.31 14.00
C SER B 26 -3.63 -2.08 13.84
N LEU B 27 -2.71 -2.03 14.80
CA LEU B 27 -1.46 -2.80 14.78
C LEU B 27 -1.66 -4.31 14.54
N ASP B 28 -2.60 -4.95 15.23
CA ASP B 28 -2.92 -6.37 14.99
C ASP B 28 -3.51 -6.61 13.59
N ALA B 29 -4.38 -5.71 13.11
CA ALA B 29 -4.98 -5.78 11.79
C ALA B 29 -3.95 -5.61 10.65
N LEU B 30 -3.03 -4.66 10.78
CA LEU B 30 -1.92 -4.40 9.85
C LEU B 30 -1.05 -5.65 9.66
N LEU B 31 -0.74 -6.36 10.74
CA LEU B 31 0.00 -7.63 10.67
C LEU B 31 -0.73 -8.70 9.84
N SER B 32 -2.07 -8.79 9.98
CA SER B 32 -2.93 -9.77 9.29
C SER B 32 -2.96 -9.60 7.76
N ARG B 33 -2.76 -8.37 7.27
CA ARG B 33 -2.67 -8.01 5.82
C ARG B 33 -1.22 -7.94 5.32
N ASP B 34 -0.27 -8.48 6.10
CA ASP B 34 1.17 -8.45 5.83
C ASP B 34 1.70 -7.02 5.61
N LEU B 35 1.08 -6.05 6.29
CA LEU B 35 1.29 -4.62 6.06
C LEU B 35 2.47 -4.02 6.83
N ILE B 36 2.96 -4.76 7.80
CA ILE B 36 4.13 -4.42 8.62
C ILE B 36 4.77 -5.72 9.10
N MET B 37 6.05 -5.90 8.78
CA MET B 37 6.80 -7.10 9.17
C MET B 37 7.23 -6.97 10.64
N LYS B 38 7.54 -8.10 11.29
CA LYS B 38 8.07 -8.12 12.67
C LYS B 38 9.27 -7.18 12.86
N GLU B 39 10.12 -7.04 11.85
CA GLU B 39 11.29 -6.13 11.85
C GLU B 39 10.93 -4.65 12.11
N ASP B 40 9.76 -4.20 11.67
CA ASP B 40 9.29 -2.81 11.87
C ASP B 40 8.15 -2.73 12.90
N TYR B 41 7.45 -3.84 13.15
CA TYR B 41 6.42 -3.97 14.18
C TYR B 41 7.00 -3.97 15.61
N GLU B 42 8.19 -4.53 15.83
CA GLU B 42 8.89 -4.31 17.11
C GLU B 42 9.22 -2.82 17.32
N LEU B 43 9.45 -2.05 16.24
CA LEU B 43 9.78 -0.62 16.28
C LEU B 43 8.62 0.28 16.74
N VAL B 44 7.36 -0.07 16.46
CA VAL B 44 6.17 0.64 16.97
C VAL B 44 5.79 0.18 18.39
N SER B 45 6.20 -1.03 18.79
CA SER B 45 6.03 -1.52 20.16
C SER B 45 6.88 -0.75 21.19
N THR B 46 7.99 -0.10 20.79
CA THR B 46 8.89 0.71 21.67
C THR B 46 8.30 2.05 22.15
N LYS B 47 7.03 2.34 21.84
CA LYS B 47 6.31 3.55 22.25
C LYS B 47 5.47 3.31 23.52
N PRO B 48 5.93 3.68 24.73
CA PRO B 48 5.17 3.54 25.98
C PRO B 48 4.05 4.59 26.15
N THR B 49 3.99 5.60 25.27
CA THR B 49 3.06 6.74 25.33
C THR B 49 1.99 6.61 24.23
N ARG B 50 0.70 6.75 24.59
CA ARG B 50 -0.45 6.60 23.69
C ARG B 50 -0.35 7.41 22.41
N THR B 51 -0.06 8.71 22.51
CA THR B 51 0.12 9.62 21.35
C THR B 51 1.37 9.25 20.54
N SER B 52 2.46 8.89 21.22
CA SER B 52 3.72 8.47 20.59
C SER B 52 3.61 7.16 19.80
N LYS B 53 2.74 6.23 20.22
CA LYS B 53 2.37 5.04 19.41
C LYS B 53 1.88 5.44 18.01
N VAL B 54 0.98 6.42 17.96
CA VAL B 54 0.41 6.94 16.72
C VAL B 54 1.45 7.64 15.85
N ARG B 55 2.45 8.32 16.43
CA ARG B 55 3.59 8.90 15.67
C ARG B 55 4.36 7.85 14.86
N GLN B 56 4.85 6.78 15.50
CA GLN B 56 5.61 5.73 14.78
C GLN B 56 4.71 4.93 13.82
N LEU B 57 3.43 4.72 14.15
CA LEU B 57 2.44 4.17 13.22
C LEU B 57 2.25 5.07 11.97
N LEU B 58 2.17 6.39 12.12
CA LEU B 58 2.06 7.32 10.98
C LEU B 58 3.36 7.43 10.15
N ASP B 59 4.51 7.02 10.70
CA ASP B 59 5.79 6.97 9.98
C ASP B 59 5.80 5.87 8.90
N THR B 60 5.18 4.71 9.15
CA THR B 60 4.98 3.69 8.12
C THR B 60 4.08 4.20 7.00
N THR B 61 3.04 5.01 7.28
CA THR B 61 2.14 5.57 6.26
C THR B 61 2.87 6.33 5.14
N ASP B 62 4.07 6.87 5.38
CA ASP B 62 4.87 7.53 4.34
C ASP B 62 5.22 6.60 3.16
N ILE B 63 5.38 5.29 3.40
CA ILE B 63 5.62 4.30 2.32
C ILE B 63 4.30 3.76 1.76
N GLN B 64 3.27 3.70 2.61
CA GLN B 64 2.05 2.93 2.37
C GLN B 64 1.00 3.74 1.61
N GLY B 65 0.83 5.00 2.03
CA GLY B 65 -0.16 5.92 1.52
C GLY B 65 -1.56 5.65 2.06
N GLU B 66 -2.33 4.78 1.40
CA GLU B 66 -3.75 4.56 1.72
C GLU B 66 -4.00 3.38 2.67
N GLU B 67 -2.94 2.70 3.11
CA GLU B 67 -3.04 1.43 3.83
C GLU B 67 -3.07 1.62 5.35
N PHE B 68 -1.93 2.04 5.92
CA PHE B 68 -1.79 2.51 7.29
C PHE B 68 -2.69 3.72 7.59
N ALA B 69 -3.10 4.46 6.55
CA ALA B 69 -4.12 5.50 6.65
C ALA B 69 -5.52 4.91 6.89
N LYS B 70 -6.03 4.11 5.93
CA LYS B 70 -7.40 3.56 6.02
C LYS B 70 -7.62 2.69 7.22
N VAL B 71 -6.63 1.91 7.64
CA VAL B 71 -6.73 1.11 8.86
C VAL B 71 -7.21 1.92 10.08
N ILE B 72 -6.77 3.17 10.23
CA ILE B 72 -7.22 4.02 11.34
C ILE B 72 -8.67 4.45 11.13
N VAL B 73 -9.00 4.94 9.92
CA VAL B 73 -10.38 5.36 9.56
C VAL B 73 -11.40 4.23 9.74
N GLN B 74 -10.96 2.99 9.52
CA GLN B 74 -11.75 1.77 9.67
C GLN B 74 -11.85 1.29 11.13
N LYS B 75 -10.85 1.53 11.99
CA LYS B 75 -10.92 1.22 13.44
C LYS B 75 -11.63 2.29 14.27
N LEU B 76 -11.65 3.53 13.82
CA LEU B 76 -12.42 4.60 14.44
C LEU B 76 -13.94 4.27 14.52
N LYS B 77 -14.55 3.85 13.41
CA LYS B 77 -15.99 3.47 13.37
C LYS B 77 -16.31 2.13 14.03
N ASP B 78 -15.34 1.22 14.16
CA ASP B 78 -15.49 -0.06 14.89
C ASP B 78 -15.92 0.15 16.36
N ASN B 79 -15.46 1.25 16.98
CA ASN B 79 -15.92 1.69 18.30
C ASN B 79 -17.08 2.70 18.20
N LYS B 80 -16.79 4.01 18.10
CA LYS B 80 -17.75 5.14 18.28
C LYS B 80 -17.09 6.53 18.19
N GLN B 81 -16.86 7.04 16.98
CA GLN B 81 -16.09 8.27 16.77
C GLN B 81 -16.85 9.28 15.88
N MET B 82 -17.41 10.34 16.48
CA MET B 82 -18.28 11.31 15.81
C MET B 82 -17.54 12.50 15.19
N GLY B 83 -16.25 12.71 15.52
CA GLY B 83 -15.45 13.83 15.00
C GLY B 83 -14.95 13.65 13.56
N LEU B 84 -15.03 12.43 13.01
CA LEU B 84 -14.50 12.07 11.69
C LEU B 84 -15.51 11.27 10.84
N GLN B 85 -16.81 11.35 11.17
CA GLN B 85 -17.95 10.83 10.38
C GLN B 85 -17.77 10.89 8.83
N PRO B 86 -17.31 12.01 8.22
CA PRO B 86 -16.99 12.08 6.79
C PRO B 86 -15.67 11.35 6.46
N TYR B 87 -15.71 10.01 6.49
CA TYR B 87 -14.60 9.15 6.10
C TYR B 87 -14.34 9.16 4.58
N PRO B 88 -13.12 8.84 4.13
CA PRO B 88 -12.74 8.74 2.72
C PRO B 88 -13.25 7.45 2.06
N GLU B 89 -12.99 7.30 0.75
CA GLU B 89 -13.34 6.11 -0.03
C GLU B 89 -12.62 4.84 0.42
N ILE B 90 -13.26 3.69 0.19
CA ILE B 90 -12.75 2.34 0.53
C ILE B 90 -12.76 1.48 -0.75
N LEU B 91 -11.64 1.51 -1.49
CA LEU B 91 -11.29 0.55 -2.55
C LEU B 91 -12.20 0.61 -3.78
N VAL B 92 -12.18 1.77 -4.46
CA VAL B 92 -13.03 2.07 -5.63
C VAL B 92 -12.42 1.65 -6.99
N VAL B 93 -11.18 1.15 -7.02
CA VAL B 93 -10.52 0.70 -8.26
C VAL B 93 -11.05 -0.67 -8.70
N SER B 94 -11.24 -0.84 -10.01
CA SER B 94 -11.51 -2.15 -10.64
C SER B 94 -10.46 -2.49 -11.70
N ARG B 95 -10.15 -1.55 -12.61
CA ARG B 95 -9.23 -1.77 -13.75
C ARG B 95 -8.72 -0.45 -14.36
N SER B 96 -7.93 0.29 -13.59
CA SER B 96 -7.23 1.53 -14.01
C SER B 96 -6.66 1.44 -15.44
N PRO B 97 -6.75 2.50 -16.27
CA PRO B 97 -6.19 2.50 -17.63
C PRO B 97 -4.66 2.39 -17.65
N SER B 98 -4.00 2.65 -16.51
CA SER B 98 -2.55 2.60 -16.37
C SER B 98 -2.04 1.16 -16.26
N LEU B 99 -2.51 0.40 -15.26
CA LEU B 99 -2.16 -1.01 -15.07
C LEU B 99 -3.21 -1.91 -15.74
N ASN B 100 -3.43 -1.70 -17.05
CA ASN B 100 -4.33 -2.50 -17.89
C ASN B 100 -3.94 -2.39 -19.37
N LEU B 101 -4.45 -3.31 -20.19
CA LEU B 101 -4.49 -3.22 -21.65
C LEU B 101 -5.76 -3.87 -22.22
N LEU B 102 -6.22 -3.40 -23.38
CA LEU B 102 -7.37 -3.97 -24.11
C LEU B 102 -7.30 -3.72 -25.64
N GLN B 103 -6.16 -3.19 -26.11
CA GLN B 103 -5.93 -2.71 -27.47
C GLN B 103 -4.40 -2.57 -27.71
N ASN B 104 -4.02 -2.10 -28.92
CA ASN B 104 -2.64 -1.86 -29.37
C ASN B 104 -1.79 -3.15 -29.44
N LYS B 105 -1.71 -3.75 -30.64
CA LYS B 105 -0.87 -4.94 -30.92
C LYS B 105 0.60 -4.67 -30.60
N SER B 106 1.19 -5.45 -29.69
CA SER B 106 2.61 -5.45 -29.30
C SER B 106 2.99 -6.67 -28.46
N GLY A 5 -5.54 -7.41 -20.12
CA GLY A 5 -4.36 -8.03 -20.75
C GLY A 5 -3.38 -8.59 -19.72
N LEU A 6 -2.46 -9.42 -20.21
CA LEU A 6 -1.42 -10.05 -19.40
C LEU A 6 -0.34 -9.02 -19.04
N TYR A 7 0.26 -9.10 -17.86
CA TYR A 7 1.39 -8.21 -17.49
C TYR A 7 2.57 -8.33 -18.47
N SER A 8 2.80 -9.53 -19.02
CA SER A 8 3.77 -9.79 -20.09
C SER A 8 3.35 -9.27 -21.48
N SER A 9 2.07 -8.97 -21.69
CA SER A 9 1.56 -8.38 -22.95
C SER A 9 1.84 -6.87 -23.07
N LEU A 10 2.04 -6.17 -21.94
CA LEU A 10 2.38 -4.74 -21.92
C LEU A 10 3.73 -4.43 -22.59
N PRO A 11 3.86 -3.23 -23.19
CA PRO A 11 5.11 -2.76 -23.79
C PRO A 11 6.17 -2.41 -22.71
N PRO A 12 7.47 -2.35 -23.07
CA PRO A 12 8.56 -2.09 -22.13
C PRO A 12 8.47 -0.70 -21.47
N ALA A 13 7.99 0.30 -22.22
CA ALA A 13 7.78 1.66 -21.73
C ALA A 13 6.72 1.76 -20.61
N LYS A 14 5.68 0.91 -20.62
CA LYS A 14 4.68 0.86 -19.56
C LYS A 14 5.19 0.19 -18.28
N ARG A 15 6.05 -0.82 -18.40
CA ARG A 15 6.66 -1.50 -17.24
C ARG A 15 7.57 -0.55 -16.45
N GLU A 16 8.31 0.32 -17.15
CA GLU A 16 9.08 1.41 -16.55
C GLU A 16 8.22 2.37 -15.71
N GLU A 17 7.03 2.77 -16.18
CA GLU A 17 6.09 3.61 -15.41
C GLU A 17 5.66 2.99 -14.09
N VAL A 18 5.38 1.67 -14.06
CA VAL A 18 5.04 0.94 -12.82
C VAL A 18 6.25 0.91 -11.87
N GLU A 19 7.42 0.53 -12.37
CA GLU A 19 8.67 0.52 -11.61
C GLU A 19 9.05 1.90 -11.06
N LYS A 20 8.82 3.00 -11.79
CA LYS A 20 9.10 4.37 -11.32
C LYS A 20 8.27 4.72 -10.09
N LEU A 21 6.99 4.35 -10.08
CA LEU A 21 6.08 4.64 -8.98
C LEU A 21 6.51 3.92 -7.69
N LEU A 22 6.90 2.64 -7.79
CA LEU A 22 7.51 1.89 -6.69
C LEU A 22 8.88 2.49 -6.31
N ASN A 23 9.77 2.79 -7.25
CA ASN A 23 11.09 3.39 -6.99
C ASN A 23 11.02 4.66 -6.12
N GLY A 24 10.04 5.54 -6.36
CA GLY A 24 9.84 6.76 -5.57
C GLY A 24 9.41 6.51 -4.11
N SER A 25 8.66 5.43 -3.87
CA SER A 25 8.01 5.13 -2.58
C SER A 25 7.85 3.61 -2.35
N ALA A 26 8.97 2.87 -2.32
CA ALA A 26 8.94 1.42 -2.12
C ALA A 26 8.89 1.06 -0.64
N GLY A 27 10.01 1.13 0.08
CA GLY A 27 10.15 0.65 1.46
C GLY A 27 9.65 -0.80 1.66
N ASP A 28 8.37 -0.96 1.99
CA ASP A 28 7.71 -2.25 2.20
C ASP A 28 6.54 -2.53 1.24
N THR A 29 6.18 -1.58 0.36
CA THR A 29 5.02 -1.67 -0.57
C THR A 29 4.97 -2.98 -1.36
N TRP A 30 6.08 -3.31 -2.01
CA TRP A 30 6.27 -4.54 -2.75
C TRP A 30 6.12 -5.80 -1.86
N ARG A 31 6.55 -5.73 -0.60
CA ARG A 31 6.44 -6.83 0.38
C ARG A 31 4.99 -7.16 0.71
N HIS A 32 4.14 -6.14 0.90
CA HIS A 32 2.71 -6.36 1.11
C HIS A 32 2.12 -7.12 -0.09
N LEU A 33 2.41 -6.67 -1.31
CA LEU A 33 1.87 -7.27 -2.54
C LEU A 33 2.30 -8.74 -2.68
N ALA A 34 3.57 -9.04 -2.44
CA ALA A 34 4.05 -10.43 -2.37
C ALA A 34 3.26 -11.26 -1.35
N GLY A 35 3.09 -10.74 -0.13
CA GLY A 35 2.33 -11.39 0.94
C GLY A 35 0.93 -11.85 0.50
N GLU A 36 0.18 -10.96 -0.16
CA GLU A 36 -1.15 -11.30 -0.70
C GLU A 36 -1.14 -12.20 -1.94
N LEU A 37 -0.06 -12.24 -2.72
CA LEU A 37 0.15 -13.18 -3.82
C LEU A 37 0.49 -14.62 -3.36
N GLY A 38 0.73 -14.82 -2.06
CA GLY A 38 0.98 -16.13 -1.44
C GLY A 38 2.34 -16.25 -0.73
N TYR A 39 3.17 -15.21 -0.77
CA TYR A 39 4.46 -15.15 -0.06
C TYR A 39 4.26 -14.83 1.44
N GLN A 40 5.35 -14.61 2.20
CA GLN A 40 5.32 -14.45 3.66
C GLN A 40 6.12 -13.19 4.08
N PRO A 41 5.69 -12.44 5.11
CA PRO A 41 6.30 -11.15 5.46
C PRO A 41 7.77 -11.24 5.89
N GLU A 42 8.10 -12.31 6.63
CA GLU A 42 9.47 -12.63 7.06
C GLU A 42 10.34 -13.21 5.92
N HIS A 43 9.72 -13.82 4.91
CA HIS A 43 10.42 -14.45 3.78
C HIS A 43 10.93 -13.40 2.78
N ILE A 44 10.12 -12.35 2.56
CA ILE A 44 10.49 -11.19 1.76
C ILE A 44 11.61 -10.37 2.42
N ASP A 45 11.80 -10.49 3.74
CA ASP A 45 12.88 -9.82 4.47
C ASP A 45 14.29 -10.24 4.01
N SER A 46 14.49 -11.51 3.64
CA SER A 46 15.71 -11.96 2.94
C SER A 46 15.72 -11.58 1.46
N PHE A 47 14.54 -11.51 0.82
CA PHE A 47 14.39 -11.12 -0.58
C PHE A 47 14.80 -9.64 -0.84
N THR A 48 14.59 -8.73 0.13
CA THR A 48 15.04 -7.32 0.06
C THR A 48 16.55 -7.17 -0.08
N HIS A 49 17.33 -8.19 0.32
CA HIS A 49 18.79 -8.18 0.29
C HIS A 49 19.39 -8.36 -1.13
N GLU A 50 18.56 -8.62 -2.15
CA GLU A 50 18.99 -8.71 -3.56
C GLU A 50 19.28 -7.32 -4.18
N ALA A 51 19.97 -7.30 -5.33
CA ALA A 51 20.27 -6.06 -6.08
C ALA A 51 19.03 -5.37 -6.70
N CYS A 52 17.96 -6.14 -6.97
CA CYS A 52 16.77 -5.68 -7.69
C CYS A 52 15.47 -6.27 -7.07
N PRO A 53 15.17 -6.00 -5.78
CA PRO A 53 14.09 -6.66 -5.06
C PRO A 53 12.70 -6.40 -5.65
N VAL A 54 12.39 -5.13 -5.96
CA VAL A 54 11.14 -4.72 -6.62
C VAL A 54 10.98 -5.41 -7.97
N ARG A 55 12.00 -5.35 -8.85
CA ARG A 55 11.96 -5.98 -10.18
C ARG A 55 11.83 -7.50 -10.11
N ALA A 56 12.57 -8.14 -9.19
CA ALA A 56 12.55 -9.58 -8.98
C ALA A 56 11.18 -10.09 -8.53
N LEU A 57 10.41 -9.32 -7.74
CA LEU A 57 9.03 -9.69 -7.39
C LEU A 57 8.16 -9.77 -8.65
N LEU A 58 8.22 -8.75 -9.52
CA LEU A 58 7.45 -8.71 -10.76
C LEU A 58 7.81 -9.89 -11.67
N ALA A 59 9.11 -10.18 -11.83
CA ALA A 59 9.61 -11.35 -12.57
C ALA A 59 9.22 -12.70 -11.94
N SER A 60 9.24 -12.80 -10.61
CA SER A 60 8.87 -14.01 -9.87
C SER A 60 7.37 -14.29 -9.98
N TRP A 61 6.51 -13.27 -9.83
CA TRP A 61 5.07 -13.41 -10.02
C TRP A 61 4.68 -13.60 -11.49
N ALA A 62 5.42 -13.05 -12.46
CA ALA A 62 5.20 -13.27 -13.90
C ALA A 62 5.26 -14.75 -14.32
N THR A 63 5.88 -15.63 -13.54
CA THR A 63 5.85 -17.09 -13.77
C THR A 63 4.48 -17.72 -13.50
N GLN A 64 3.64 -17.10 -12.65
CA GLN A 64 2.29 -17.60 -12.34
C GLN A 64 1.38 -17.44 -13.56
N ASP A 65 0.84 -18.56 -14.08
CA ASP A 65 -0.05 -18.70 -15.25
C ASP A 65 0.23 -17.71 -16.40
N SER A 66 -0.37 -16.52 -16.35
CA SER A 66 -0.22 -15.42 -17.30
C SER A 66 -0.22 -14.03 -16.65
N ALA A 67 -0.25 -13.97 -15.32
CA ALA A 67 -0.11 -12.76 -14.50
C ALA A 67 -0.94 -11.56 -15.02
N THR A 68 -2.26 -11.72 -15.16
CA THR A 68 -3.16 -10.64 -15.61
C THR A 68 -3.14 -9.42 -14.70
N LEU A 69 -3.16 -8.22 -15.30
CA LEU A 69 -3.29 -6.97 -14.53
C LEU A 69 -4.56 -6.96 -13.66
N ASP A 70 -5.66 -7.53 -14.14
CA ASP A 70 -6.91 -7.63 -13.39
C ASP A 70 -6.74 -8.23 -11.99
N ALA A 71 -5.98 -9.32 -11.87
CA ALA A 71 -5.67 -9.94 -10.59
C ALA A 71 -4.70 -9.08 -9.74
N LEU A 72 -3.68 -8.46 -10.37
CA LEU A 72 -2.71 -7.57 -9.73
C LEU A 72 -3.39 -6.33 -9.12
N LEU A 73 -4.30 -5.71 -9.86
CA LEU A 73 -5.10 -4.56 -9.43
C LEU A 73 -5.90 -4.87 -8.17
N ALA A 74 -6.61 -6.01 -8.16
CA ALA A 74 -7.35 -6.47 -6.98
C ALA A 74 -6.43 -6.91 -5.82
N ALA A 75 -5.24 -7.46 -6.10
CA ALA A 75 -4.28 -7.84 -5.06
C ALA A 75 -3.70 -6.64 -4.30
N LEU A 76 -3.47 -5.50 -4.98
CA LEU A 76 -3.13 -4.22 -4.33
C LEU A 76 -4.25 -3.75 -3.39
N ARG A 77 -5.52 -4.06 -3.67
CA ARG A 77 -6.64 -3.68 -2.79
C ARG A 77 -6.64 -4.43 -1.46
N ARG A 78 -6.28 -5.72 -1.45
CA ARG A 78 -6.21 -6.56 -0.25
C ARG A 78 -5.23 -6.05 0.80
N ILE A 79 -4.11 -5.49 0.36
CA ILE A 79 -3.12 -4.80 1.20
C ILE A 79 -3.45 -3.33 1.47
N GLN A 80 -4.65 -2.87 1.12
CA GLN A 80 -5.11 -1.48 1.27
C GLN A 80 -4.40 -0.46 0.32
N ARG A 81 -3.51 -0.90 -0.58
CA ARG A 81 -2.70 -0.12 -1.57
C ARG A 81 -3.48 0.37 -2.79
N ALA A 82 -4.58 1.09 -2.59
CA ALA A 82 -5.16 1.85 -3.71
C ALA A 82 -4.34 3.09 -4.11
N ASP A 83 -3.32 3.53 -3.35
CA ASP A 83 -2.47 4.68 -3.76
C ASP A 83 -1.67 4.40 -5.04
N LEU A 84 -1.11 3.19 -5.20
CA LEU A 84 -0.41 2.82 -6.45
C LEU A 84 -1.40 2.78 -7.61
N VAL A 85 -2.58 2.20 -7.35
CA VAL A 85 -3.60 2.00 -8.37
C VAL A 85 -4.14 3.34 -8.84
N GLU A 86 -4.62 4.18 -7.92
CA GLU A 86 -5.18 5.49 -8.26
C GLU A 86 -4.14 6.43 -8.87
N SER A 87 -2.88 6.41 -8.40
CA SER A 87 -1.80 7.20 -9.00
C SER A 87 -1.57 6.82 -10.45
N LEU A 88 -1.41 5.53 -10.79
CA LEU A 88 -1.25 5.12 -12.20
C LEU A 88 -2.52 5.34 -13.04
N CYS A 89 -3.71 5.10 -12.49
CA CYS A 89 -4.99 5.43 -13.13
C CYS A 89 -5.18 6.94 -13.41
N SER A 90 -4.49 7.83 -12.69
CA SER A 90 -4.55 9.29 -12.87
C SER A 90 -3.30 9.89 -13.56
N GLU A 91 -2.17 9.19 -13.58
CA GLU A 91 -0.93 9.58 -14.28
C GLU A 91 -0.87 9.04 -15.72
N SER A 92 -1.88 8.25 -16.15
CA SER A 92 -1.98 7.69 -17.51
C SER A 92 -2.20 8.73 -18.63
N THR A 93 -2.26 10.02 -18.29
CA THR A 93 -2.45 11.17 -19.21
C THR A 93 -1.30 11.37 -20.22
N ALA A 94 -0.11 10.80 -19.96
CA ALA A 94 1.12 10.92 -20.77
C ALA A 94 1.63 12.37 -21.00
N THR A 95 2.58 12.81 -20.16
CA THR A 95 3.19 14.15 -20.20
C THR A 95 4.46 14.25 -21.07
N SER A 96 4.92 13.15 -21.67
CA SER A 96 6.13 13.06 -22.51
C SER A 96 6.04 11.93 -23.56
N PRO A 97 6.90 11.89 -24.60
CA PRO A 97 6.91 10.81 -25.58
C PRO A 97 7.44 9.48 -25.01
N VAL A 98 8.59 9.50 -24.31
CA VAL A 98 9.29 8.35 -23.70
C VAL A 98 9.99 8.78 -22.41
N ILE B 2 -7.16 9.22 -2.38
CA ILE B 2 -8.27 9.79 -1.60
C ILE B 2 -7.99 9.65 -0.09
N ALA B 3 -7.83 8.43 0.41
CA ALA B 3 -7.41 8.21 1.81
C ALA B 3 -5.98 8.71 2.05
N GLN B 4 -5.11 8.65 1.04
CA GLN B 4 -3.74 9.17 1.09
C GLN B 4 -3.66 10.69 1.25
N GLN B 5 -4.57 11.46 0.63
CA GLN B 5 -4.74 12.88 0.88
C GLN B 5 -5.44 13.14 2.21
N TRP B 6 -6.45 12.32 2.54
CA TRP B 6 -7.26 12.47 3.75
C TRP B 6 -6.42 12.36 5.03
N ILE B 7 -5.43 11.46 5.08
CA ILE B 7 -4.52 11.33 6.24
C ILE B 7 -3.65 12.57 6.47
N GLN B 8 -3.54 13.48 5.49
CA GLN B 8 -2.86 14.77 5.60
C GLN B 8 -3.85 15.94 5.86
N SER B 9 -5.14 15.65 5.98
CA SER B 9 -6.22 16.63 6.22
C SER B 9 -6.74 16.59 7.66
N LYS B 10 -6.87 15.39 8.24
CA LYS B 10 -7.36 15.14 9.62
C LYS B 10 -6.33 14.37 10.46
N ARG B 11 -5.04 14.46 10.10
CA ARG B 11 -3.89 13.92 10.87
C ARG B 11 -3.86 14.38 12.34
N GLU B 12 -4.26 15.62 12.62
CA GLU B 12 -4.32 16.15 13.99
C GLU B 12 -5.63 15.79 14.71
N ASP B 13 -6.58 15.10 14.05
CA ASP B 13 -7.83 14.62 14.64
C ASP B 13 -7.75 13.12 14.92
N ILE B 14 -7.18 12.32 14.00
CA ILE B 14 -6.92 10.89 14.23
C ILE B 14 -6.11 10.64 15.50
N VAL B 15 -5.03 11.37 15.79
CA VAL B 15 -4.19 11.14 16.99
C VAL B 15 -4.92 11.57 18.27
N ASN B 16 -5.84 12.52 18.17
CA ASN B 16 -6.60 13.04 19.31
C ASN B 16 -7.80 12.13 19.67
N GLN B 17 -8.35 11.39 18.69
CA GLN B 17 -9.46 10.46 18.87
C GLN B 17 -9.01 8.99 19.02
N MET B 18 -8.05 8.52 18.21
CA MET B 18 -7.42 7.21 18.35
C MET B 18 -6.45 7.22 19.55
N THR B 19 -6.75 6.44 20.59
CA THR B 19 -5.85 6.23 21.73
C THR B 19 -5.01 4.96 21.54
N GLU B 20 -4.25 4.58 22.57
CA GLU B 20 -3.48 3.32 22.61
C GLU B 20 -4.33 2.08 22.26
N ALA B 21 -5.58 2.04 22.75
CA ALA B 21 -6.54 0.98 22.44
C ALA B 21 -6.92 0.91 20.96
N CYS B 22 -7.21 2.04 20.33
CA CYS B 22 -7.49 2.12 18.89
C CYS B 22 -6.27 1.71 18.05
N LEU B 23 -5.07 2.17 18.42
CA LEU B 23 -3.82 1.78 17.77
C LEU B 23 -3.54 0.28 17.92
N ASN B 24 -3.75 -0.33 19.09
CA ASN B 24 -3.57 -1.78 19.27
C ASN B 24 -4.47 -2.57 18.31
N GLN B 25 -5.72 -2.15 18.15
CA GLN B 25 -6.67 -2.73 17.20
C GLN B 25 -6.24 -2.55 15.73
N SER B 26 -5.75 -1.39 15.29
CA SER B 26 -5.17 -1.26 13.93
C SER B 26 -3.91 -2.10 13.79
N LEU B 27 -2.99 -2.10 14.75
CA LEU B 27 -1.75 -2.88 14.71
C LEU B 27 -1.96 -4.38 14.55
N ASP B 28 -2.89 -4.99 15.28
CA ASP B 28 -3.21 -6.41 15.12
C ASP B 28 -3.77 -6.70 13.71
N ALA B 29 -4.68 -5.83 13.23
CA ALA B 29 -5.25 -5.95 11.89
C ALA B 29 -4.22 -5.74 10.78
N LEU B 30 -3.31 -4.76 10.93
CA LEU B 30 -2.21 -4.47 10.00
C LEU B 30 -1.32 -5.69 9.75
N LEU B 31 -1.04 -6.50 10.77
CA LEU B 31 -0.32 -7.77 10.62
C LEU B 31 -1.11 -8.79 9.76
N SER B 32 -2.43 -8.90 9.96
CA SER B 32 -3.31 -9.82 9.23
C SER B 32 -3.44 -9.52 7.72
N ARG B 33 -3.07 -8.32 7.28
CA ARG B 33 -3.04 -7.88 5.86
C ARG B 33 -1.60 -7.68 5.33
N ASP B 34 -0.61 -8.17 6.08
CA ASP B 34 0.84 -8.10 5.78
C ASP B 34 1.38 -6.66 5.58
N LEU B 35 0.71 -5.62 6.10
CA LEU B 35 1.17 -4.23 5.99
C LEU B 35 2.43 -3.93 6.82
N ILE B 36 2.72 -4.70 7.86
CA ILE B 36 3.85 -4.44 8.76
C ILE B 36 4.53 -5.74 9.18
N MET B 37 5.81 -5.88 8.81
CA MET B 37 6.63 -7.03 9.18
C MET B 37 7.13 -6.89 10.61
N LYS B 38 7.54 -8.02 11.21
CA LYS B 38 8.10 -8.07 12.57
C LYS B 38 9.23 -7.07 12.82
N GLU B 39 10.08 -6.83 11.83
CA GLU B 39 11.18 -5.83 11.90
C GLU B 39 10.70 -4.40 12.19
N ASP B 40 9.55 -3.98 11.64
CA ASP B 40 8.99 -2.65 11.88
C ASP B 40 7.89 -2.68 12.96
N TYR B 41 7.24 -3.83 13.19
CA TYR B 41 6.27 -4.03 14.25
C TYR B 41 6.90 -3.98 15.66
N GLU B 42 8.12 -4.50 15.85
CA GLU B 42 8.84 -4.27 17.11
C GLU B 42 9.12 -2.77 17.33
N LEU B 43 9.29 -1.98 16.27
CA LEU B 43 9.57 -0.54 16.34
C LEU B 43 8.37 0.30 16.84
N VAL B 44 7.12 -0.08 16.51
CA VAL B 44 5.92 0.57 17.10
C VAL B 44 5.61 0.06 18.52
N SER B 45 6.09 -1.12 18.90
CA SER B 45 6.01 -1.63 20.28
C SER B 45 6.89 -0.87 21.28
N THR B 46 7.95 -0.17 20.85
CA THR B 46 8.85 0.60 21.75
C THR B 46 8.28 1.94 22.26
N LYS B 47 7.01 2.24 21.97
CA LYS B 47 6.32 3.47 22.40
C LYS B 47 5.48 3.23 23.67
N PRO B 48 5.95 3.59 24.88
CA PRO B 48 5.19 3.45 26.13
C PRO B 48 4.09 4.51 26.32
N THR B 49 3.99 5.51 25.45
CA THR B 49 3.09 6.68 25.55
C THR B 49 2.01 6.63 24.49
N ARG B 50 0.73 6.80 24.89
CA ARG B 50 -0.45 6.59 24.03
C ARG B 50 -0.41 7.38 22.71
N THR B 51 -0.09 8.67 22.79
CA THR B 51 0.11 9.57 21.64
C THR B 51 1.36 9.22 20.83
N SER B 52 2.47 8.89 21.51
CA SER B 52 3.74 8.49 20.89
C SER B 52 3.65 7.19 20.09
N LYS B 53 2.73 6.28 20.46
CA LYS B 53 2.42 5.11 19.63
C LYS B 53 1.93 5.51 18.24
N VAL B 54 0.98 6.45 18.17
CA VAL B 54 0.39 6.92 16.91
C VAL B 54 1.41 7.68 16.05
N ARG B 55 2.43 8.30 16.66
CA ARG B 55 3.57 8.92 15.95
C ARG B 55 4.35 7.93 15.09
N GLN B 56 4.77 6.79 15.65
CA GLN B 56 5.46 5.75 14.87
C GLN B 56 4.52 5.09 13.85
N LEU B 57 3.24 4.92 14.17
CA LEU B 57 2.23 4.48 13.20
C LEU B 57 2.12 5.45 12.01
N LEU B 58 2.19 6.78 12.20
CA LEU B 58 2.22 7.73 11.08
C LEU B 58 3.53 7.73 10.28
N ASP B 59 4.66 7.28 10.85
CA ASP B 59 5.92 7.14 10.10
C ASP B 59 5.85 6.01 9.06
N THR B 60 5.20 4.88 9.35
CA THR B 60 4.95 3.83 8.35
C THR B 60 4.13 4.35 7.17
N THR B 61 3.18 5.28 7.38
CA THR B 61 2.39 5.92 6.30
C THR B 61 3.24 6.59 5.22
N ASP B 62 4.50 6.93 5.46
CA ASP B 62 5.39 7.50 4.44
C ASP B 62 5.66 6.53 3.27
N ILE B 63 5.78 5.22 3.52
CA ILE B 63 5.92 4.22 2.45
C ILE B 63 4.55 3.82 1.92
N GLN B 64 3.56 3.76 2.81
CA GLN B 64 2.25 3.14 2.56
C GLN B 64 1.32 4.09 1.81
N GLY B 65 1.07 5.27 2.36
CA GLY B 65 0.07 6.21 1.86
C GLY B 65 -1.36 5.78 2.18
N GLU B 66 -2.07 5.26 1.19
CA GLU B 66 -3.50 4.90 1.29
C GLU B 66 -3.75 3.64 2.15
N GLU B 67 -2.71 3.00 2.68
CA GLU B 67 -2.82 1.70 3.35
C GLU B 67 -2.84 1.85 4.88
N PHE B 68 -1.74 2.38 5.45
CA PHE B 68 -1.66 2.74 6.87
C PHE B 68 -2.56 3.92 7.24
N ALA B 69 -3.03 4.71 6.25
CA ALA B 69 -4.08 5.68 6.44
C ALA B 69 -5.45 5.00 6.64
N LYS B 70 -5.81 4.04 5.79
CA LYS B 70 -7.16 3.46 5.78
C LYS B 70 -7.53 2.76 7.08
N VAL B 71 -6.60 2.02 7.66
CA VAL B 71 -6.83 1.35 8.95
C VAL B 71 -7.26 2.34 10.05
N ILE B 72 -6.82 3.60 10.00
CA ILE B 72 -7.14 4.64 11.01
C ILE B 72 -8.58 5.12 10.83
N VAL B 73 -8.96 5.41 9.58
CA VAL B 73 -10.31 5.87 9.25
C VAL B 73 -11.33 4.73 9.49
N GLN B 74 -10.98 3.49 9.16
CA GLN B 74 -11.79 2.30 9.45
C GLN B 74 -11.80 1.91 10.93
N LYS B 75 -10.77 2.21 11.72
CA LYS B 75 -10.73 1.85 13.15
C LYS B 75 -11.81 2.55 13.96
N LEU B 76 -11.96 3.86 13.82
CA LEU B 76 -13.00 4.60 14.54
C LEU B 76 -14.42 4.20 14.11
N LYS B 77 -14.58 3.75 12.85
CA LYS B 77 -15.81 3.12 12.35
C LYS B 77 -16.15 1.81 13.09
N ASP B 78 -15.21 0.88 13.20
CA ASP B 78 -15.41 -0.37 13.96
C ASP B 78 -15.64 -0.13 15.46
N ASN B 79 -14.99 0.89 16.04
CA ASN B 79 -15.11 1.22 17.47
C ASN B 79 -16.34 2.12 17.81
N LYS B 80 -17.18 2.46 16.81
CA LYS B 80 -18.29 3.44 16.91
C LYS B 80 -17.87 4.78 17.56
N GLN B 81 -16.61 5.17 17.38
CA GLN B 81 -16.02 6.39 17.95
C GLN B 81 -16.58 7.67 17.31
N MET B 82 -17.00 7.60 16.04
CA MET B 82 -17.65 8.69 15.27
C MET B 82 -16.87 10.02 15.22
N GLY B 83 -15.55 9.99 15.50
CA GLY B 83 -14.69 11.16 15.53
C GLY B 83 -14.44 11.81 14.16
N LEU B 84 -14.60 11.03 13.09
CA LEU B 84 -14.16 11.36 11.73
C LEU B 84 -15.27 11.08 10.70
N GLN B 85 -16.54 11.30 11.07
CA GLN B 85 -17.74 11.20 10.20
C GLN B 85 -17.51 11.37 8.68
N PRO B 86 -16.81 12.41 8.18
CA PRO B 86 -16.34 12.51 6.80
C PRO B 86 -15.15 11.55 6.46
N TYR B 87 -15.35 10.24 6.58
CA TYR B 87 -14.36 9.22 6.22
C TYR B 87 -14.06 9.23 4.69
N PRO B 88 -12.82 8.92 4.24
CA PRO B 88 -12.46 8.84 2.83
C PRO B 88 -12.91 7.53 2.16
N GLU B 89 -12.56 7.37 0.89
CA GLU B 89 -12.86 6.17 0.10
C GLU B 89 -12.13 4.90 0.58
N ILE B 90 -12.68 3.75 0.18
CA ILE B 90 -12.14 2.42 0.44
C ILE B 90 -12.19 1.62 -0.86
N LEU B 91 -11.06 1.66 -1.60
CA LEU B 91 -10.74 0.70 -2.68
C LEU B 91 -11.69 0.79 -3.89
N VAL B 92 -11.96 2.01 -4.36
CA VAL B 92 -12.95 2.32 -5.42
C VAL B 92 -12.63 1.74 -6.81
N VAL B 93 -11.46 1.11 -6.99
CA VAL B 93 -11.04 0.52 -8.27
C VAL B 93 -11.62 -0.88 -8.44
N SER B 94 -12.54 -1.06 -9.40
CA SER B 94 -13.14 -2.36 -9.70
C SER B 94 -12.10 -3.36 -10.23
N ARG B 95 -11.73 -3.22 -11.53
CA ARG B 95 -10.71 -4.04 -12.21
C ARG B 95 -10.33 -3.54 -13.62
N SER B 96 -10.80 -2.36 -14.03
CA SER B 96 -10.73 -1.88 -15.41
C SER B 96 -9.29 -1.60 -15.90
N PRO B 97 -9.02 -1.72 -17.22
CA PRO B 97 -7.75 -1.32 -17.81
C PRO B 97 -7.57 0.20 -17.78
N SER B 98 -6.87 0.70 -16.76
CA SER B 98 -6.60 2.13 -16.54
C SER B 98 -5.20 2.36 -15.93
N LEU B 99 -4.70 1.41 -15.12
CA LEU B 99 -3.34 1.41 -14.57
C LEU B 99 -2.24 1.35 -15.64
N ASN B 100 -2.45 0.56 -16.69
CA ASN B 100 -1.53 0.48 -17.84
C ASN B 100 -2.27 0.20 -19.17
N LEU B 101 -2.92 -0.96 -19.31
CA LEU B 101 -3.62 -1.33 -20.55
C LEU B 101 -4.74 -0.31 -20.85
N LEU B 102 -5.10 -0.13 -22.12
CA LEU B 102 -6.18 0.77 -22.56
C LEU B 102 -6.68 0.42 -23.97
N GLN B 103 -5.81 0.60 -24.97
CA GLN B 103 -6.13 0.41 -26.39
C GLN B 103 -4.84 0.45 -27.25
N ASN B 104 -4.95 0.25 -28.57
CA ASN B 104 -3.80 0.15 -29.48
C ASN B 104 -3.37 1.52 -30.04
N LYS B 105 -2.53 2.25 -29.29
CA LYS B 105 -1.94 3.55 -29.69
C LYS B 105 -0.61 3.80 -28.96
N SER B 106 0.47 3.98 -29.74
CA SER B 106 1.86 4.28 -29.32
C SER B 106 2.59 3.17 -28.54
N GLY A 5 -4.27 -7.79 -21.91
CA GLY A 5 -4.16 -9.24 -21.71
C GLY A 5 -3.52 -9.60 -20.37
N LEU A 6 -2.99 -10.82 -20.26
CA LEU A 6 -2.16 -11.28 -19.13
C LEU A 6 -1.03 -10.29 -18.79
N TYR A 7 -0.62 -10.21 -17.51
CA TYR A 7 0.48 -9.33 -17.08
C TYR A 7 1.80 -9.63 -17.84
N SER A 8 2.05 -10.90 -18.18
CA SER A 8 3.20 -11.33 -18.99
C SER A 8 3.09 -10.93 -20.48
N SER A 9 1.86 -10.79 -21.00
CA SER A 9 1.57 -10.37 -22.38
C SER A 9 1.67 -8.85 -22.60
N LEU A 10 1.68 -8.05 -21.52
CA LEU A 10 1.80 -6.59 -21.59
C LEU A 10 3.07 -6.09 -22.31
N PRO A 11 3.03 -4.90 -22.95
CA PRO A 11 4.19 -4.28 -23.60
C PRO A 11 5.24 -3.78 -22.59
N PRO A 12 6.50 -3.55 -23.04
CA PRO A 12 7.58 -3.09 -22.16
C PRO A 12 7.29 -1.70 -21.57
N ALA A 13 6.67 -0.80 -22.34
CA ALA A 13 6.26 0.54 -21.91
C ALA A 13 5.28 0.51 -20.71
N LYS A 14 4.37 -0.47 -20.68
CA LYS A 14 3.46 -0.68 -19.55
C LYS A 14 4.20 -1.12 -18.30
N ARG A 15 5.12 -2.08 -18.40
CA ARG A 15 5.85 -2.61 -17.23
C ARG A 15 6.77 -1.54 -16.63
N GLU A 16 7.39 -0.73 -17.49
CA GLU A 16 8.17 0.46 -17.13
C GLU A 16 7.37 1.46 -16.29
N GLU A 17 6.11 1.78 -16.65
CA GLU A 17 5.27 2.67 -15.83
C GLU A 17 5.03 2.15 -14.42
N VAL A 18 4.75 0.85 -14.25
CA VAL A 18 4.55 0.26 -12.91
C VAL A 18 5.84 0.34 -12.10
N GLU A 19 6.97 -0.08 -12.67
CA GLU A 19 8.29 0.05 -12.05
C GLU A 19 8.63 1.50 -11.66
N LYS A 20 8.36 2.48 -12.53
CA LYS A 20 8.57 3.91 -12.22
C LYS A 20 7.78 4.34 -10.99
N LEU A 21 6.53 3.92 -10.87
CA LEU A 21 5.67 4.26 -9.73
C LEU A 21 6.07 3.52 -8.44
N LEU A 22 6.47 2.26 -8.54
CA LEU A 22 7.02 1.47 -7.42
C LEU A 22 8.32 2.07 -6.87
N ASN A 23 9.30 2.30 -7.75
CA ASN A 23 10.62 2.82 -7.40
C ASN A 23 10.64 4.33 -7.10
N GLY A 24 9.55 5.04 -7.40
CA GLY A 24 9.42 6.50 -7.34
C GLY A 24 8.24 6.99 -6.50
N SER A 25 7.86 6.23 -5.48
CA SER A 25 6.83 6.60 -4.47
C SER A 25 7.24 6.15 -3.07
N ALA A 26 7.50 4.84 -2.88
CA ALA A 26 7.79 4.25 -1.58
C ALA A 26 8.42 2.86 -1.68
N GLY A 27 9.19 2.48 -0.64
CA GLY A 27 9.76 1.13 -0.49
C GLY A 27 8.76 0.12 0.06
N ASP A 28 9.20 -1.14 0.16
CA ASP A 28 8.46 -2.31 0.68
C ASP A 28 7.16 -2.69 -0.09
N THR A 29 6.70 -1.88 -1.05
CA THR A 29 5.45 -2.06 -1.80
C THR A 29 5.27 -3.46 -2.37
N TRP A 30 6.30 -3.95 -3.06
CA TRP A 30 6.37 -5.30 -3.63
C TRP A 30 6.24 -6.39 -2.55
N ARG A 31 6.83 -6.18 -1.37
CA ARG A 31 6.73 -7.12 -0.22
C ARG A 31 5.28 -7.31 0.20
N HIS A 32 4.57 -6.19 0.37
CA HIS A 32 3.15 -6.22 0.73
C HIS A 32 2.36 -7.01 -0.34
N LEU A 33 2.58 -6.68 -1.62
CA LEU A 33 1.91 -7.34 -2.75
C LEU A 33 2.14 -8.86 -2.77
N ALA A 34 3.39 -9.29 -2.57
CA ALA A 34 3.76 -10.70 -2.44
C ALA A 34 2.95 -11.40 -1.32
N GLY A 35 2.86 -10.80 -0.13
CA GLY A 35 2.07 -11.32 0.99
C GLY A 35 0.64 -11.71 0.59
N GLU A 36 -0.06 -10.85 -0.15
CA GLU A 36 -1.43 -11.10 -0.62
C GLU A 36 -1.54 -12.02 -1.86
N LEU A 37 -0.44 -12.19 -2.61
CA LEU A 37 -0.30 -13.18 -3.68
C LEU A 37 -0.09 -14.62 -3.17
N GLY A 38 0.17 -14.80 -1.87
CA GLY A 38 0.34 -16.11 -1.22
C GLY A 38 1.70 -16.31 -0.53
N TYR A 39 2.59 -15.31 -0.56
CA TYR A 39 3.89 -15.32 0.13
C TYR A 39 3.75 -14.92 1.62
N GLN A 40 4.87 -14.71 2.34
CA GLN A 40 4.90 -14.44 3.79
C GLN A 40 5.80 -13.23 4.09
N PRO A 41 5.50 -12.40 5.11
CA PRO A 41 6.23 -11.16 5.39
C PRO A 41 7.70 -11.40 5.76
N GLU A 42 7.98 -12.42 6.58
CA GLU A 42 9.35 -12.80 6.96
C GLU A 42 10.10 -13.55 5.84
N HIS A 43 9.37 -14.21 4.93
CA HIS A 43 9.94 -14.99 3.83
C HIS A 43 10.48 -14.07 2.72
N ILE A 44 9.77 -12.98 2.46
CA ILE A 44 10.21 -11.91 1.54
C ILE A 44 11.52 -11.28 2.01
N ASP A 45 11.78 -11.22 3.32
CA ASP A 45 13.02 -10.64 3.89
C ASP A 45 14.32 -11.25 3.34
N SER A 46 14.30 -12.55 2.98
CA SER A 46 15.40 -13.20 2.24
C SER A 46 15.44 -12.81 0.76
N PHE A 47 14.28 -12.59 0.14
CA PHE A 47 14.13 -12.11 -1.23
C PHE A 47 14.60 -10.65 -1.41
N THR A 48 14.46 -9.78 -0.39
CA THR A 48 14.93 -8.38 -0.46
C THR A 48 16.45 -8.25 -0.64
N HIS A 49 17.20 -9.30 -0.31
CA HIS A 49 18.65 -9.37 -0.46
C HIS A 49 19.11 -9.56 -1.94
N GLU A 50 18.19 -9.81 -2.88
CA GLU A 50 18.49 -9.95 -4.32
C GLU A 50 18.86 -8.61 -5.00
N ALA A 51 19.51 -8.66 -6.17
CA ALA A 51 19.87 -7.49 -6.97
C ALA A 51 18.69 -6.85 -7.75
N CYS A 52 17.70 -7.66 -8.14
CA CYS A 52 16.50 -7.25 -8.88
C CYS A 52 15.21 -7.74 -8.20
N PRO A 53 14.95 -7.40 -6.92
CA PRO A 53 13.85 -7.96 -6.14
C PRO A 53 12.47 -7.58 -6.68
N VAL A 54 12.29 -6.31 -7.05
CA VAL A 54 11.05 -5.79 -7.67
C VAL A 54 10.73 -6.56 -8.95
N ARG A 55 11.71 -6.71 -9.86
CA ARG A 55 11.56 -7.48 -11.10
C ARG A 55 11.35 -8.97 -10.86
N ALA A 56 12.07 -9.55 -9.90
CA ALA A 56 11.98 -10.97 -9.54
C ALA A 56 10.57 -11.35 -9.05
N LEU A 57 9.92 -10.53 -8.22
CA LEU A 57 8.55 -10.80 -7.77
C LEU A 57 7.58 -10.85 -8.96
N LEU A 58 7.65 -9.85 -9.84
CA LEU A 58 6.81 -9.76 -11.04
C LEU A 58 7.05 -10.95 -11.97
N ALA A 59 8.30 -11.35 -12.20
CA ALA A 59 8.66 -12.54 -12.99
C ALA A 59 8.21 -13.86 -12.33
N SER A 60 8.36 -14.00 -11.00
CA SER A 60 7.92 -15.16 -10.23
C SER A 60 6.40 -15.32 -10.25
N TRP A 61 5.64 -14.23 -10.10
CA TRP A 61 4.18 -14.27 -10.20
C TRP A 61 3.70 -14.43 -11.66
N ALA A 62 4.40 -13.86 -12.64
CA ALA A 62 4.09 -14.03 -14.07
C ALA A 62 4.14 -15.49 -14.55
N THR A 63 4.86 -16.38 -13.85
CA THR A 63 4.85 -17.83 -14.13
C THR A 63 3.51 -18.51 -13.81
N GLN A 64 2.69 -17.91 -12.94
CA GLN A 64 1.41 -18.46 -12.51
C GLN A 64 0.34 -18.28 -13.61
N ASP A 65 -0.48 -19.30 -13.84
CA ASP A 65 -1.63 -19.23 -14.76
C ASP A 65 -2.69 -18.18 -14.36
N SER A 66 -2.69 -17.74 -13.09
CA SER A 66 -3.56 -16.71 -12.52
C SER A 66 -2.93 -15.29 -12.57
N ALA A 67 -1.87 -15.10 -13.36
CA ALA A 67 -1.20 -13.79 -13.58
C ALA A 67 -2.04 -12.76 -14.39
N THR A 68 -3.37 -12.77 -14.22
CA THR A 68 -4.30 -11.84 -14.86
C THR A 68 -4.28 -10.46 -14.20
N LEU A 69 -4.38 -9.43 -15.03
CA LEU A 69 -4.45 -8.04 -14.60
C LEU A 69 -5.63 -7.69 -13.68
N ASP A 70 -6.78 -8.34 -13.86
CA ASP A 70 -7.92 -8.20 -12.93
C ASP A 70 -7.55 -8.60 -11.50
N ALA A 71 -6.89 -9.76 -11.33
CA ALA A 71 -6.45 -10.24 -10.03
C ALA A 71 -5.32 -9.37 -9.46
N LEU A 72 -4.40 -8.90 -10.30
CA LEU A 72 -3.32 -7.99 -9.91
C LEU A 72 -3.85 -6.66 -9.33
N LEU A 73 -4.82 -6.02 -9.99
CA LEU A 73 -5.45 -4.79 -9.51
C LEU A 73 -6.10 -4.98 -8.13
N ALA A 74 -6.86 -6.06 -7.94
CA ALA A 74 -7.45 -6.39 -6.65
C ALA A 74 -6.41 -6.77 -5.58
N ALA A 75 -5.28 -7.39 -5.96
CA ALA A 75 -4.20 -7.72 -5.04
C ALA A 75 -3.57 -6.49 -4.38
N LEU A 76 -3.52 -5.35 -5.08
CA LEU A 76 -3.10 -4.07 -4.47
C LEU A 76 -4.10 -3.54 -3.44
N ARG A 77 -5.40 -3.74 -3.71
CA ARG A 77 -6.49 -3.43 -2.79
C ARG A 77 -6.44 -4.28 -1.52
N ARG A 78 -6.04 -5.55 -1.62
CA ARG A 78 -5.96 -6.48 -0.47
C ARG A 78 -5.02 -5.98 0.63
N ILE A 79 -3.88 -5.39 0.27
CA ILE A 79 -2.95 -4.76 1.23
C ILE A 79 -3.42 -3.38 1.74
N GLN A 80 -4.61 -2.91 1.36
CA GLN A 80 -5.15 -1.54 1.54
C GLN A 80 -4.42 -0.46 0.69
N ARG A 81 -3.47 -0.80 -0.20
CA ARG A 81 -2.62 0.14 -0.99
C ARG A 81 -3.28 0.59 -2.29
N ALA A 82 -4.55 0.98 -2.22
CA ALA A 82 -5.24 1.59 -3.36
C ALA A 82 -4.54 2.87 -3.91
N ASP A 83 -3.60 3.48 -3.17
CA ASP A 83 -2.72 4.56 -3.65
C ASP A 83 -1.97 4.18 -4.93
N LEU A 84 -1.51 2.94 -5.07
CA LEU A 84 -0.86 2.49 -6.31
C LEU A 84 -1.84 2.42 -7.47
N VAL A 85 -3.02 1.84 -7.21
CA VAL A 85 -4.05 1.60 -8.21
C VAL A 85 -4.66 2.92 -8.71
N GLU A 86 -4.89 3.86 -7.80
CA GLU A 86 -5.39 5.19 -8.13
C GLU A 86 -4.30 6.07 -8.77
N SER A 87 -3.04 5.97 -8.32
CA SER A 87 -1.93 6.66 -8.99
C SER A 87 -1.79 6.18 -10.43
N LEU A 88 -1.88 4.87 -10.68
CA LEU A 88 -1.88 4.32 -12.03
C LEU A 88 -3.12 4.69 -12.85
N CYS A 89 -4.33 4.72 -12.26
CA CYS A 89 -5.54 5.18 -12.97
C CYS A 89 -5.45 6.67 -13.40
N SER A 90 -4.68 7.48 -12.68
CA SER A 90 -4.46 8.92 -12.94
C SER A 90 -3.14 9.23 -13.69
N GLU A 91 -2.19 8.30 -13.74
CA GLU A 91 -0.87 8.42 -14.38
C GLU A 91 -0.71 7.44 -15.57
N SER A 92 -1.84 6.94 -16.09
CA SER A 92 -1.95 6.16 -17.34
C SER A 92 -1.37 6.90 -18.57
N THR A 93 -1.26 8.23 -18.51
CA THR A 93 -0.58 9.08 -19.49
C THR A 93 0.72 9.66 -18.90
N ALA A 94 1.86 9.32 -19.51
CA ALA A 94 3.21 9.81 -19.19
C ALA A 94 4.21 9.44 -20.30
N THR A 95 5.46 9.93 -20.19
CA THR A 95 6.56 9.65 -21.12
C THR A 95 7.93 9.88 -20.43
N SER A 96 8.11 9.28 -19.24
CA SER A 96 9.28 9.48 -18.36
C SER A 96 10.04 8.17 -18.08
N PRO A 97 10.58 7.49 -19.11
CA PRO A 97 11.30 6.23 -18.95
C PRO A 97 12.60 6.43 -18.14
N VAL A 98 12.87 5.51 -17.20
CA VAL A 98 14.06 5.50 -16.31
C VAL A 98 14.93 4.24 -16.51
N ILE B 2 -7.57 8.83 -2.36
CA ILE B 2 -8.69 9.38 -1.58
C ILE B 2 -8.50 9.25 -0.06
N ALA B 3 -8.01 8.12 0.42
CA ALA B 3 -7.61 7.98 1.83
C ALA B 3 -6.17 8.49 2.09
N GLN B 4 -5.30 8.49 1.07
CA GLN B 4 -3.93 9.01 1.19
C GLN B 4 -3.87 10.55 1.32
N GLN B 5 -4.84 11.27 0.74
CA GLN B 5 -4.99 12.72 0.97
C GLN B 5 -5.58 12.99 2.37
N TRP B 6 -6.48 12.12 2.84
CA TRP B 6 -7.18 12.28 4.12
C TRP B 6 -6.23 12.17 5.33
N ILE B 7 -5.28 11.23 5.27
CA ILE B 7 -4.21 11.09 6.27
C ILE B 7 -3.25 12.28 6.32
N GLN B 8 -3.23 13.12 5.28
CA GLN B 8 -2.44 14.35 5.18
C GLN B 8 -3.28 15.62 5.43
N SER B 9 -4.49 15.46 5.99
CA SER B 9 -5.44 16.56 6.30
C SER B 9 -5.94 16.52 7.75
N LYS B 10 -6.39 15.35 8.23
CA LYS B 10 -6.87 15.14 9.61
C LYS B 10 -5.90 14.31 10.46
N ARG B 11 -4.61 14.26 10.06
CA ARG B 11 -3.50 13.65 10.82
C ARG B 11 -3.39 14.14 12.28
N GLU B 12 -3.58 15.43 12.51
CA GLU B 12 -3.55 16.00 13.87
C GLU B 12 -4.86 15.76 14.64
N ASP B 13 -5.94 15.33 13.97
CA ASP B 13 -7.21 14.99 14.60
C ASP B 13 -7.26 13.50 14.96
N ILE B 14 -6.89 12.58 14.05
CA ILE B 14 -6.86 11.13 14.32
C ILE B 14 -6.07 10.77 15.59
N VAL B 15 -4.94 11.43 15.87
CA VAL B 15 -4.13 11.18 17.07
C VAL B 15 -4.84 11.60 18.35
N ASN B 16 -5.66 12.66 18.27
CA ASN B 16 -6.41 13.19 19.41
C ASN B 16 -7.74 12.44 19.63
N GLN B 17 -8.36 11.99 18.54
CA GLN B 17 -9.61 11.22 18.53
C GLN B 17 -9.37 9.74 18.91
N MET B 18 -8.46 9.04 18.24
CA MET B 18 -8.06 7.67 18.59
C MET B 18 -7.34 7.61 19.93
N THR B 19 -7.39 6.44 20.57
CA THR B 19 -6.72 6.12 21.83
C THR B 19 -5.85 4.87 21.69
N GLU B 20 -5.23 4.43 22.79
CA GLU B 20 -4.36 3.25 22.85
C GLU B 20 -5.07 1.96 22.39
N ALA B 21 -6.39 1.88 22.63
CA ALA B 21 -7.28 0.82 22.18
C ALA B 21 -7.46 0.80 20.65
N CYS B 22 -7.72 1.96 20.04
CA CYS B 22 -7.77 2.10 18.59
C CYS B 22 -6.41 1.75 17.94
N LEU B 23 -5.31 2.23 18.53
CA LEU B 23 -3.96 1.95 18.01
C LEU B 23 -3.64 0.45 18.03
N ASN B 24 -3.95 -0.26 19.12
CA ASN B 24 -3.82 -1.72 19.19
C ASN B 24 -4.64 -2.44 18.11
N GLN B 25 -5.93 -2.08 17.95
CA GLN B 25 -6.76 -2.61 16.87
C GLN B 25 -6.19 -2.33 15.48
N SER B 26 -5.65 -1.12 15.26
CA SER B 26 -4.97 -0.75 14.01
C SER B 26 -3.80 -1.69 13.76
N LEU B 27 -2.89 -1.85 14.70
CA LEU B 27 -1.71 -2.72 14.58
C LEU B 27 -2.05 -4.19 14.28
N ASP B 28 -3.01 -4.77 15.00
CA ASP B 28 -3.44 -6.15 14.73
C ASP B 28 -4.00 -6.29 13.31
N ALA B 29 -4.81 -5.33 12.87
CA ALA B 29 -5.39 -5.29 11.52
C ALA B 29 -4.38 -4.96 10.41
N LEU B 30 -3.31 -4.21 10.70
CA LEU B 30 -2.22 -3.94 9.78
C LEU B 30 -1.47 -5.22 9.43
N LEU B 31 -1.15 -6.03 10.44
CA LEU B 31 -0.38 -7.26 10.25
C LEU B 31 -1.13 -8.31 9.41
N SER B 32 -2.46 -8.39 9.51
CA SER B 32 -3.31 -9.25 8.65
C SER B 32 -3.35 -8.84 7.17
N ARG B 33 -2.88 -7.63 6.81
CA ARG B 33 -2.64 -7.18 5.44
C ARG B 33 -1.20 -7.43 4.94
N ASP B 34 -0.34 -8.04 5.74
CA ASP B 34 1.08 -8.33 5.44
C ASP B 34 1.92 -7.08 5.06
N LEU B 35 1.46 -5.89 5.44
CA LEU B 35 2.05 -4.60 5.07
C LEU B 35 3.18 -4.14 6.00
N ILE B 36 3.28 -4.73 7.19
CA ILE B 36 4.27 -4.39 8.22
C ILE B 36 4.99 -5.67 8.65
N MET B 37 6.30 -5.74 8.35
CA MET B 37 7.15 -6.86 8.76
C MET B 37 7.40 -6.77 10.27
N LYS B 38 7.74 -7.90 10.92
CA LYS B 38 8.13 -7.93 12.35
C LYS B 38 9.23 -6.93 12.69
N GLU B 39 10.15 -6.68 11.77
CA GLU B 39 11.25 -5.70 11.92
C GLU B 39 10.77 -4.25 12.14
N ASP B 40 9.62 -3.87 11.54
CA ASP B 40 8.99 -2.56 11.72
C ASP B 40 7.85 -2.60 12.76
N TYR B 41 7.18 -3.74 12.93
CA TYR B 41 6.15 -3.93 13.95
C TYR B 41 6.72 -3.88 15.37
N GLU B 42 7.87 -4.51 15.64
CA GLU B 42 8.53 -4.35 16.94
C GLU B 42 8.90 -2.88 17.22
N LEU B 43 9.14 -2.07 16.18
CA LEU B 43 9.47 -0.64 16.31
C LEU B 43 8.30 0.24 16.77
N VAL B 44 7.05 -0.09 16.40
CA VAL B 44 5.86 0.63 16.93
C VAL B 44 5.44 0.11 18.32
N SER B 45 5.81 -1.13 18.66
CA SER B 45 5.65 -1.67 20.02
C SER B 45 6.50 -0.97 21.09
N THR B 46 7.61 -0.30 20.74
CA THR B 46 8.51 0.41 21.68
C THR B 46 7.97 1.75 22.22
N LYS B 47 6.71 2.10 21.88
CA LYS B 47 6.01 3.30 22.33
C LYS B 47 5.16 3.01 23.60
N PRO B 48 5.62 3.30 24.82
CA PRO B 48 4.84 3.12 26.06
C PRO B 48 3.74 4.17 26.28
N THR B 49 3.70 5.22 25.46
CA THR B 49 2.79 6.38 25.55
C THR B 49 1.74 6.34 24.45
N ARG B 50 0.45 6.44 24.80
CA ARG B 50 -0.71 6.38 23.88
C ARG B 50 -0.56 7.27 22.64
N THR B 51 -0.26 8.55 22.83
CA THR B 51 -0.04 9.52 21.73
C THR B 51 1.20 9.18 20.91
N SER B 52 2.29 8.79 21.58
CA SER B 52 3.55 8.38 20.95
C SER B 52 3.41 7.11 20.08
N LYS B 53 2.49 6.20 20.42
CA LYS B 53 2.12 5.05 19.56
C LYS B 53 1.62 5.49 18.19
N VAL B 54 0.70 6.47 18.17
CA VAL B 54 0.13 7.04 16.93
C VAL B 54 1.16 7.83 16.11
N ARG B 55 2.17 8.44 16.76
CA ARG B 55 3.33 9.08 16.12
C ARG B 55 4.11 8.11 15.22
N GLN B 56 4.63 7.01 15.78
CA GLN B 56 5.37 6.02 14.98
C GLN B 56 4.48 5.35 13.92
N LEU B 57 3.19 5.12 14.21
CA LEU B 57 2.22 4.67 13.21
C LEU B 57 2.16 5.58 11.95
N LEU B 58 2.20 6.91 12.11
CA LEU B 58 2.15 7.84 10.97
C LEU B 58 3.45 7.86 10.16
N ASP B 59 4.60 7.61 10.80
CA ASP B 59 5.88 7.45 10.12
C ASP B 59 5.89 6.20 9.22
N THR B 60 5.22 5.11 9.62
CA THR B 60 5.04 3.95 8.73
C THR B 60 4.23 4.33 7.49
N THR B 61 3.14 5.12 7.58
CA THR B 61 2.33 5.54 6.42
C THR B 61 3.12 6.18 5.28
N ASP B 62 4.28 6.79 5.56
CA ASP B 62 5.20 7.32 4.54
C ASP B 62 5.58 6.28 3.47
N ILE B 63 5.69 5.00 3.85
CA ILE B 63 6.03 3.89 2.93
C ILE B 63 4.79 3.22 2.31
N GLN B 64 3.59 3.50 2.83
CA GLN B 64 2.36 2.73 2.54
C GLN B 64 1.37 3.55 1.70
N GLY B 65 1.24 4.84 2.05
CA GLY B 65 0.25 5.75 1.53
C GLY B 65 -1.16 5.40 2.02
N GLU B 66 -1.88 4.55 1.30
CA GLU B 66 -3.30 4.30 1.57
C GLU B 66 -3.55 3.20 2.61
N GLU B 67 -2.53 2.39 2.94
CA GLU B 67 -2.70 1.20 3.81
C GLU B 67 -2.85 1.57 5.28
N PHE B 68 -1.78 2.13 5.86
CA PHE B 68 -1.80 2.68 7.21
C PHE B 68 -2.81 3.83 7.32
N ALA B 69 -3.08 4.58 6.23
CA ALA B 69 -4.09 5.62 6.23
C ALA B 69 -5.51 5.09 6.43
N LYS B 70 -5.94 4.11 5.61
CA LYS B 70 -7.28 3.53 5.75
C LYS B 70 -7.47 2.79 7.05
N VAL B 71 -6.44 2.13 7.57
CA VAL B 71 -6.51 1.48 8.87
C VAL B 71 -7.03 2.41 9.97
N ILE B 72 -6.65 3.69 9.96
CA ILE B 72 -7.07 4.67 10.97
C ILE B 72 -8.59 4.87 10.93
N VAL B 73 -9.12 5.35 9.80
CA VAL B 73 -10.56 5.54 9.54
C VAL B 73 -11.35 4.27 9.79
N GLN B 74 -10.86 3.13 9.30
CA GLN B 74 -11.57 1.84 9.39
C GLN B 74 -11.73 1.41 10.86
N LYS B 75 -10.72 1.65 11.71
CA LYS B 75 -10.77 1.40 13.16
C LYS B 75 -11.64 2.40 13.91
N LEU B 76 -11.58 3.69 13.58
CA LEU B 76 -12.45 4.72 14.13
C LEU B 76 -13.94 4.42 13.87
N LYS B 77 -14.29 4.01 12.63
CA LYS B 77 -15.65 3.56 12.28
C LYS B 77 -16.12 2.37 13.12
N ASP B 78 -15.27 1.36 13.32
CA ASP B 78 -15.56 0.23 14.21
C ASP B 78 -15.66 0.62 15.70
N ASN B 79 -14.88 1.61 16.14
CA ASN B 79 -14.91 2.15 17.52
C ASN B 79 -16.09 3.13 17.77
N LYS B 80 -16.98 3.31 16.79
CA LYS B 80 -18.15 4.22 16.81
C LYS B 80 -17.79 5.69 17.03
N GLN B 81 -16.55 6.06 16.73
CA GLN B 81 -16.04 7.43 16.89
C GLN B 81 -16.71 8.38 15.91
N MET B 82 -17.45 9.35 16.45
CA MET B 82 -18.17 10.39 15.69
C MET B 82 -17.32 11.65 15.47
N GLY B 83 -16.06 11.66 15.94
CA GLY B 83 -15.12 12.77 15.82
C GLY B 83 -14.71 13.12 14.39
N LEU B 84 -14.84 12.18 13.45
CA LEU B 84 -14.31 12.26 12.09
C LEU B 84 -15.35 11.80 11.04
N GLN B 85 -16.65 12.04 11.32
CA GLN B 85 -17.82 11.84 10.42
C GLN B 85 -17.52 11.87 8.90
N PRO B 86 -16.84 12.90 8.34
CA PRO B 86 -16.36 12.92 6.95
C PRO B 86 -15.15 11.98 6.73
N TYR B 87 -15.40 10.67 6.66
CA TYR B 87 -14.40 9.64 6.33
C TYR B 87 -14.14 9.51 4.82
N PRO B 88 -12.93 9.07 4.39
CA PRO B 88 -12.57 8.84 2.99
C PRO B 88 -13.19 7.55 2.40
N GLU B 89 -12.90 7.27 1.13
CA GLU B 89 -13.29 6.02 0.46
C GLU B 89 -12.62 4.76 1.05
N ILE B 90 -13.19 3.60 0.72
CA ILE B 90 -12.71 2.26 1.10
C ILE B 90 -12.67 1.38 -0.17
N LEU B 91 -11.51 1.39 -0.85
CA LEU B 91 -11.13 0.43 -1.90
C LEU B 91 -12.05 0.46 -3.14
N VAL B 92 -12.12 1.60 -3.82
CA VAL B 92 -12.98 1.80 -5.01
C VAL B 92 -12.44 1.18 -6.31
N VAL B 93 -11.30 0.48 -6.25
CA VAL B 93 -10.67 -0.17 -7.41
C VAL B 93 -11.57 -1.24 -8.04
N SER B 94 -11.46 -1.40 -9.35
CA SER B 94 -12.22 -2.40 -10.13
C SER B 94 -11.46 -2.83 -11.38
N ARG B 95 -11.16 -1.87 -12.29
CA ARG B 95 -10.42 -2.12 -13.54
C ARG B 95 -9.82 -0.82 -14.13
N SER B 96 -8.85 -0.22 -13.43
CA SER B 96 -8.13 1.00 -13.85
C SER B 96 -7.60 0.94 -15.29
N PRO B 97 -7.62 2.04 -16.07
CA PRO B 97 -7.23 2.05 -17.48
C PRO B 97 -5.73 1.74 -17.72
N SER B 98 -4.89 1.88 -16.69
CA SER B 98 -3.48 1.47 -16.73
C SER B 98 -3.33 -0.05 -16.79
N LEU B 99 -3.61 -0.78 -15.69
CA LEU B 99 -3.37 -2.22 -15.58
C LEU B 99 -4.63 -3.00 -16.02
N ASN B 100 -5.18 -2.63 -17.16
CA ASN B 100 -6.38 -3.22 -17.75
C ASN B 100 -6.03 -4.30 -18.79
N LEU B 101 -6.88 -5.34 -18.86
CA LEU B 101 -6.80 -6.48 -19.79
C LEU B 101 -7.92 -6.48 -20.85
N LEU B 102 -7.84 -7.39 -21.83
CA LEU B 102 -8.87 -7.63 -22.83
C LEU B 102 -10.03 -8.47 -22.25
N GLN B 103 -11.08 -7.80 -21.72
CA GLN B 103 -12.23 -8.42 -21.05
C GLN B 103 -11.88 -9.37 -19.88
N ASN B 104 -12.90 -9.92 -19.21
CA ASN B 104 -12.71 -10.98 -18.21
C ASN B 104 -11.85 -12.13 -18.77
N LYS B 105 -10.69 -12.39 -18.13
CA LYS B 105 -9.66 -13.36 -18.52
C LYS B 105 -9.11 -13.18 -19.97
N SER B 106 -8.15 -14.01 -20.38
CA SER B 106 -7.64 -14.07 -21.77
C SER B 106 -8.69 -14.67 -22.74
N GLY A 5 -2.39 -5.39 -22.01
CA GLY A 5 -2.12 -6.83 -22.08
C GLY A 5 -1.67 -7.41 -20.74
N LEU A 6 -1.16 -8.65 -20.75
CA LEU A 6 -0.48 -9.29 -19.61
C LEU A 6 0.63 -8.38 -19.04
N TYR A 7 0.96 -8.51 -17.75
CA TYR A 7 2.03 -7.72 -17.14
C TYR A 7 3.39 -7.91 -17.86
N SER A 8 3.69 -9.14 -18.31
CA SER A 8 4.90 -9.46 -19.09
C SER A 8 4.87 -8.94 -20.54
N SER A 9 3.67 -8.67 -21.09
CA SER A 9 3.47 -8.15 -22.46
C SER A 9 3.58 -6.62 -22.55
N LEU A 10 3.56 -5.90 -21.43
CA LEU A 10 3.73 -4.44 -21.36
C LEU A 10 5.13 -3.98 -21.88
N PRO A 11 5.22 -2.76 -22.46
CA PRO A 11 6.48 -2.20 -22.95
C PRO A 11 7.43 -1.81 -21.81
N PRO A 12 8.75 -1.66 -22.09
CA PRO A 12 9.75 -1.33 -21.07
C PRO A 12 9.50 0.05 -20.41
N ALA A 13 8.98 1.01 -21.17
CA ALA A 13 8.61 2.35 -20.68
C ALA A 13 7.52 2.30 -19.59
N LYS A 14 6.52 1.42 -19.74
CA LYS A 14 5.48 1.19 -18.71
C LYS A 14 6.06 0.61 -17.43
N ARG A 15 6.99 -0.35 -17.53
CA ARG A 15 7.59 -0.99 -16.34
C ARG A 15 8.48 -0.01 -15.56
N GLU A 16 9.19 0.86 -16.27
CA GLU A 16 9.94 1.99 -15.71
C GLU A 16 9.06 2.91 -14.84
N GLU A 17 7.86 3.27 -15.28
CA GLU A 17 6.93 4.12 -14.50
C GLU A 17 6.52 3.48 -13.18
N VAL A 18 6.18 2.18 -13.19
CA VAL A 18 5.81 1.44 -11.97
C VAL A 18 7.00 1.41 -11.00
N GLU A 19 8.20 1.10 -11.49
CA GLU A 19 9.46 1.17 -10.72
C GLU A 19 9.75 2.56 -10.14
N LYS A 20 9.50 3.65 -10.88
CA LYS A 20 9.73 5.02 -10.41
C LYS A 20 8.83 5.38 -9.24
N LEU A 21 7.53 5.06 -9.35
CA LEU A 21 6.53 5.32 -8.31
C LEU A 21 6.78 4.47 -7.05
N LEU A 22 7.18 3.22 -7.24
CA LEU A 22 7.64 2.34 -6.18
C LEU A 22 8.94 2.83 -5.53
N ASN A 23 9.97 3.25 -6.29
CA ASN A 23 11.27 3.69 -5.76
C ASN A 23 11.20 4.78 -4.68
N GLY A 24 10.28 5.75 -4.83
CA GLY A 24 10.04 6.78 -3.81
C GLY A 24 9.64 6.21 -2.44
N SER A 25 9.02 5.02 -2.42
CA SER A 25 8.40 4.36 -1.27
C SER A 25 8.37 2.83 -1.44
N ALA A 26 9.53 2.17 -1.48
CA ALA A 26 9.66 0.70 -1.65
C ALA A 26 10.08 -0.02 -0.35
N GLY A 27 10.03 0.65 0.81
CA GLY A 27 10.46 0.10 2.11
C GLY A 27 9.77 -1.23 2.46
N ASP A 28 8.43 -1.25 2.41
CA ASP A 28 7.62 -2.46 2.58
C ASP A 28 6.54 -2.65 1.50
N THR A 29 6.29 -1.66 0.63
CA THR A 29 5.19 -1.63 -0.35
C THR A 29 5.01 -2.91 -1.15
N TRP A 30 6.11 -3.34 -1.76
CA TRP A 30 6.23 -4.58 -2.53
C TRP A 30 5.98 -5.84 -1.67
N ARG A 31 6.42 -5.83 -0.41
CA ARG A 31 6.21 -6.91 0.57
C ARG A 31 4.73 -7.15 0.85
N HIS A 32 3.95 -6.09 0.94
CA HIS A 32 2.51 -6.20 1.09
C HIS A 32 1.91 -6.95 -0.11
N LEU A 33 2.26 -6.53 -1.33
CA LEU A 33 1.76 -7.06 -2.60
C LEU A 33 1.96 -8.58 -2.68
N ALA A 34 3.18 -9.03 -2.37
CA ALA A 34 3.55 -10.44 -2.25
C ALA A 34 2.66 -11.22 -1.26
N GLY A 35 2.42 -10.67 -0.07
CA GLY A 35 1.52 -11.24 0.93
C GLY A 35 0.13 -11.61 0.38
N GLU A 36 -0.47 -10.74 -0.44
CA GLU A 36 -1.75 -11.01 -1.10
C GLU A 36 -1.65 -11.90 -2.36
N LEU A 37 -0.49 -11.91 -3.03
CA LEU A 37 -0.17 -12.83 -4.14
C LEU A 37 0.05 -14.30 -3.70
N GLY A 38 0.18 -14.56 -2.39
CA GLY A 38 0.32 -15.90 -1.80
C GLY A 38 1.66 -16.16 -1.11
N TYR A 39 2.57 -15.18 -1.08
CA TYR A 39 3.85 -15.23 -0.36
C TYR A 39 3.68 -14.90 1.14
N GLN A 40 4.77 -14.72 1.87
CA GLN A 40 4.83 -14.54 3.33
C GLN A 40 5.71 -13.32 3.70
N PRO A 41 5.35 -12.55 4.75
CA PRO A 41 6.01 -11.29 5.09
C PRO A 41 7.51 -11.48 5.39
N GLU A 42 7.88 -12.54 6.11
CA GLU A 42 9.27 -12.85 6.45
C GLU A 42 10.07 -13.46 5.27
N HIS A 43 9.41 -14.13 4.32
CA HIS A 43 10.07 -14.71 3.14
C HIS A 43 10.55 -13.63 2.18
N ILE A 44 9.79 -12.54 2.05
CA ILE A 44 10.13 -11.40 1.19
C ILE A 44 11.38 -10.67 1.72
N ASP A 45 11.64 -10.73 3.03
CA ASP A 45 12.87 -10.21 3.64
C ASP A 45 14.15 -10.85 3.06
N SER A 46 14.09 -12.10 2.58
CA SER A 46 15.18 -12.74 1.81
C SER A 46 15.34 -12.15 0.40
N PHE A 47 14.24 -11.76 -0.27
CA PHE A 47 14.29 -11.07 -1.57
C PHE A 47 14.81 -9.61 -1.45
N THR A 48 14.63 -8.94 -0.29
CA THR A 48 15.08 -7.53 -0.06
C THR A 48 16.60 -7.37 -0.24
N HIS A 49 17.35 -8.47 -0.15
CA HIS A 49 18.81 -8.53 -0.28
C HIS A 49 19.32 -8.31 -1.73
N GLU A 50 18.45 -8.28 -2.74
CA GLU A 50 18.79 -7.99 -4.14
C GLU A 50 18.90 -6.47 -4.45
N ALA A 51 19.44 -6.11 -5.63
CA ALA A 51 19.53 -4.72 -6.09
C ALA A 51 18.19 -4.09 -6.49
N CYS A 52 17.24 -4.90 -7.00
CA CYS A 52 15.93 -4.48 -7.51
C CYS A 52 14.81 -5.36 -6.91
N PRO A 53 14.64 -5.39 -5.58
CA PRO A 53 13.77 -6.37 -4.89
C PRO A 53 12.30 -6.21 -5.30
N VAL A 54 11.83 -4.95 -5.30
CA VAL A 54 10.50 -4.56 -5.76
C VAL A 54 10.22 -4.99 -7.21
N ARG A 55 11.18 -4.80 -8.12
CA ARG A 55 11.06 -5.17 -9.54
C ARG A 55 11.12 -6.69 -9.73
N ALA A 56 12.00 -7.37 -9.00
CA ALA A 56 12.12 -8.82 -9.00
C ALA A 56 10.79 -9.50 -8.64
N LEU A 57 10.01 -8.93 -7.70
CA LEU A 57 8.67 -9.42 -7.38
C LEU A 57 7.72 -9.40 -8.59
N LEU A 58 7.71 -8.28 -9.32
CA LEU A 58 6.87 -8.09 -10.51
C LEU A 58 7.23 -9.12 -11.58
N ALA A 59 8.53 -9.32 -11.84
CA ALA A 59 9.04 -10.30 -12.80
C ALA A 59 8.80 -11.77 -12.36
N SER A 60 9.01 -12.09 -11.07
CA SER A 60 8.78 -13.42 -10.49
C SER A 60 7.30 -13.80 -10.46
N TRP A 61 6.40 -12.85 -10.22
CA TRP A 61 4.96 -13.07 -10.38
C TRP A 61 4.53 -13.09 -11.86
N ALA A 62 5.18 -12.32 -12.74
CA ALA A 62 4.90 -12.32 -14.17
C ALA A 62 5.09 -13.68 -14.89
N THR A 63 5.77 -14.65 -14.26
CA THR A 63 5.90 -16.03 -14.75
C THR A 63 4.59 -16.84 -14.61
N GLN A 64 3.66 -16.43 -13.74
CA GLN A 64 2.37 -17.10 -13.52
C GLN A 64 1.41 -16.86 -14.70
N ASP A 65 0.58 -17.85 -15.04
CA ASP A 65 -0.46 -17.70 -16.09
C ASP A 65 -1.54 -16.64 -15.75
N SER A 66 -1.73 -16.36 -14.46
CA SER A 66 -2.61 -15.33 -13.90
C SER A 66 -1.94 -13.95 -13.71
N ALA A 67 -0.77 -13.71 -14.34
CA ALA A 67 -0.03 -12.44 -14.35
C ALA A 67 -0.71 -11.29 -15.14
N THR A 68 -2.01 -11.11 -14.95
CA THR A 68 -2.84 -10.13 -15.67
C THR A 68 -2.97 -8.82 -14.90
N LEU A 69 -2.99 -7.69 -15.62
CA LEU A 69 -3.17 -6.38 -15.00
C LEU A 69 -4.49 -6.28 -14.19
N ASP A 70 -5.53 -6.99 -14.62
CA ASP A 70 -6.82 -7.11 -13.94
C ASP A 70 -6.69 -7.66 -12.51
N ALA A 71 -5.95 -8.75 -12.33
CA ALA A 71 -5.70 -9.36 -11.02
C ALA A 71 -4.67 -8.56 -10.21
N LEU A 72 -3.63 -8.01 -10.86
CA LEU A 72 -2.64 -7.12 -10.24
C LEU A 72 -3.31 -5.89 -9.60
N LEU A 73 -4.23 -5.25 -10.32
CA LEU A 73 -4.99 -4.11 -9.83
C LEU A 73 -5.71 -4.44 -8.52
N ALA A 74 -6.53 -5.49 -8.52
CA ALA A 74 -7.23 -5.93 -7.30
C ALA A 74 -6.26 -6.31 -6.18
N ALA A 75 -5.13 -6.97 -6.47
CA ALA A 75 -4.12 -7.32 -5.47
C ALA A 75 -3.53 -6.09 -4.74
N LEU A 76 -3.27 -4.98 -5.45
CA LEU A 76 -2.91 -3.70 -4.85
C LEU A 76 -4.00 -3.16 -3.90
N ARG A 77 -5.28 -3.39 -4.21
CA ARG A 77 -6.38 -2.96 -3.34
C ARG A 77 -6.50 -3.82 -2.09
N ARG A 78 -6.34 -5.14 -2.21
CA ARG A 78 -6.40 -6.10 -1.09
C ARG A 78 -5.36 -5.82 0.02
N ILE A 79 -4.21 -5.28 -0.35
CA ILE A 79 -3.19 -4.78 0.58
C ILE A 79 -3.47 -3.35 1.07
N GLN A 80 -4.68 -2.82 0.87
CA GLN A 80 -5.09 -1.43 1.17
C GLN A 80 -4.34 -0.34 0.37
N ARG A 81 -3.50 -0.68 -0.62
CA ARG A 81 -2.59 0.22 -1.35
C ARG A 81 -3.20 0.79 -2.64
N ALA A 82 -4.43 1.30 -2.53
CA ALA A 82 -5.01 2.11 -3.60
C ALA A 82 -4.16 3.35 -4.00
N ASP A 83 -3.26 3.85 -3.13
CA ASP A 83 -2.34 4.96 -3.46
C ASP A 83 -1.48 4.68 -4.70
N LEU A 84 -0.89 3.49 -4.86
CA LEU A 84 -0.10 3.16 -6.05
C LEU A 84 -0.97 3.18 -7.31
N VAL A 85 -2.15 2.59 -7.19
CA VAL A 85 -3.08 2.41 -8.29
C VAL A 85 -3.64 3.74 -8.76
N GLU A 86 -4.05 4.59 -7.83
CA GLU A 86 -4.56 5.93 -8.11
C GLU A 86 -3.44 6.85 -8.61
N SER A 87 -2.22 6.74 -8.06
CA SER A 87 -1.07 7.49 -8.57
C SER A 87 -0.73 7.08 -9.99
N LEU A 88 -0.75 5.79 -10.34
CA LEU A 88 -0.56 5.33 -11.72
C LEU A 88 -1.75 5.69 -12.64
N CYS A 89 -3.00 5.74 -12.14
CA CYS A 89 -4.13 6.18 -12.97
C CYS A 89 -4.12 7.71 -13.22
N SER A 90 -3.54 8.51 -12.33
CA SER A 90 -3.38 9.97 -12.46
C SER A 90 -2.03 10.43 -13.04
N GLU A 91 -1.00 9.57 -13.03
CA GLU A 91 0.35 9.81 -13.56
C GLU A 91 0.65 8.91 -14.78
N SER A 92 -0.40 8.36 -15.41
CA SER A 92 -0.31 7.59 -16.68
C SER A 92 0.37 8.39 -17.81
N THR A 93 0.20 9.72 -17.82
CA THR A 93 0.86 10.64 -18.76
C THR A 93 2.23 11.07 -18.21
N ALA A 94 3.28 10.96 -19.02
CA ALA A 94 4.66 11.33 -18.70
C ALA A 94 5.38 11.94 -19.93
N THR A 95 6.68 12.23 -19.79
CA THR A 95 7.53 12.91 -20.78
C THR A 95 8.86 12.17 -20.98
N SER A 96 9.60 12.55 -22.03
CA SER A 96 10.94 11.99 -22.33
C SER A 96 12.01 12.33 -21.27
N PRO A 97 13.10 11.55 -21.16
CA PRO A 97 14.17 11.78 -20.18
C PRO A 97 15.05 13.01 -20.48
N VAL A 98 15.20 13.38 -21.78
CA VAL A 98 15.96 14.54 -22.27
C VAL A 98 15.45 15.89 -21.75
N ILE B 2 -7.52 9.09 -1.78
CA ILE B 2 -8.59 9.45 -0.82
C ILE B 2 -8.10 9.32 0.62
N ALA B 3 -7.76 8.11 1.11
CA ALA B 3 -7.26 7.98 2.49
C ALA B 3 -5.87 8.61 2.69
N GLN B 4 -5.03 8.66 1.65
CA GLN B 4 -3.74 9.37 1.70
C GLN B 4 -3.98 10.85 2.01
N GLN B 5 -4.77 11.54 1.17
CA GLN B 5 -5.08 12.96 1.30
C GLN B 5 -5.83 13.27 2.60
N TRP B 6 -6.80 12.42 2.95
CA TRP B 6 -7.61 12.58 4.15
C TRP B 6 -6.74 12.54 5.41
N ILE B 7 -5.83 11.56 5.53
CA ILE B 7 -4.85 11.51 6.62
C ILE B 7 -3.83 12.65 6.53
N GLN B 8 -3.29 12.97 5.34
CA GLN B 8 -2.37 14.09 5.07
C GLN B 8 -3.02 15.50 5.15
N SER B 9 -4.08 15.66 5.96
CA SER B 9 -4.77 16.95 6.18
C SER B 9 -5.33 17.10 7.60
N LYS B 10 -5.83 15.99 8.19
CA LYS B 10 -6.38 15.93 9.57
C LYS B 10 -5.74 14.82 10.42
N ARG B 11 -4.47 14.50 10.12
CA ARG B 11 -3.59 13.66 10.95
C ARG B 11 -3.49 14.11 12.40
N GLU B 12 -3.56 15.41 12.66
CA GLU B 12 -3.53 15.94 14.04
C GLU B 12 -4.90 15.81 14.75
N ASP B 13 -5.96 15.39 14.05
CA ASP B 13 -7.28 15.16 14.63
C ASP B 13 -7.48 13.68 15.01
N ILE B 14 -7.15 12.72 14.12
CA ILE B 14 -7.23 11.27 14.40
C ILE B 14 -6.58 10.87 15.73
N VAL B 15 -5.37 11.38 16.02
CA VAL B 15 -4.59 11.06 17.23
C VAL B 15 -5.25 11.63 18.50
N ASN B 16 -5.93 12.77 18.36
CA ASN B 16 -6.58 13.49 19.46
C ASN B 16 -7.99 12.93 19.75
N GLN B 17 -8.69 12.45 18.71
CA GLN B 17 -9.96 11.74 18.83
C GLN B 17 -9.79 10.30 19.35
N MET B 18 -8.93 9.49 18.72
CA MET B 18 -8.70 8.11 19.15
C MET B 18 -8.14 8.03 20.58
N THR B 19 -8.47 6.96 21.30
CA THR B 19 -7.96 6.69 22.65
C THR B 19 -6.69 5.82 22.58
N GLU B 20 -6.83 4.48 22.53
CA GLU B 20 -5.72 3.53 22.56
C GLU B 20 -6.09 2.16 21.98
N ALA B 21 -7.31 1.68 22.26
CA ALA B 21 -7.86 0.45 21.70
C ALA B 21 -7.93 0.47 20.17
N CYS B 22 -8.19 1.65 19.57
CA CYS B 22 -8.11 1.88 18.13
C CYS B 22 -6.71 1.55 17.57
N LEU B 23 -5.64 2.04 18.23
CA LEU B 23 -4.25 1.78 17.84
C LEU B 23 -3.90 0.29 17.95
N ASN B 24 -4.35 -0.40 19.00
CA ASN B 24 -4.12 -1.84 19.14
C ASN B 24 -4.84 -2.65 18.04
N GLN B 25 -6.11 -2.31 17.73
CA GLN B 25 -6.84 -2.92 16.62
C GLN B 25 -6.17 -2.67 15.26
N SER B 26 -5.66 -1.46 15.00
CA SER B 26 -4.95 -1.18 13.75
C SER B 26 -3.68 -2.02 13.66
N LEU B 27 -2.86 -2.06 14.71
CA LEU B 27 -1.67 -2.90 14.79
C LEU B 27 -1.92 -4.39 14.53
N ASP B 28 -2.91 -4.99 15.17
CA ASP B 28 -3.23 -6.41 14.93
C ASP B 28 -3.65 -6.65 13.47
N ALA B 29 -4.44 -5.75 12.89
CA ALA B 29 -4.88 -5.83 11.50
C ALA B 29 -3.73 -5.59 10.51
N LEU B 30 -2.81 -4.65 10.79
CA LEU B 30 -1.64 -4.36 9.95
C LEU B 30 -0.80 -5.62 9.67
N LEU B 31 -0.69 -6.55 10.64
CA LEU B 31 -0.07 -7.86 10.38
C LEU B 31 -0.96 -8.81 9.56
N SER B 32 -2.27 -8.80 9.79
CA SER B 32 -3.25 -9.73 9.19
C SER B 32 -3.39 -9.60 7.66
N ARG B 33 -3.20 -8.39 7.14
CA ARG B 33 -3.24 -8.01 5.70
C ARG B 33 -1.84 -7.73 5.11
N ASP B 34 -0.79 -8.17 5.84
CA ASP B 34 0.63 -8.04 5.49
C ASP B 34 1.12 -6.59 5.28
N LEU B 35 0.41 -5.59 5.84
CA LEU B 35 0.80 -4.17 5.82
C LEU B 35 2.03 -3.84 6.67
N ILE B 36 2.42 -4.69 7.62
CA ILE B 36 3.66 -4.50 8.38
C ILE B 36 4.35 -5.82 8.68
N MET B 37 5.65 -5.86 8.42
CA MET B 37 6.51 -7.00 8.73
C MET B 37 6.87 -6.97 10.23
N LYS B 38 7.14 -8.13 10.84
CA LYS B 38 7.60 -8.21 12.25
C LYS B 38 8.81 -7.30 12.54
N GLU B 39 9.70 -7.12 11.55
CA GLU B 39 10.89 -6.26 11.65
C GLU B 39 10.55 -4.79 11.95
N ASP B 40 9.41 -4.29 11.46
CA ASP B 40 8.92 -2.92 11.70
C ASP B 40 7.82 -2.89 12.79
N TYR B 41 7.12 -4.01 13.00
CA TYR B 41 6.13 -4.16 14.08
C TYR B 41 6.75 -4.07 15.47
N GLU B 42 7.94 -4.66 15.70
CA GLU B 42 8.65 -4.41 16.96
C GLU B 42 9.11 -2.95 17.12
N LEU B 43 9.21 -2.18 16.04
CA LEU B 43 9.55 -0.75 16.07
C LEU B 43 8.38 0.15 16.54
N VAL B 44 7.11 -0.27 16.35
CA VAL B 44 5.94 0.44 16.88
C VAL B 44 5.66 0.11 18.35
N SER B 45 6.10 -1.07 18.82
CA SER B 45 5.95 -1.48 20.22
C SER B 45 6.87 -0.70 21.19
N THR B 46 7.94 -0.06 20.69
CA THR B 46 8.91 0.74 21.49
C THR B 46 8.37 2.09 21.99
N LYS B 47 7.11 2.41 21.73
CA LYS B 47 6.43 3.65 22.16
C LYS B 47 5.64 3.43 23.47
N PRO B 48 6.17 3.82 24.64
CA PRO B 48 5.46 3.73 25.93
C PRO B 48 4.39 4.83 26.12
N THR B 49 4.27 5.79 25.20
CA THR B 49 3.39 6.97 25.27
C THR B 49 2.27 6.88 24.23
N ARG B 50 1.02 7.12 24.65
CA ARG B 50 -0.20 6.94 23.84
C ARG B 50 -0.18 7.68 22.50
N THR B 51 0.15 8.96 22.53
CA THR B 51 0.32 9.82 21.34
C THR B 51 1.53 9.44 20.52
N SER B 52 2.63 9.05 21.18
CA SER B 52 3.87 8.61 20.53
C SER B 52 3.70 7.31 19.72
N LYS B 53 2.83 6.39 20.18
CA LYS B 53 2.41 5.19 19.43
C LYS B 53 1.91 5.57 18.03
N VAL B 54 0.94 6.49 17.98
CA VAL B 54 0.31 6.96 16.74
C VAL B 54 1.29 7.76 15.88
N ARG B 55 2.15 8.59 16.49
CA ARG B 55 3.23 9.31 15.78
C ARG B 55 4.18 8.38 15.01
N GLN B 56 4.73 7.35 15.66
CA GLN B 56 5.65 6.42 14.98
C GLN B 56 4.89 5.54 13.96
N LEU B 57 3.65 5.14 14.26
CA LEU B 57 2.75 4.48 13.31
C LEU B 57 2.52 5.34 12.03
N LEU B 58 2.43 6.66 12.14
CA LEU B 58 2.34 7.56 10.98
C LEU B 58 3.64 7.67 10.16
N ASP B 59 4.79 7.22 10.69
CA ASP B 59 6.06 7.19 9.94
C ASP B 59 6.06 6.08 8.87
N THR B 60 5.46 4.93 9.14
CA THR B 60 5.23 3.88 8.13
C THR B 60 4.30 4.37 7.01
N THR B 61 3.31 5.21 7.31
CA THR B 61 2.42 5.81 6.29
C THR B 61 3.16 6.57 5.18
N ASP B 62 4.40 7.02 5.42
CA ASP B 62 5.24 7.65 4.39
C ASP B 62 5.52 6.70 3.21
N ILE B 63 5.82 5.42 3.47
CA ILE B 63 6.01 4.41 2.41
C ILE B 63 4.68 3.84 1.93
N GLN B 64 3.69 3.72 2.83
CA GLN B 64 2.46 2.99 2.59
C GLN B 64 1.43 3.85 1.82
N GLY B 65 1.25 5.10 2.20
CA GLY B 65 0.24 5.98 1.62
C GLY B 65 -1.16 5.63 2.09
N GLU B 66 -1.93 4.86 1.31
CA GLU B 66 -3.35 4.55 1.58
C GLU B 66 -3.58 3.34 2.49
N GLU B 67 -2.53 2.70 2.99
CA GLU B 67 -2.63 1.43 3.74
C GLU B 67 -2.64 1.71 5.25
N PHE B 68 -1.51 2.17 5.80
CA PHE B 68 -1.37 2.61 7.19
C PHE B 68 -2.26 3.82 7.52
N ALA B 69 -2.61 4.65 6.53
CA ALA B 69 -3.56 5.75 6.66
C ALA B 69 -4.97 5.22 6.97
N LYS B 70 -5.49 4.43 6.03
CA LYS B 70 -6.87 3.94 5.99
C LYS B 70 -7.16 2.95 7.11
N VAL B 71 -6.17 2.16 7.51
CA VAL B 71 -6.24 1.33 8.72
C VAL B 71 -6.73 2.11 9.95
N ILE B 72 -6.27 3.35 10.15
CA ILE B 72 -6.70 4.19 11.29
C ILE B 72 -8.15 4.61 11.11
N VAL B 73 -8.50 5.16 9.94
CA VAL B 73 -9.87 5.63 9.64
C VAL B 73 -10.91 4.52 9.79
N GLN B 74 -10.54 3.29 9.38
CA GLN B 74 -11.37 2.10 9.51
C GLN B 74 -11.50 1.59 10.95
N LYS B 75 -10.47 1.74 11.79
CA LYS B 75 -10.48 1.29 13.19
C LYS B 75 -11.17 2.29 14.14
N LEU B 76 -11.11 3.58 13.84
CA LEU B 76 -11.82 4.65 14.55
C LEU B 76 -13.32 4.37 14.65
N LYS B 77 -14.00 4.20 13.51
CA LYS B 77 -15.44 3.84 13.45
C LYS B 77 -15.76 2.45 14.02
N ASP B 78 -14.89 1.46 13.81
CA ASP B 78 -15.08 0.09 14.32
C ASP B 78 -15.09 0.03 15.86
N ASN B 79 -14.39 0.96 16.53
CA ASN B 79 -14.50 1.18 17.97
C ASN B 79 -15.82 1.89 18.33
N LYS B 80 -15.87 3.24 18.21
CA LYS B 80 -16.95 4.13 18.68
C LYS B 80 -16.69 5.64 18.44
N GLN B 81 -15.75 6.00 17.57
CA GLN B 81 -15.31 7.40 17.37
C GLN B 81 -16.17 8.14 16.35
N MET B 82 -17.05 9.03 16.82
CA MET B 82 -17.98 9.80 15.97
C MET B 82 -17.42 11.17 15.52
N GLY B 83 -16.19 11.52 15.91
CA GLY B 83 -15.53 12.79 15.56
C GLY B 83 -15.12 12.92 14.08
N LEU B 84 -15.17 11.83 13.32
CA LEU B 84 -14.60 11.69 11.96
C LEU B 84 -15.58 11.02 10.98
N GLN B 85 -16.88 11.04 11.29
CA GLN B 85 -18.02 10.62 10.46
C GLN B 85 -17.81 10.71 8.92
N PRO B 86 -17.32 11.83 8.35
CA PRO B 86 -16.95 11.92 6.93
C PRO B 86 -15.62 11.20 6.60
N TYR B 87 -15.57 9.88 6.75
CA TYR B 87 -14.42 9.03 6.38
C TYR B 87 -14.13 9.01 4.86
N PRO B 88 -12.88 8.70 4.44
CA PRO B 88 -12.50 8.59 3.02
C PRO B 88 -12.99 7.27 2.39
N GLU B 89 -12.80 7.14 1.07
CA GLU B 89 -13.15 5.93 0.31
C GLU B 89 -12.23 4.73 0.62
N ILE B 90 -12.76 3.52 0.37
CA ILE B 90 -12.08 2.24 0.56
C ILE B 90 -12.16 1.46 -0.76
N LEU B 91 -11.17 1.69 -1.63
CA LEU B 91 -10.83 0.87 -2.80
C LEU B 91 -11.87 0.98 -3.93
N VAL B 92 -11.72 1.98 -4.81
CA VAL B 92 -12.74 2.33 -5.83
C VAL B 92 -12.27 2.15 -7.30
N VAL B 93 -11.02 1.70 -7.50
CA VAL B 93 -10.42 1.51 -8.84
C VAL B 93 -11.23 0.54 -9.70
N SER B 94 -11.45 -0.67 -9.17
CA SER B 94 -12.01 -1.88 -9.82
C SER B 94 -11.20 -2.35 -11.05
N ARG B 95 -11.09 -1.52 -12.09
CA ARG B 95 -10.38 -1.78 -13.36
C ARG B 95 -10.23 -0.49 -14.21
N SER B 96 -9.24 0.36 -13.90
CA SER B 96 -9.02 1.62 -14.64
C SER B 96 -8.29 1.39 -15.98
N PRO B 97 -8.60 2.14 -17.06
CA PRO B 97 -8.01 1.94 -18.39
C PRO B 97 -6.49 2.17 -18.41
N SER B 98 -5.97 2.99 -17.49
CA SER B 98 -4.55 3.26 -17.26
C SER B 98 -3.72 2.03 -16.85
N LEU B 99 -4.38 0.99 -16.31
CA LEU B 99 -3.78 -0.24 -15.77
C LEU B 99 -4.70 -1.46 -16.03
N ASN B 100 -5.39 -1.50 -17.17
CA ASN B 100 -6.26 -2.61 -17.57
C ASN B 100 -5.71 -3.32 -18.82
N LEU B 101 -5.86 -4.65 -18.90
CA LEU B 101 -5.40 -5.44 -20.04
C LEU B 101 -6.36 -5.36 -21.25
N LEU B 102 -5.96 -6.00 -22.35
CA LEU B 102 -6.75 -6.15 -23.59
C LEU B 102 -6.90 -7.64 -23.95
N GLN B 103 -8.11 -8.19 -23.74
CA GLN B 103 -8.45 -9.61 -24.02
C GLN B 103 -9.15 -9.75 -25.39
N ASN B 104 -8.95 -8.80 -26.31
CA ASN B 104 -9.58 -8.73 -27.62
C ASN B 104 -8.73 -7.86 -28.58
N LYS B 105 -8.25 -8.39 -29.71
CA LYS B 105 -7.53 -7.60 -30.72
C LYS B 105 -8.44 -6.49 -31.30
N SER B 106 -7.95 -5.24 -31.28
CA SER B 106 -8.67 -3.99 -31.64
C SER B 106 -10.08 -3.87 -31.03
N GLY A 5 -2.69 -5.00 -21.81
CA GLY A 5 -2.47 -6.44 -21.89
C GLY A 5 -1.94 -7.04 -20.58
N LEU A 6 -1.19 -8.14 -20.66
CA LEU A 6 -0.37 -8.65 -19.55
C LEU A 6 0.61 -7.61 -19.01
N TYR A 7 1.01 -7.70 -17.74
CA TYR A 7 2.02 -6.81 -17.15
C TYR A 7 3.37 -6.88 -17.91
N SER A 8 3.75 -8.06 -18.40
CA SER A 8 4.90 -8.29 -19.27
C SER A 8 4.79 -7.60 -20.65
N SER A 9 3.58 -7.36 -21.15
CA SER A 9 3.32 -6.68 -22.44
C SER A 9 3.59 -5.16 -22.39
N LEU A 10 3.66 -4.54 -21.21
CA LEU A 10 3.98 -3.12 -21.04
C LEU A 10 5.37 -2.73 -21.58
N PRO A 11 5.55 -1.47 -22.05
CA PRO A 11 6.84 -0.98 -22.56
C PRO A 11 7.87 -0.74 -21.43
N PRO A 12 9.18 -0.69 -21.76
CA PRO A 12 10.25 -0.51 -20.77
C PRO A 12 10.16 0.84 -20.04
N ALA A 13 9.75 1.90 -20.74
CA ALA A 13 9.55 3.24 -20.18
C ALA A 13 8.51 3.25 -19.04
N LYS A 14 7.40 2.52 -19.21
CA LYS A 14 6.40 2.33 -18.14
C LYS A 14 7.01 1.65 -16.93
N ARG A 15 7.71 0.53 -17.11
CA ARG A 15 8.30 -0.25 -16.00
C ARG A 15 9.28 0.58 -15.16
N GLU A 16 10.06 1.43 -15.82
CA GLU A 16 10.95 2.43 -15.20
C GLU A 16 10.19 3.45 -14.34
N GLU A 17 9.07 4.02 -14.81
CA GLU A 17 8.21 4.88 -13.99
C GLU A 17 7.65 4.12 -12.77
N VAL A 18 7.16 2.89 -12.96
CA VAL A 18 6.63 2.08 -11.84
C VAL A 18 7.72 1.82 -10.78
N GLU A 19 8.94 1.45 -11.19
CA GLU A 19 10.08 1.29 -10.26
C GLU A 19 10.41 2.57 -9.47
N LYS A 20 10.53 3.71 -10.15
CA LYS A 20 10.86 5.00 -9.52
C LYS A 20 9.81 5.45 -8.52
N LEU A 21 8.52 5.30 -8.85
CA LEU A 21 7.44 5.59 -7.91
C LEU A 21 7.37 4.55 -6.77
N LEU A 22 7.65 3.26 -7.02
CA LEU A 22 7.61 2.24 -5.97
C LEU A 22 8.67 2.47 -4.88
N ASN A 23 9.90 2.81 -5.27
CA ASN A 23 11.00 3.12 -4.33
C ASN A 23 11.03 4.60 -3.87
N GLY A 24 10.17 5.47 -4.42
CA GLY A 24 10.19 6.93 -4.18
C GLY A 24 8.93 7.45 -3.49
N SER A 25 7.76 7.19 -4.07
CA SER A 25 6.44 7.43 -3.43
C SER A 25 6.18 6.48 -2.25
N ALA A 26 6.93 5.38 -2.17
CA ALA A 26 6.86 4.38 -1.12
C ALA A 26 8.21 3.65 -0.88
N GLY A 27 8.19 2.47 -0.26
CA GLY A 27 9.39 1.65 0.02
C GLY A 27 9.09 0.20 0.40
N ASP A 28 8.06 -0.04 1.23
CA ASP A 28 7.59 -1.40 1.58
C ASP A 28 6.38 -1.86 0.73
N THR A 29 5.89 -1.03 -0.20
CA THR A 29 4.77 -1.28 -1.13
C THR A 29 4.79 -2.66 -1.77
N TRP A 30 5.95 -3.01 -2.34
CA TRP A 30 6.20 -4.30 -2.96
C TRP A 30 6.05 -5.45 -1.95
N ARG A 31 6.52 -5.28 -0.70
CA ARG A 31 6.37 -6.27 0.38
C ARG A 31 4.91 -6.55 0.70
N HIS A 32 4.10 -5.50 0.79
CA HIS A 32 2.68 -5.66 0.99
C HIS A 32 2.08 -6.46 -0.18
N LEU A 33 2.37 -6.05 -1.43
CA LEU A 33 1.83 -6.68 -2.64
C LEU A 33 2.14 -8.19 -2.69
N ALA A 34 3.38 -8.57 -2.39
CA ALA A 34 3.82 -9.96 -2.25
C ALA A 34 2.94 -10.78 -1.29
N GLY A 35 2.69 -10.25 -0.07
CA GLY A 35 1.82 -10.89 0.92
C GLY A 35 0.44 -11.29 0.39
N GLU A 36 -0.19 -10.43 -0.43
CA GLU A 36 -1.48 -10.71 -1.08
C GLU A 36 -1.38 -11.54 -2.37
N LEU A 37 -0.21 -11.58 -3.01
CA LEU A 37 0.13 -12.46 -4.13
C LEU A 37 0.39 -13.93 -3.73
N GLY A 38 0.52 -14.22 -2.43
CA GLY A 38 0.73 -15.56 -1.88
C GLY A 38 2.08 -15.77 -1.18
N TYR A 39 2.93 -14.73 -1.13
CA TYR A 39 4.21 -14.72 -0.40
C TYR A 39 3.99 -14.41 1.10
N GLN A 40 5.07 -14.20 1.86
CA GLN A 40 5.07 -14.07 3.33
C GLN A 40 5.90 -12.83 3.76
N PRO A 41 5.53 -12.13 4.85
CA PRO A 41 6.14 -10.84 5.24
C PRO A 41 7.63 -10.98 5.56
N GLU A 42 8.03 -12.06 6.25
CA GLU A 42 9.44 -12.32 6.61
C GLU A 42 10.28 -12.86 5.43
N HIS A 43 9.65 -13.54 4.46
CA HIS A 43 10.32 -14.06 3.26
C HIS A 43 10.81 -12.93 2.34
N ILE A 44 10.02 -11.85 2.24
CA ILE A 44 10.37 -10.67 1.44
C ILE A 44 11.62 -9.96 1.99
N ASP A 45 11.88 -10.07 3.30
CA ASP A 45 13.10 -9.54 3.93
C ASP A 45 14.38 -10.24 3.43
N SER A 46 14.29 -11.43 2.81
CA SER A 46 15.39 -12.05 2.06
C SER A 46 15.56 -11.45 0.66
N PHE A 47 14.46 -11.08 -0.02
CA PHE A 47 14.51 -10.37 -1.31
C PHE A 47 15.00 -8.91 -1.17
N THR A 48 14.69 -8.21 -0.07
CA THR A 48 15.09 -6.80 0.12
C THR A 48 16.61 -6.58 0.15
N HIS A 49 17.37 -7.66 0.38
CA HIS A 49 18.83 -7.66 0.40
C HIS A 49 19.49 -7.53 -1.01
N GLU A 50 18.69 -7.47 -2.08
CA GLU A 50 19.15 -7.29 -3.47
C GLU A 50 19.12 -5.81 -3.93
N ALA A 51 19.71 -5.48 -5.08
CA ALA A 51 19.74 -4.13 -5.65
C ALA A 51 18.39 -3.68 -6.26
N CYS A 52 17.63 -4.62 -6.81
CA CYS A 52 16.32 -4.42 -7.45
C CYS A 52 15.23 -5.29 -6.81
N PRO A 53 14.96 -5.14 -5.48
CA PRO A 53 14.09 -6.05 -4.72
C PRO A 53 12.64 -5.99 -5.21
N VAL A 54 12.11 -4.78 -5.35
CA VAL A 54 10.80 -4.50 -5.93
C VAL A 54 10.66 -5.04 -7.36
N ARG A 55 11.69 -4.88 -8.20
CA ARG A 55 11.67 -5.34 -9.60
C ARG A 55 11.69 -6.87 -9.70
N ALA A 56 12.48 -7.52 -8.85
CA ALA A 56 12.56 -8.97 -8.75
C ALA A 56 11.20 -9.60 -8.43
N LEU A 57 10.38 -8.95 -7.59
CA LEU A 57 9.01 -9.38 -7.33
C LEU A 57 8.15 -9.42 -8.59
N LEU A 58 8.21 -8.36 -9.41
CA LEU A 58 7.48 -8.23 -10.67
C LEU A 58 7.93 -9.33 -11.64
N ALA A 59 9.25 -9.60 -11.73
CA ALA A 59 9.80 -10.68 -12.55
C ALA A 59 9.36 -12.08 -12.09
N SER A 60 9.39 -12.35 -10.78
CA SER A 60 8.93 -13.62 -10.19
C SER A 60 7.43 -13.83 -10.38
N TRP A 61 6.61 -12.81 -10.18
CA TRP A 61 5.16 -12.88 -10.40
C TRP A 61 4.78 -12.95 -11.88
N ALA A 62 5.50 -12.26 -12.77
CA ALA A 62 5.31 -12.32 -14.23
C ALA A 62 5.51 -13.73 -14.83
N THR A 63 6.19 -14.64 -14.12
CA THR A 63 6.30 -16.06 -14.52
C THR A 63 4.94 -16.80 -14.48
N GLN A 64 3.99 -16.32 -13.67
CA GLN A 64 2.67 -16.93 -13.50
C GLN A 64 1.73 -16.53 -14.65
N ASP A 65 0.93 -17.46 -15.16
CA ASP A 65 -0.09 -17.19 -16.18
C ASP A 65 -1.17 -16.18 -15.71
N SER A 66 -1.37 -16.06 -14.40
CA SER A 66 -2.27 -15.12 -13.71
C SER A 66 -1.69 -13.70 -13.58
N ALA A 67 -0.54 -13.39 -14.19
CA ALA A 67 0.13 -12.08 -14.15
C ALA A 67 -0.59 -10.93 -14.91
N THR A 68 -1.91 -11.01 -15.07
CA THR A 68 -2.74 -10.01 -15.75
C THR A 68 -2.73 -8.67 -15.02
N LEU A 69 -2.66 -7.59 -15.79
CA LEU A 69 -2.70 -6.22 -15.29
C LEU A 69 -3.94 -5.95 -14.39
N ASP A 70 -5.11 -6.43 -14.81
CA ASP A 70 -6.35 -6.35 -14.04
C ASP A 70 -6.25 -6.97 -12.63
N ALA A 71 -5.62 -8.14 -12.53
CA ALA A 71 -5.39 -8.82 -11.25
C ALA A 71 -4.32 -8.11 -10.40
N LEU A 72 -3.27 -7.55 -11.00
CA LEU A 72 -2.29 -6.71 -10.31
C LEU A 72 -2.98 -5.51 -9.64
N LEU A 73 -3.85 -4.79 -10.37
CA LEU A 73 -4.62 -3.67 -9.82
C LEU A 73 -5.42 -4.09 -8.59
N ALA A 74 -6.21 -5.16 -8.69
CA ALA A 74 -6.99 -5.67 -7.56
C ALA A 74 -6.13 -6.14 -6.38
N ALA A 75 -4.94 -6.70 -6.61
CA ALA A 75 -4.02 -7.12 -5.55
C ALA A 75 -3.47 -5.95 -4.71
N LEU A 76 -3.24 -4.79 -5.32
CA LEU A 76 -2.89 -3.55 -4.59
C LEU A 76 -4.04 -3.07 -3.69
N ARG A 77 -5.29 -3.38 -4.04
CA ARG A 77 -6.46 -3.01 -3.22
C ARG A 77 -6.55 -3.84 -1.94
N ARG A 78 -6.17 -5.12 -1.98
CA ARG A 78 -6.19 -6.03 -0.81
C ARG A 78 -5.30 -5.56 0.34
N ILE A 79 -4.15 -4.98 0.01
CA ILE A 79 -3.25 -4.27 0.93
C ILE A 79 -3.67 -2.81 1.17
N GLN A 80 -4.90 -2.41 0.82
CA GLN A 80 -5.40 -1.06 1.00
C GLN A 80 -4.62 0.04 0.21
N ARG A 81 -3.76 -0.31 -0.75
CA ARG A 81 -2.78 0.58 -1.45
C ARG A 81 -3.29 1.14 -2.77
N ALA A 82 -4.51 1.66 -2.78
CA ALA A 82 -5.05 2.39 -3.93
C ALA A 82 -4.24 3.64 -4.34
N ASP A 83 -3.39 4.22 -3.47
CA ASP A 83 -2.47 5.31 -3.86
C ASP A 83 -1.51 4.89 -4.96
N LEU A 84 -0.99 3.65 -4.99
CA LEU A 84 -0.10 3.22 -6.06
C LEU A 84 -0.76 3.36 -7.43
N VAL A 85 -2.00 2.89 -7.50
CA VAL A 85 -2.81 2.95 -8.72
C VAL A 85 -3.17 4.39 -9.07
N GLU A 86 -3.61 5.19 -8.11
CA GLU A 86 -4.01 6.58 -8.35
C GLU A 86 -2.81 7.47 -8.74
N SER A 87 -1.66 7.26 -8.10
CA SER A 87 -0.41 7.93 -8.43
C SER A 87 -0.03 7.61 -9.87
N LEU A 88 -0.07 6.34 -10.29
CA LEU A 88 0.20 5.98 -11.68
C LEU A 88 -0.87 6.49 -12.66
N CYS A 89 -2.17 6.40 -12.36
CA CYS A 89 -3.23 6.90 -13.26
C CYS A 89 -3.16 8.43 -13.48
N SER A 90 -2.59 9.17 -12.52
CA SER A 90 -2.31 10.62 -12.60
C SER A 90 -0.89 10.98 -13.07
N GLU A 91 0.06 10.04 -13.05
CA GLU A 91 1.48 10.22 -13.47
C GLU A 91 1.81 9.42 -14.75
N SER A 92 0.78 8.98 -15.50
CA SER A 92 0.90 8.34 -16.81
C SER A 92 1.68 9.19 -17.84
N THR A 93 1.68 10.52 -17.65
CA THR A 93 2.40 11.51 -18.47
C THR A 93 3.50 12.23 -17.66
N ALA A 94 4.68 11.63 -17.65
CA ALA A 94 5.90 12.14 -17.00
C ALA A 94 7.17 11.47 -17.56
N THR A 95 8.32 11.81 -16.97
CA THR A 95 9.65 11.24 -17.29
C THR A 95 10.51 11.20 -16.02
N SER A 96 11.58 10.40 -16.02
CA SER A 96 12.49 10.20 -14.89
C SER A 96 13.89 9.78 -15.35
N PRO A 97 14.95 9.96 -14.52
CA PRO A 97 16.30 9.50 -14.84
C PRO A 97 16.38 7.96 -14.88
N VAL A 98 17.11 7.42 -15.85
CA VAL A 98 17.44 5.98 -16.00
C VAL A 98 18.23 5.42 -14.79
N ILE B 2 -7.94 8.23 -2.04
CA ILE B 2 -8.30 9.40 -1.22
C ILE B 2 -7.82 9.25 0.23
N ALA B 3 -7.53 8.03 0.70
CA ALA B 3 -7.05 7.79 2.07
C ALA B 3 -5.65 8.38 2.33
N GLN B 4 -4.74 8.37 1.34
CA GLN B 4 -3.43 9.02 1.46
C GLN B 4 -3.57 10.55 1.59
N GLN B 5 -4.48 11.17 0.82
CA GLN B 5 -4.79 12.60 0.97
C GLN B 5 -5.49 12.90 2.29
N TRP B 6 -6.46 12.08 2.69
CA TRP B 6 -7.25 12.26 3.91
C TRP B 6 -6.37 12.22 5.17
N ILE B 7 -5.43 11.27 5.23
CA ILE B 7 -4.48 11.15 6.34
C ILE B 7 -3.49 12.32 6.40
N GLN B 8 -3.20 12.97 5.27
CA GLN B 8 -2.39 14.19 5.19
C GLN B 8 -3.19 15.48 5.48
N SER B 9 -4.45 15.37 5.92
CA SER B 9 -5.33 16.50 6.28
C SER B 9 -5.87 16.39 7.71
N LYS B 10 -6.33 15.20 8.13
CA LYS B 10 -6.87 14.92 9.48
C LYS B 10 -5.89 14.10 10.35
N ARG B 11 -4.59 14.10 10.00
CA ARG B 11 -3.48 13.55 10.81
C ARG B 11 -3.44 14.08 12.25
N GLU B 12 -3.70 15.37 12.44
CA GLU B 12 -3.73 15.98 13.79
C GLU B 12 -5.06 15.71 14.53
N ASP B 13 -6.03 15.11 13.86
CA ASP B 13 -7.32 14.74 14.43
C ASP B 13 -7.33 13.25 14.83
N ILE B 14 -6.91 12.34 13.94
CA ILE B 14 -6.82 10.88 14.23
C ILE B 14 -6.09 10.57 15.54
N VAL B 15 -4.94 11.20 15.80
CA VAL B 15 -4.11 10.96 17.00
C VAL B 15 -4.82 11.43 18.28
N ASN B 16 -5.58 12.51 18.18
CA ASN B 16 -6.31 13.12 19.30
C ASN B 16 -7.64 12.40 19.57
N GLN B 17 -8.27 11.86 18.52
CA GLN B 17 -9.47 11.02 18.60
C GLN B 17 -9.16 9.62 19.12
N MET B 18 -8.23 8.88 18.50
CA MET B 18 -7.88 7.54 18.97
C MET B 18 -7.23 7.59 20.36
N THR B 19 -7.60 6.65 21.23
CA THR B 19 -6.95 6.47 22.54
C THR B 19 -5.83 5.46 22.45
N GLU B 20 -6.14 4.16 22.51
CA GLU B 20 -5.14 3.08 22.58
C GLU B 20 -5.70 1.77 22.00
N ALA B 21 -6.98 1.46 22.24
CA ALA B 21 -7.67 0.32 21.65
C ALA B 21 -7.69 0.38 20.11
N CYS B 22 -7.89 1.57 19.53
CA CYS B 22 -7.77 1.81 18.09
C CYS B 22 -6.35 1.50 17.57
N LEU B 23 -5.29 1.92 18.28
CA LEU B 23 -3.90 1.67 17.88
C LEU B 23 -3.54 0.18 17.98
N ASN B 24 -3.96 -0.52 19.03
CA ASN B 24 -3.78 -1.97 19.12
C ASN B 24 -4.54 -2.73 18.01
N GLN B 25 -5.82 -2.38 17.76
CA GLN B 25 -6.60 -2.96 16.66
C GLN B 25 -6.00 -2.69 15.28
N SER B 26 -5.54 -1.46 15.02
CA SER B 26 -4.87 -1.16 13.75
C SER B 26 -3.61 -2.00 13.60
N LEU B 27 -2.74 -2.05 14.61
CA LEU B 27 -1.51 -2.85 14.61
C LEU B 27 -1.72 -4.33 14.27
N ASP B 28 -2.70 -5.00 14.88
CA ASP B 28 -2.97 -6.41 14.57
C ASP B 28 -3.38 -6.60 13.09
N ALA B 29 -4.23 -5.71 12.55
CA ALA B 29 -4.65 -5.73 11.16
C ALA B 29 -3.51 -5.37 10.19
N LEU B 30 -2.67 -4.39 10.54
CA LEU B 30 -1.47 -3.99 9.80
C LEU B 30 -0.53 -5.19 9.58
N LEU B 31 -0.42 -6.10 10.55
CA LEU B 31 0.47 -7.27 10.44
C LEU B 31 -0.20 -8.42 9.67
N SER B 32 -1.45 -8.75 9.97
CA SER B 32 -2.27 -9.77 9.28
C SER B 32 -2.42 -9.50 7.78
N ARG B 33 -2.48 -8.22 7.39
CA ARG B 33 -2.61 -7.74 6.00
C ARG B 33 -1.26 -7.45 5.30
N ASP B 34 -0.15 -7.81 5.94
CA ASP B 34 1.22 -7.65 5.42
C ASP B 34 1.68 -6.18 5.23
N LEU B 35 0.93 -5.21 5.77
CA LEU B 35 1.25 -3.78 5.81
C LEU B 35 2.51 -3.48 6.65
N ILE B 36 2.81 -4.25 7.70
CA ILE B 36 4.01 -4.03 8.52
C ILE B 36 4.71 -5.35 8.83
N MET B 37 6.00 -5.42 8.49
CA MET B 37 6.84 -6.58 8.85
C MET B 37 7.16 -6.56 10.35
N LYS B 38 7.49 -7.72 10.94
CA LYS B 38 7.93 -7.83 12.34
C LYS B 38 9.07 -6.87 12.72
N GLU B 39 9.99 -6.59 11.78
CA GLU B 39 11.11 -5.65 11.95
C GLU B 39 10.65 -4.22 12.31
N ASP B 40 9.60 -3.70 11.66
CA ASP B 40 9.00 -2.40 11.96
C ASP B 40 7.89 -2.50 13.04
N TYR B 41 7.31 -3.68 13.24
CA TYR B 41 6.30 -3.92 14.27
C TYR B 41 6.87 -3.98 15.69
N GLU B 42 8.05 -4.56 15.92
CA GLU B 42 8.67 -4.43 17.25
C GLU B 42 9.02 -2.96 17.57
N LEU B 43 9.35 -2.14 16.57
CA LEU B 43 9.63 -0.70 16.72
C LEU B 43 8.45 0.17 17.17
N VAL B 44 7.20 -0.22 16.90
CA VAL B 44 6.01 0.48 17.45
C VAL B 44 5.66 0.00 18.86
N SER B 45 6.08 -1.21 19.25
CA SER B 45 5.86 -1.73 20.60
C SER B 45 6.75 -1.05 21.66
N THR B 46 7.90 -0.48 21.29
CA THR B 46 8.85 0.21 22.21
C THR B 46 8.41 1.60 22.68
N LYS B 47 7.20 2.05 22.32
CA LYS B 47 6.61 3.34 22.73
C LYS B 47 5.80 3.21 24.03
N PRO B 48 6.31 3.63 25.21
CA PRO B 48 5.56 3.61 26.48
C PRO B 48 4.51 4.72 26.63
N THR B 49 4.46 5.67 25.69
CA THR B 49 3.59 6.86 25.71
C THR B 49 2.49 6.71 24.65
N ARG B 50 1.22 6.87 25.06
CA ARG B 50 0.02 6.68 24.21
C ARG B 50 0.07 7.46 22.90
N THR B 51 0.39 8.75 22.95
CA THR B 51 0.57 9.62 21.76
C THR B 51 1.80 9.24 20.94
N SER B 52 2.89 8.81 21.59
CA SER B 52 4.12 8.35 20.93
C SER B 52 3.93 7.03 20.15
N LYS B 53 3.03 6.13 20.60
CA LYS B 53 2.61 4.93 19.85
C LYS B 53 2.10 5.28 18.45
N VAL B 54 1.26 6.30 18.36
CA VAL B 54 0.66 6.80 17.12
C VAL B 54 1.69 7.51 16.21
N ARG B 55 2.75 8.07 16.80
CA ARG B 55 3.86 8.73 16.09
C ARG B 55 4.63 7.78 15.17
N GLN B 56 4.97 6.58 15.64
CA GLN B 56 5.61 5.54 14.81
C GLN B 56 4.65 4.96 13.75
N LEU B 57 3.36 4.85 14.06
CA LEU B 57 2.33 4.55 13.03
C LEU B 57 2.44 5.56 11.86
N LEU B 58 2.49 6.85 12.16
CA LEU B 58 2.53 7.93 11.16
C LEU B 58 3.78 7.88 10.26
N ASP B 59 4.86 7.25 10.72
CA ASP B 59 6.12 7.09 9.99
C ASP B 59 5.98 6.15 8.79
N THR B 60 5.34 4.98 8.96
CA THR B 60 4.99 4.08 7.86
C THR B 60 3.88 4.66 6.97
N THR B 61 2.95 5.44 7.51
CA THR B 61 1.94 6.20 6.73
C THR B 61 2.54 7.14 5.67
N ASP B 62 3.84 7.50 5.73
CA ASP B 62 4.50 8.22 4.63
C ASP B 62 4.63 7.36 3.35
N ILE B 63 4.99 6.07 3.48
CA ILE B 63 5.18 5.18 2.32
C ILE B 63 3.88 4.45 1.93
N GLN B 64 3.01 4.18 2.91
CA GLN B 64 1.80 3.36 2.76
C GLN B 64 0.59 4.12 3.27
N GLY B 65 0.52 5.43 3.00
CA GLY B 65 -0.52 6.29 3.56
C GLY B 65 -1.95 5.86 3.23
N GLU B 66 -2.27 5.49 1.98
CA GLU B 66 -3.59 4.93 1.65
C GLU B 66 -3.93 3.68 2.48
N GLU B 67 -2.92 2.95 2.96
CA GLU B 67 -3.05 1.66 3.62
C GLU B 67 -3.15 1.82 5.13
N PHE B 68 -2.11 2.41 5.73
CA PHE B 68 -2.03 2.72 7.14
C PHE B 68 -3.17 3.66 7.56
N ALA B 69 -3.60 4.60 6.69
CA ALA B 69 -4.79 5.43 6.93
C ALA B 69 -6.07 4.62 6.97
N LYS B 70 -6.33 3.80 5.93
CA LYS B 70 -7.61 3.11 5.74
C LYS B 70 -7.89 2.08 6.84
N VAL B 71 -6.84 1.55 7.47
CA VAL B 71 -6.97 0.83 8.74
C VAL B 71 -7.61 1.71 9.83
N ILE B 72 -7.17 2.96 10.01
CA ILE B 72 -7.63 3.86 11.09
C ILE B 72 -9.06 4.32 10.82
N VAL B 73 -9.36 4.80 9.60
CA VAL B 73 -10.71 5.28 9.21
C VAL B 73 -11.79 4.24 9.45
N GLN B 74 -11.43 2.95 9.35
CA GLN B 74 -12.32 1.82 9.54
C GLN B 74 -12.33 1.29 11.00
N LYS B 75 -11.26 1.52 11.78
CA LYS B 75 -11.18 1.25 13.24
C LYS B 75 -11.99 2.25 14.06
N LEU B 76 -11.90 3.55 13.74
CA LEU B 76 -12.67 4.61 14.38
C LEU B 76 -14.18 4.45 14.14
N LYS B 77 -14.58 3.90 12.99
CA LYS B 77 -15.97 3.51 12.65
C LYS B 77 -16.57 2.51 13.63
N ASP B 78 -15.77 1.56 14.11
CA ASP B 78 -16.18 0.56 15.12
C ASP B 78 -16.50 1.19 16.50
N ASN B 79 -15.97 2.40 16.77
CA ASN B 79 -16.20 3.17 18.00
C ASN B 79 -17.07 4.42 17.81
N LYS B 80 -17.46 4.74 16.56
CA LYS B 80 -18.30 5.88 16.13
C LYS B 80 -18.08 7.18 16.92
N GLN B 81 -16.82 7.58 17.02
CA GLN B 81 -16.36 8.71 17.85
C GLN B 81 -16.83 10.09 17.34
N MET B 82 -17.40 10.15 16.12
CA MET B 82 -17.93 11.35 15.44
C MET B 82 -16.89 12.43 15.09
N GLY B 83 -15.60 12.22 15.40
CA GLY B 83 -14.51 13.13 15.04
C GLY B 83 -14.20 13.19 13.54
N LEU B 84 -14.63 12.18 12.78
CA LEU B 84 -14.17 11.89 11.41
C LEU B 84 -15.21 11.17 10.53
N GLN B 85 -16.50 11.35 10.84
CA GLN B 85 -17.64 10.97 9.98
C GLN B 85 -17.38 11.03 8.45
N PRO B 86 -16.78 12.10 7.90
CA PRO B 86 -16.33 12.15 6.50
C PRO B 86 -15.03 11.34 6.29
N TYR B 87 -15.15 10.01 6.29
CA TYR B 87 -14.07 9.08 5.94
C TYR B 87 -13.76 9.08 4.43
N PRO B 88 -12.54 8.67 4.01
CA PRO B 88 -12.18 8.52 2.61
C PRO B 88 -12.85 7.30 1.98
N GLU B 89 -12.67 7.16 0.66
CA GLU B 89 -13.20 6.04 -0.12
C GLU B 89 -12.52 4.70 0.19
N ILE B 90 -13.13 3.59 -0.25
CA ILE B 90 -12.69 2.23 0.03
C ILE B 90 -12.44 1.53 -1.32
N LEU B 91 -11.26 1.81 -1.90
CA LEU B 91 -10.68 1.06 -3.03
C LEU B 91 -11.44 1.23 -4.36
N VAL B 92 -11.79 2.49 -4.68
CA VAL B 92 -12.53 2.85 -5.91
C VAL B 92 -11.79 2.56 -7.22
N VAL B 93 -10.53 2.11 -7.17
CA VAL B 93 -9.68 1.78 -8.33
C VAL B 93 -10.48 1.11 -9.44
N SER B 94 -11.06 -0.06 -9.14
CA SER B 94 -11.68 -1.03 -10.05
C SER B 94 -10.79 -1.45 -11.23
N ARG B 95 -10.40 -0.51 -12.08
CA ARG B 95 -9.58 -0.67 -13.30
C ARG B 95 -9.04 0.68 -13.86
N SER B 96 -8.52 1.55 -12.99
CA SER B 96 -8.00 2.88 -13.39
C SER B 96 -7.01 2.84 -14.58
N PRO B 97 -6.97 3.88 -15.44
CA PRO B 97 -6.17 3.92 -16.66
C PRO B 97 -4.65 4.02 -16.36
N SER B 98 -3.98 2.87 -16.20
CA SER B 98 -2.52 2.79 -16.02
C SER B 98 -1.94 1.38 -16.08
N LEU B 99 -2.46 0.48 -15.22
CA LEU B 99 -1.99 -0.91 -15.08
C LEU B 99 -3.16 -1.84 -15.40
N ASN B 100 -3.88 -1.58 -16.49
CA ASN B 100 -5.04 -2.34 -16.93
C ASN B 100 -4.88 -2.84 -18.38
N LEU B 101 -5.80 -3.70 -18.81
CA LEU B 101 -5.88 -4.21 -20.17
C LEU B 101 -7.24 -3.88 -20.82
N LEU B 102 -7.47 -4.39 -22.05
CA LEU B 102 -8.73 -4.28 -22.78
C LEU B 102 -9.95 -4.61 -21.89
N GLN B 103 -10.10 -5.89 -21.52
CA GLN B 103 -11.22 -6.50 -20.80
C GLN B 103 -11.09 -8.03 -20.75
N ASN B 104 -11.98 -8.68 -19.99
CA ASN B 104 -12.07 -10.14 -19.83
C ASN B 104 -13.09 -10.79 -20.80
N LYS B 105 -13.50 -10.08 -21.86
CA LYS B 105 -14.38 -10.56 -22.95
C LYS B 105 -13.58 -11.02 -24.18
N SER B 106 -14.29 -11.28 -25.29
CA SER B 106 -13.75 -11.76 -26.58
C SER B 106 -13.00 -13.11 -26.46
N GLY A 5 -4.19 -7.62 -19.79
CA GLY A 5 -2.89 -7.12 -20.24
C GLY A 5 -1.72 -7.74 -19.46
N LEU A 6 -0.56 -7.89 -20.09
CA LEU A 6 0.65 -8.41 -19.43
C LEU A 6 1.64 -7.27 -19.10
N TYR A 7 2.37 -7.42 -17.98
CA TYR A 7 3.41 -6.46 -17.59
C TYR A 7 4.53 -6.34 -18.64
N SER A 8 4.91 -7.45 -19.28
CA SER A 8 5.89 -7.47 -20.39
C SER A 8 5.39 -6.78 -21.67
N SER A 9 4.07 -6.68 -21.86
CA SER A 9 3.47 -5.99 -23.01
C SER A 9 3.47 -4.46 -22.90
N LEU A 10 3.69 -3.87 -21.70
CA LEU A 10 3.86 -2.41 -21.56
C LEU A 10 5.16 -1.90 -22.21
N PRO A 11 5.17 -0.64 -22.70
CA PRO A 11 6.36 -0.01 -23.28
C PRO A 11 7.41 0.33 -22.20
N PRO A 12 8.69 0.55 -22.58
CA PRO A 12 9.77 0.83 -21.64
C PRO A 12 9.56 2.13 -20.85
N ALA A 13 8.98 3.15 -21.48
CA ALA A 13 8.64 4.42 -20.85
C ALA A 13 7.61 4.30 -19.71
N LYS A 14 6.66 3.36 -19.82
CA LYS A 14 5.69 3.10 -18.74
C LYS A 14 6.33 2.39 -17.55
N ARG A 15 7.21 1.41 -17.79
CA ARG A 15 7.92 0.70 -16.71
C ARG A 15 8.79 1.65 -15.88
N GLU A 16 9.42 2.63 -16.54
CA GLU A 16 10.15 3.73 -15.87
C GLU A 16 9.25 4.53 -14.91
N GLU A 17 8.01 4.90 -15.29
CA GLU A 17 7.11 5.63 -14.38
C GLU A 17 6.72 4.81 -13.13
N VAL A 18 6.45 3.51 -13.30
CA VAL A 18 6.14 2.63 -12.16
C VAL A 18 7.34 2.54 -11.21
N GLU A 19 8.54 2.29 -11.75
CA GLU A 19 9.79 2.29 -10.99
C GLU A 19 10.03 3.63 -10.28
N LYS A 20 9.83 4.78 -10.95
CA LYS A 20 9.97 6.12 -10.35
C LYS A 20 9.04 6.29 -9.14
N LEU A 21 7.77 5.87 -9.26
CA LEU A 21 6.80 6.05 -8.18
C LEU A 21 7.09 5.15 -6.96
N LEU A 22 7.50 3.90 -7.18
CA LEU A 22 7.98 3.04 -6.09
C LEU A 22 9.30 3.59 -5.51
N ASN A 23 10.36 3.71 -6.30
CA ASN A 23 11.69 4.16 -5.84
C ASN A 23 11.68 5.55 -5.17
N GLY A 24 10.72 6.42 -5.53
CA GLY A 24 10.51 7.74 -4.94
C GLY A 24 10.22 7.75 -3.43
N SER A 25 9.68 6.64 -2.91
CA SER A 25 9.47 6.44 -1.46
C SER A 25 9.94 5.05 -1.03
N ALA A 26 9.31 3.99 -1.55
CA ALA A 26 9.50 2.57 -1.21
C ALA A 26 9.62 2.29 0.31
N GLY A 27 9.92 1.03 0.66
CA GLY A 27 10.17 0.60 2.03
C GLY A 27 9.60 -0.80 2.24
N ASP A 28 8.30 -0.87 2.48
CA ASP A 28 7.58 -2.11 2.80
C ASP A 28 6.50 -2.47 1.77
N THR A 29 6.21 -1.57 0.82
CA THR A 29 5.08 -1.66 -0.12
C THR A 29 5.06 -2.93 -0.93
N TRP A 30 6.19 -3.22 -1.57
CA TRP A 30 6.46 -4.44 -2.32
C TRP A 30 6.37 -5.70 -1.43
N ARG A 31 6.81 -5.59 -0.17
CA ARG A 31 6.71 -6.68 0.82
C ARG A 31 5.26 -7.06 1.13
N HIS A 32 4.35 -6.08 1.20
CA HIS A 32 2.92 -6.35 1.35
C HIS A 32 2.38 -7.10 0.13
N LEU A 33 2.69 -6.64 -1.09
CA LEU A 33 2.17 -7.21 -2.33
C LEU A 33 2.54 -8.69 -2.47
N ALA A 34 3.81 -9.01 -2.20
CA ALA A 34 4.33 -10.37 -2.18
C ALA A 34 3.47 -11.30 -1.30
N GLY A 35 3.07 -10.87 -0.09
CA GLY A 35 2.17 -11.62 0.81
C GLY A 35 0.84 -12.05 0.15
N GLU A 36 0.23 -11.17 -0.63
CA GLU A 36 -1.01 -11.46 -1.37
C GLU A 36 -0.80 -12.23 -2.68
N LEU A 37 0.43 -12.19 -3.24
CA LEU A 37 0.86 -12.99 -4.39
C LEU A 37 1.24 -14.44 -4.04
N GLY A 38 1.31 -14.79 -2.75
CA GLY A 38 1.57 -16.14 -2.25
C GLY A 38 2.90 -16.30 -1.49
N TYR A 39 3.67 -15.22 -1.34
CA TYR A 39 4.90 -15.19 -0.52
C TYR A 39 4.58 -15.00 0.98
N GLN A 40 5.61 -14.75 1.80
CA GLN A 40 5.53 -14.70 3.27
C GLN A 40 6.23 -13.43 3.79
N PRO A 41 5.70 -12.74 4.82
CA PRO A 41 6.26 -11.47 5.29
C PRO A 41 7.72 -11.61 5.79
N GLU A 42 7.97 -12.59 6.65
CA GLU A 42 9.31 -12.86 7.22
C GLU A 42 10.34 -13.31 6.17
N HIS A 43 9.89 -13.90 5.05
CA HIS A 43 10.76 -14.37 3.96
C HIS A 43 11.29 -13.19 3.14
N ILE A 44 10.44 -12.19 2.88
CA ILE A 44 10.83 -10.97 2.17
C ILE A 44 11.86 -10.16 2.95
N ASP A 45 11.89 -10.28 4.28
CA ASP A 45 12.89 -9.65 5.16
C ASP A 45 14.36 -9.93 4.75
N SER A 46 14.64 -11.14 4.25
CA SER A 46 15.95 -11.45 3.64
C SER A 46 16.11 -10.85 2.24
N PHE A 47 15.02 -10.77 1.47
CA PHE A 47 14.96 -10.16 0.14
C PHE A 47 15.21 -8.64 0.18
N THR A 48 14.82 -7.93 1.26
CA THR A 48 15.06 -6.48 1.40
C THR A 48 16.55 -6.11 1.37
N HIS A 49 17.44 -7.06 1.68
CA HIS A 49 18.89 -6.89 1.68
C HIS A 49 19.50 -6.94 0.26
N GLU A 50 18.73 -7.27 -0.78
CA GLU A 50 19.22 -7.26 -2.17
C GLU A 50 19.51 -5.84 -2.70
N ALA A 51 20.22 -5.74 -3.84
CA ALA A 51 20.56 -4.46 -4.48
C ALA A 51 19.41 -3.87 -5.33
N CYS A 52 18.50 -4.70 -5.84
CA CYS A 52 17.37 -4.29 -6.68
C CYS A 52 16.04 -4.94 -6.24
N PRO A 53 15.64 -4.84 -4.95
CA PRO A 53 14.52 -5.60 -4.38
C PRO A 53 13.18 -5.31 -5.07
N VAL A 54 12.91 -4.04 -5.38
CA VAL A 54 11.72 -3.59 -6.12
C VAL A 54 11.64 -4.29 -7.48
N ARG A 55 12.71 -4.23 -8.27
CA ARG A 55 12.79 -4.87 -9.59
C ARG A 55 12.76 -6.39 -9.52
N ALA A 56 13.41 -6.97 -8.51
CA ALA A 56 13.46 -8.42 -8.31
C ALA A 56 12.08 -9.03 -8.03
N LEU A 57 11.23 -8.37 -7.21
CA LEU A 57 9.88 -8.87 -6.98
C LEU A 57 9.04 -8.83 -8.27
N LEU A 58 9.08 -7.71 -8.99
CA LEU A 58 8.40 -7.54 -10.26
C LEU A 58 8.85 -8.60 -11.28
N ALA A 59 10.17 -8.82 -11.42
CA ALA A 59 10.75 -9.85 -12.28
C ALA A 59 10.37 -11.27 -11.85
N SER A 60 10.41 -11.58 -10.54
CA SER A 60 10.09 -12.91 -9.99
C SER A 60 8.61 -13.26 -10.12
N TRP A 61 7.71 -12.28 -9.98
CA TRP A 61 6.28 -12.46 -10.24
C TRP A 61 5.96 -12.51 -11.74
N ALA A 62 6.64 -11.71 -12.58
CA ALA A 62 6.50 -11.72 -14.04
C ALA A 62 6.85 -13.07 -14.71
N THR A 63 7.53 -14.00 -14.02
CA THR A 63 7.77 -15.35 -14.54
C THR A 63 6.48 -16.18 -14.66
N GLN A 64 5.43 -15.85 -13.90
CA GLN A 64 4.16 -16.56 -13.89
C GLN A 64 3.33 -16.22 -15.15
N ASP A 65 2.79 -17.23 -15.83
CA ASP A 65 1.91 -17.05 -17.00
C ASP A 65 0.55 -16.39 -16.68
N SER A 66 0.13 -16.40 -15.40
CA SER A 66 -1.10 -15.75 -14.92
C SER A 66 -0.86 -14.37 -14.28
N ALA A 67 0.37 -13.85 -14.33
CA ALA A 67 0.73 -12.52 -13.80
C ALA A 67 0.29 -11.33 -14.69
N THR A 68 -1.01 -11.23 -14.96
CA THR A 68 -1.59 -10.11 -15.73
C THR A 68 -1.73 -8.84 -14.89
N LEU A 69 -1.57 -7.69 -15.52
CA LEU A 69 -1.70 -6.36 -14.90
C LEU A 69 -3.09 -6.13 -14.28
N ASP A 70 -4.13 -6.74 -14.84
CA ASP A 70 -5.48 -6.80 -14.26
C ASP A 70 -5.45 -7.37 -12.83
N ALA A 71 -4.79 -8.53 -12.66
CA ALA A 71 -4.65 -9.20 -11.37
C ALA A 71 -3.70 -8.44 -10.42
N LEU A 72 -2.62 -7.84 -10.93
CA LEU A 72 -1.72 -6.95 -10.18
C LEU A 72 -2.50 -5.78 -9.57
N LEU A 73 -3.27 -5.06 -10.40
CA LEU A 73 -4.09 -3.93 -9.96
C LEU A 73 -5.14 -4.31 -8.90
N ALA A 74 -5.74 -5.50 -9.01
CA ALA A 74 -6.67 -6.01 -8.01
C ALA A 74 -5.97 -6.54 -6.73
N ALA A 75 -4.73 -7.05 -6.83
CA ALA A 75 -3.95 -7.55 -5.70
C ALA A 75 -3.47 -6.42 -4.77
N LEU A 76 -3.13 -5.25 -5.30
CA LEU A 76 -2.79 -4.04 -4.51
C LEU A 76 -3.96 -3.61 -3.60
N ARG A 77 -5.20 -3.91 -3.98
CA ARG A 77 -6.42 -3.61 -3.18
C ARG A 77 -6.46 -4.44 -1.89
N ARG A 78 -5.98 -5.68 -1.95
CA ARG A 78 -5.99 -6.68 -0.84
C ARG A 78 -5.11 -6.23 0.34
N ILE A 79 -3.96 -5.62 0.01
CA ILE A 79 -3.09 -4.93 0.96
C ILE A 79 -3.53 -3.47 1.22
N GLN A 80 -4.67 -3.03 0.67
CA GLN A 80 -5.20 -1.67 0.78
C GLN A 80 -4.38 -0.58 0.08
N ARG A 81 -3.33 -0.91 -0.69
CA ARG A 81 -2.39 0.01 -1.39
C ARG A 81 -2.99 0.67 -2.64
N ALA A 82 -4.18 1.22 -2.54
CA ALA A 82 -4.78 2.06 -3.58
C ALA A 82 -4.05 3.39 -3.82
N ASP A 83 -3.23 3.88 -2.88
CA ASP A 83 -2.47 5.14 -3.03
C ASP A 83 -1.56 5.14 -4.27
N LEU A 84 -0.67 4.15 -4.40
CA LEU A 84 0.17 4.04 -5.61
C LEU A 84 -0.66 3.82 -6.88
N VAL A 85 -1.77 3.07 -6.81
CA VAL A 85 -2.61 2.84 -7.98
C VAL A 85 -3.28 4.13 -8.44
N GLU A 86 -3.85 4.91 -7.52
CA GLU A 86 -4.51 6.17 -7.87
C GLU A 86 -3.48 7.24 -8.29
N SER A 87 -2.33 7.28 -7.63
CA SER A 87 -1.21 8.13 -8.03
C SER A 87 -0.78 7.81 -9.46
N LEU A 88 -0.63 6.53 -9.82
CA LEU A 88 -0.33 6.12 -11.20
C LEU A 88 -1.49 6.41 -12.17
N CYS A 89 -2.76 6.18 -11.80
CA CYS A 89 -3.91 6.49 -12.66
C CYS A 89 -4.06 8.00 -12.97
N SER A 90 -3.67 8.87 -12.03
CA SER A 90 -3.67 10.33 -12.18
C SER A 90 -2.33 10.90 -12.68
N GLU A 91 -1.26 10.10 -12.71
CA GLU A 91 0.09 10.44 -13.17
C GLU A 91 0.55 9.45 -14.26
N SER A 92 -0.28 9.29 -15.28
CA SER A 92 -0.03 8.52 -16.51
C SER A 92 0.27 9.42 -17.72
N THR A 93 -0.14 10.70 -17.65
CA THR A 93 0.09 11.71 -18.69
C THR A 93 1.59 11.95 -18.92
N ALA A 94 2.03 11.85 -20.17
CA ALA A 94 3.44 11.98 -20.58
C ALA A 94 3.58 12.74 -21.91
N THR A 95 4.79 13.23 -22.19
CA THR A 95 5.10 14.06 -23.36
C THR A 95 6.42 13.60 -24.01
N SER A 96 7.56 13.95 -23.40
CA SER A 96 8.92 13.68 -23.93
C SER A 96 10.03 14.08 -22.93
N PRO A 97 10.11 13.43 -21.75
CA PRO A 97 11.13 13.74 -20.74
C PRO A 97 12.55 13.43 -21.27
N VAL A 98 13.42 14.45 -21.25
CA VAL A 98 14.84 14.41 -21.66
C VAL A 98 15.79 14.48 -20.44
N ILE B 2 -7.74 9.16 -2.03
CA ILE B 2 -8.88 9.12 -1.10
C ILE B 2 -8.35 8.98 0.33
N ALA B 3 -8.03 7.79 0.85
CA ALA B 3 -7.54 7.67 2.24
C ALA B 3 -6.17 8.35 2.48
N GLN B 4 -5.24 8.29 1.51
CA GLN B 4 -3.98 9.04 1.57
C GLN B 4 -4.25 10.55 1.71
N GLN B 5 -5.04 11.15 0.81
CA GLN B 5 -5.37 12.58 0.86
C GLN B 5 -6.12 12.97 2.13
N TRP B 6 -7.08 12.14 2.54
CA TRP B 6 -7.91 12.40 3.71
C TRP B 6 -7.04 12.48 4.98
N ILE B 7 -6.12 11.55 5.17
CA ILE B 7 -5.15 11.60 6.28
C ILE B 7 -4.12 12.72 6.08
N GLN B 8 -3.60 12.96 4.87
CA GLN B 8 -2.67 14.06 4.54
C GLN B 8 -3.27 15.49 4.64
N SER B 9 -4.41 15.67 5.32
CA SER B 9 -5.05 16.97 5.53
C SER B 9 -5.52 17.19 6.97
N LYS B 10 -5.97 16.13 7.66
CA LYS B 10 -6.44 16.16 9.06
C LYS B 10 -5.75 15.15 9.97
N ARG B 11 -4.56 14.64 9.58
CA ARG B 11 -3.69 13.70 10.34
C ARG B 11 -3.64 13.98 11.84
N GLU B 12 -3.46 15.23 12.22
CA GLU B 12 -3.34 15.68 13.61
C GLU B 12 -4.65 15.52 14.41
N ASP B 13 -5.82 15.56 13.76
CA ASP B 13 -7.13 15.37 14.39
C ASP B 13 -7.31 13.90 14.84
N ILE B 14 -6.91 12.94 14.00
CA ILE B 14 -7.02 11.50 14.31
C ILE B 14 -6.24 11.15 15.58
N VAL B 15 -5.02 11.66 15.72
CA VAL B 15 -4.17 11.44 16.90
C VAL B 15 -4.84 12.00 18.18
N ASN B 16 -5.59 13.11 18.07
CA ASN B 16 -6.34 13.67 19.20
C ASN B 16 -7.60 12.87 19.55
N GLN B 17 -8.26 12.25 18.57
CA GLN B 17 -9.42 11.38 18.78
C GLN B 17 -9.03 10.00 19.34
N MET B 18 -8.03 9.32 18.76
CA MET B 18 -7.58 8.01 19.26
C MET B 18 -6.93 8.12 20.64
N THR B 19 -7.01 7.05 21.44
CA THR B 19 -6.33 6.94 22.74
C THR B 19 -5.25 5.86 22.69
N GLU B 20 -5.60 4.58 22.74
CA GLU B 20 -4.64 3.46 22.77
C GLU B 20 -5.25 2.15 22.27
N ALA B 21 -6.48 1.83 22.73
CA ALA B 21 -7.23 0.64 22.28
C ALA B 21 -7.45 0.61 20.76
N CYS B 22 -7.69 1.79 20.16
CA CYS B 22 -7.83 1.94 18.72
C CYS B 22 -6.52 1.61 17.98
N LEU B 23 -5.37 2.04 18.54
CA LEU B 23 -4.03 1.77 18.00
C LEU B 23 -3.68 0.28 18.10
N ASN B 24 -4.02 -0.40 19.20
CA ASN B 24 -3.86 -1.85 19.31
C ASN B 24 -4.69 -2.61 18.26
N GLN B 25 -5.95 -2.22 18.03
CA GLN B 25 -6.77 -2.81 16.96
C GLN B 25 -6.16 -2.60 15.57
N SER B 26 -5.63 -1.41 15.25
CA SER B 26 -4.97 -1.19 13.96
C SER B 26 -3.72 -2.04 13.84
N LEU B 27 -2.85 -2.05 14.85
CA LEU B 27 -1.64 -2.88 14.86
C LEU B 27 -1.91 -4.38 14.61
N ASP B 28 -2.89 -4.98 15.29
CA ASP B 28 -3.26 -6.39 15.04
C ASP B 28 -3.82 -6.60 13.62
N ALA B 29 -4.64 -5.66 13.12
CA ALA B 29 -5.21 -5.71 11.78
C ALA B 29 -4.17 -5.54 10.66
N LEU B 30 -3.21 -4.61 10.81
CA LEU B 30 -2.12 -4.37 9.86
C LEU B 30 -1.34 -5.66 9.58
N LEU B 31 -1.02 -6.44 10.62
CA LEU B 31 -0.37 -7.75 10.48
C LEU B 31 -1.24 -8.75 9.69
N SER B 32 -2.55 -8.76 9.90
CA SER B 32 -3.51 -9.68 9.25
C SER B 32 -3.60 -9.51 7.73
N ARG B 33 -3.36 -8.28 7.24
CA ARG B 33 -3.32 -7.92 5.81
C ARG B 33 -1.88 -7.71 5.29
N ASP B 34 -0.87 -8.09 6.07
CA ASP B 34 0.57 -8.05 5.78
C ASP B 34 1.20 -6.65 5.65
N LEU B 35 0.51 -5.59 6.10
CA LEU B 35 0.93 -4.16 6.00
C LEU B 35 2.13 -3.80 6.88
N ILE B 36 2.50 -4.63 7.85
CA ILE B 36 3.69 -4.41 8.69
C ILE B 36 4.33 -5.75 9.06
N MET B 37 5.62 -5.88 8.74
CA MET B 37 6.39 -7.08 9.08
C MET B 37 6.82 -7.05 10.55
N LYS B 38 7.12 -8.21 11.13
CA LYS B 38 7.59 -8.30 12.53
C LYS B 38 8.78 -7.38 12.84
N GLU B 39 9.67 -7.18 11.87
CA GLU B 39 10.83 -6.25 11.95
C GLU B 39 10.45 -4.79 12.24
N ASP B 40 9.37 -4.28 11.63
CA ASP B 40 8.85 -2.94 11.91
C ASP B 40 7.77 -2.95 13.02
N TYR B 41 7.11 -4.08 13.24
CA TYR B 41 6.09 -4.24 14.29
C TYR B 41 6.68 -4.20 15.71
N GLU B 42 7.88 -4.75 15.93
CA GLU B 42 8.60 -4.47 17.18
C GLU B 42 9.01 -2.99 17.31
N LEU B 43 9.13 -2.25 16.21
CA LEU B 43 9.55 -0.84 16.21
C LEU B 43 8.42 0.13 16.62
N VAL B 44 7.14 -0.24 16.45
CA VAL B 44 5.98 0.51 16.99
C VAL B 44 5.63 0.09 18.42
N SER B 45 6.05 -1.10 18.87
CA SER B 45 5.86 -1.53 20.26
C SER B 45 6.73 -0.75 21.27
N THR B 46 7.84 -0.15 20.82
CA THR B 46 8.77 0.68 21.64
C THR B 46 8.23 2.04 22.07
N LYS B 47 6.95 2.35 21.80
CA LYS B 47 6.28 3.60 22.18
C LYS B 47 5.47 3.41 23.48
N PRO B 48 5.98 3.79 24.67
CA PRO B 48 5.23 3.74 25.94
C PRO B 48 4.17 4.85 26.08
N THR B 49 4.09 5.79 25.13
CA THR B 49 3.23 6.98 25.15
C THR B 49 2.15 6.89 24.07
N ARG B 50 0.88 7.08 24.46
CA ARG B 50 -0.33 7.01 23.59
C ARG B 50 -0.20 7.79 22.28
N THR B 51 0.11 9.08 22.34
CA THR B 51 0.35 9.94 21.17
C THR B 51 1.56 9.49 20.36
N SER B 52 2.64 9.08 21.03
CA SER B 52 3.87 8.58 20.40
C SER B 52 3.65 7.26 19.63
N LYS B 53 2.75 6.38 20.10
CA LYS B 53 2.33 5.18 19.36
C LYS B 53 1.81 5.53 17.97
N VAL B 54 0.86 6.47 17.90
CA VAL B 54 0.29 6.96 16.63
C VAL B 54 1.34 7.66 15.77
N ARG B 55 2.31 8.36 16.38
CA ARG B 55 3.41 9.03 15.67
C ARG B 55 4.35 8.07 14.94
N GLN B 56 4.80 6.99 15.61
CA GLN B 56 5.62 5.95 14.99
C GLN B 56 4.82 5.13 13.96
N LEU B 57 3.55 4.83 14.26
CA LEU B 57 2.62 4.25 13.29
C LEU B 57 2.47 5.13 12.03
N LEU B 58 2.42 6.46 12.16
CA LEU B 58 2.37 7.38 11.00
C LEU B 58 3.67 7.43 10.19
N ASP B 59 4.79 6.89 10.71
CA ASP B 59 6.07 6.88 9.99
C ASP B 59 6.10 5.84 8.85
N THR B 60 5.47 4.68 9.04
CA THR B 60 5.20 3.72 7.95
C THR B 60 4.27 4.31 6.89
N THR B 61 3.27 5.13 7.27
CA THR B 61 2.31 5.74 6.35
C THR B 61 2.94 6.48 5.16
N ASP B 62 4.14 7.04 5.34
CA ASP B 62 4.91 7.69 4.27
C ASP B 62 5.18 6.78 3.04
N ILE B 63 5.20 5.46 3.26
CA ILE B 63 5.37 4.45 2.20
C ILE B 63 4.02 3.86 1.78
N GLN B 64 3.09 3.76 2.73
CA GLN B 64 1.84 3.01 2.59
C GLN B 64 0.76 3.84 1.87
N GLY B 65 0.50 5.05 2.38
CA GLY B 65 -0.67 5.85 2.03
C GLY B 65 -2.00 5.19 2.38
N GLU B 66 -2.66 4.54 1.42
CA GLU B 66 -4.02 4.02 1.59
C GLU B 66 -4.10 2.72 2.41
N GLU B 67 -2.99 2.30 3.00
CA GLU B 67 -2.93 1.08 3.82
C GLU B 67 -2.94 1.42 5.31
N PHE B 68 -1.86 2.00 5.83
CA PHE B 68 -1.78 2.41 7.23
C PHE B 68 -2.80 3.51 7.57
N ALA B 69 -2.78 4.60 6.80
CA ALA B 69 -3.61 5.77 7.03
C ALA B 69 -5.10 5.39 7.06
N LYS B 70 -5.52 4.57 6.09
CA LYS B 70 -6.86 4.03 5.96
C LYS B 70 -7.22 3.10 7.10
N VAL B 71 -6.33 2.19 7.50
CA VAL B 71 -6.57 1.35 8.69
C VAL B 71 -6.96 2.19 9.91
N ILE B 72 -6.37 3.37 10.08
CA ILE B 72 -6.73 4.26 11.20
C ILE B 72 -8.17 4.78 11.05
N VAL B 73 -8.57 5.28 9.87
CA VAL B 73 -9.96 5.68 9.60
C VAL B 73 -10.94 4.55 9.88
N GLN B 74 -10.58 3.31 9.54
CA GLN B 74 -11.45 2.15 9.61
C GLN B 74 -11.57 1.55 11.03
N LYS B 75 -10.55 1.74 11.88
CA LYS B 75 -10.56 1.32 13.29
C LYS B 75 -11.43 2.23 14.16
N LEU B 76 -11.42 3.52 13.89
CA LEU B 76 -12.27 4.51 14.57
C LEU B 76 -13.77 4.24 14.41
N LYS B 77 -14.18 3.65 13.28
CA LYS B 77 -15.57 3.21 13.03
C LYS B 77 -16.03 2.13 14.01
N ASP B 78 -15.12 1.26 14.43
CA ASP B 78 -15.40 0.18 15.40
C ASP B 78 -15.67 0.74 16.82
N ASN B 79 -15.07 1.87 17.17
CA ASN B 79 -15.30 2.58 18.44
C ASN B 79 -16.40 3.65 18.38
N LYS B 80 -16.87 4.04 17.18
CA LYS B 80 -17.95 5.03 16.96
C LYS B 80 -17.75 6.36 17.71
N GLN B 81 -16.53 6.89 17.68
CA GLN B 81 -16.13 8.09 18.43
C GLN B 81 -16.77 9.41 17.93
N MET B 82 -17.40 9.39 16.74
CA MET B 82 -18.08 10.52 16.06
C MET B 82 -17.18 11.74 15.75
N GLY B 83 -15.86 11.61 15.89
CA GLY B 83 -14.89 12.64 15.53
C GLY B 83 -14.70 12.81 14.02
N LEU B 84 -14.96 11.76 13.24
CA LEU B 84 -14.57 11.65 11.83
C LEU B 84 -15.60 10.87 10.97
N GLN B 85 -16.88 10.91 11.34
CA GLN B 85 -18.03 10.42 10.54
C GLN B 85 -17.88 10.51 9.00
N PRO B 86 -17.42 11.62 8.39
CA PRO B 86 -17.13 11.73 6.96
C PRO B 86 -15.82 11.02 6.54
N TYR B 87 -15.75 9.70 6.72
CA TYR B 87 -14.62 8.85 6.32
C TYR B 87 -14.37 8.82 4.79
N PRO B 88 -13.14 8.53 4.32
CA PRO B 88 -12.84 8.38 2.89
C PRO B 88 -13.39 7.07 2.30
N GLU B 89 -13.29 6.93 0.98
CA GLU B 89 -13.57 5.66 0.28
C GLU B 89 -12.55 4.55 0.58
N ILE B 90 -12.89 3.34 0.14
CA ILE B 90 -12.11 2.11 0.24
C ILE B 90 -12.23 1.40 -1.12
N LEU B 91 -11.15 1.45 -1.91
CA LEU B 91 -10.93 0.64 -3.13
C LEU B 91 -11.98 0.82 -4.24
N VAL B 92 -11.68 1.66 -5.25
CA VAL B 92 -12.62 2.03 -6.33
C VAL B 92 -12.05 1.86 -7.75
N VAL B 93 -10.93 1.16 -7.91
CA VAL B 93 -10.24 0.97 -9.19
C VAL B 93 -10.40 -0.47 -9.70
N SER B 94 -10.66 -0.61 -10.99
CA SER B 94 -10.77 -1.89 -11.70
C SER B 94 -9.61 -2.10 -12.67
N ARG B 95 -9.25 -1.09 -13.47
CA ARG B 95 -8.17 -1.17 -14.49
C ARG B 95 -7.68 0.21 -14.98
N SER B 96 -6.77 0.84 -14.25
CA SER B 96 -6.14 2.12 -14.60
C SER B 96 -5.33 2.06 -15.90
N PRO B 97 -5.26 3.15 -16.69
CA PRO B 97 -4.48 3.20 -17.94
C PRO B 97 -2.95 3.23 -17.71
N SER B 98 -2.47 3.38 -16.46
CA SER B 98 -1.04 3.41 -16.16
C SER B 98 -0.47 2.01 -15.96
N LEU B 99 -0.94 1.28 -14.94
CA LEU B 99 -0.64 -0.15 -14.72
C LEU B 99 -1.61 -1.04 -15.52
N ASN B 100 -1.85 -0.73 -16.79
CA ASN B 100 -2.50 -1.60 -17.77
C ASN B 100 -2.14 -1.20 -19.20
N LEU B 101 -2.32 -2.14 -20.12
CA LEU B 101 -2.25 -1.94 -21.57
C LEU B 101 -3.03 -0.68 -22.02
N LEU B 102 -2.27 0.37 -22.38
CA LEU B 102 -2.79 1.64 -22.89
C LEU B 102 -3.47 1.51 -24.28
N GLN B 103 -3.17 0.43 -25.02
CA GLN B 103 -3.80 0.04 -26.30
C GLN B 103 -5.30 -0.32 -26.15
N ASN B 104 -6.12 0.67 -25.83
CA ASN B 104 -7.58 0.59 -25.68
C ASN B 104 -8.28 1.93 -25.97
N LYS B 105 -7.75 2.75 -26.91
CA LYS B 105 -8.39 4.03 -27.32
C LYS B 105 -9.85 3.83 -27.76
N SER B 106 -10.69 4.81 -27.43
CA SER B 106 -12.15 4.83 -27.66
C SER B 106 -12.59 5.92 -28.65
#